data_8UCM
#
_entry.id   8UCM
#
_cell.length_a   1.00
_cell.length_b   1.00
_cell.length_c   1.00
_cell.angle_alpha   90.00
_cell.angle_beta   90.00
_cell.angle_gamma   90.00
#
_symmetry.space_group_name_H-M   'P 1'
#
loop_
_entity.id
_entity.type
_entity.pdbx_description
1 polymer 'Synaptic vesicular amine transporter'
2 polymer 'Cytochrome c oxidase subunit 1'
3 polymer 'Cytochrome c oxidase subunit 2'
4 polymer 'Cytochrome c oxidase subunit 3'
5 polymer 'Cytochrome c oxidase subunit 4'
6 polymer 'Cytochrome c oxidase subunit 5'
7 polymer 'Cytochrome c oxidase subunit 6'
8 polymer 'Cytochrome c oxidase subunit 7'
9 polymer 'Cytochrome c oxidase subunit 8'
10 polymer 'Cytochrome c oxidase subunit 9'
11 non-polymer reserpine
12 non-polymer 'COPPER (II) ION'
13 non-polymer HEME-A
14 non-polymer 'DINUCLEAR COPPER ION'
15 non-polymer PHOSPHATIDYLETHANOLAMINE
16 non-polymer 'ZINC ION'
#
loop_
_entity_poly.entity_id
_entity_poly.type
_entity_poly.pdbx_seq_one_letter_code
_entity_poly.pdbx_strand_id
1 'polypeptide(L)'
;MALSELALVRWLQESRRSRKLILFIVFLALLLDNMLLTVVVPIIPSYLYSIKHEKNATEIQTARPVHTASISDSFQSIFS
YYDNSTMVTGNATRDLTLHQTATQHMVTNASAVPSDCPSEDKDLLNENVQVGLLFASKATVQLITNPFIGLLTNRIGYPI
PIFAGFCIMFVSTIMFAFSSSYAFLLIARSLQGIGSSCSSVAGMGMLASVYTDDEERGNVMGIALGGLAMGVLVGPPFGS
VLYEFVGKTAPFLVLAALVLLDGAIQLFVLQPSRVQPESQKGTPLTTLLKDPYILIAAGSICFANMGIAMLEPALPIWMM
ETMCSRKWQLGVAFLPASISYLIGTNIFGILAHKMGRWLCALLGMIIVGVSILCIPFAKNIYGLIAPNFGVGFAIGMVDS
SMMPIMGYLVDLRHVSVYGSVYAIADVAFCMGYAIGPSAGGAIAKAIGFPWLMTIIGIIDILFAPLCFFLRSPPAKEEKM
AILMDHNCPIKTKMYTQNNIQSYPIGEDEESESD
;
A
2 'polypeptide(L)'
;MNYINRWLFSTNAKDIAVLYFIFALFCGLLGSIMSLILRLELSAPGNQILMGNHQLFNVVATAHAVLMVFFLVMPAAIGF
FGNYLLPLMIGASDMSFARLNNISFWLLPPALVSLLASALIENGAGTGWTVYPPLAGVQSHSGPSVDLAIFALHLTSISS
LLGAINFITTTLNMRTIGMTMSKLPLFVWAVVFTSILLLLSLPVLSAGVTLLLLDRNFNTSFFEPAGGGDPILYQHLFWF
FGHPEVYILIIPGFGIISHIVSTYSKKPVFGAIGMVYAMGSIGFLGLLVWSHHMYTVGLDVDSRAYFTSATMVIAVPTGI
KIFSWLATLYGGSIRYTTPMLYAFAFLFLFTVGGLSGVVLSNASLDIAFHDTYYVIGHFHYVLSLGAVFSLFAGYYYWSP
LITGLYYNNNLANIQFWLLFIGTNVTFFPMHFLGLNGMPRRIPDYPDAFAGWNAISSFGSLISIISVILFAYVIYDQLVN
GLTNKQLSTNSLFKNPDFIESNIIFNDNSIKSSSIDFLLTSPPLPHTFNTPAIQS
;
a
3 'polypeptide(L)'
;DVPTPWGIFFQDSATPNMEGIIELHNNIMFYLVLILTFVSYILYTIIYNYSNATIVHKYMNHGQLIEIVWTTLPAVILLI
IAFPSFILLYLCDEVISPAMTIKAIGLQWYWKYEYSDFINDDGEIVEFESYVIPEELLEDGQLRLLDVDASVVVPVDTHI
RFIVSSADVIHDFCVPALGVKVDASPGRLNQTSALIQREGVYYGQCSELCGVMHSAMPIKIEAVSLYEFINWLDEQ
;
b
4 'polypeptide(L)'
;MRIQNRENLQLFPFHLVTNSPWPLTTSLALMSLALTLGLTMHGYIGNHLWLFLAISLVLSSIFLWVRDVVIEGTYLGDHT
IAVRKGLNIGFMLFVLSEILIFAALFWSYFHSAMGPTIEIGCQWPPVGITSIKPTELPLLNTIILLASGATVTWAHHSIL
YKDRQGTLVGLFITTLLIILFVGCQVLEYTWATFTIADSVFGSIFYAGTGLHFIHMVMLIVMLAICYARMYFYHFTSNHH
LGLETTILYLHVLDIIWLFLYIVFYWWG
;
c
5 'polypeptide(L)'
;QFKTATSIAEVEGLENLVGPGAKTGTVPTDLEQATGLERYELLGKLEGIEVFDETPLEAVRKGTMKDPILIDSYDDYRYV
GCTGVPADSHNIEWLKPTTEKNARCWECGSVYKLNFL
;
d
6 'polypeptide(L)'
;NATVTNLEKRWEDLPETDQKDIISQLSERQKLPWKDLTLSEKKAAWYISFGEWGPRRPVHTKEDKLYIFWGTVIGIVISA
TIFGAFRYNRNVPKTMNREWQAASDEYLKSKNAEPFTGYSQIQS
;
e
7 'polypeptide(L)'
;EETYEEFSQRYEKEFDEAYDLFEVQRVLNNCFSYDIVPSPAVIGKALNACRRVNDYATAVRVFEGLKHKVETKEQYDAYL
EELKDVREELGIDLKEELFP
;
f
8 'polypeptide(L)' TATEKIIELQKFYQSTNKPIYAAHPRSKYYLIPYFGLLGVSVAATLFYTGRACFGIKD g
9 'polypeptide(L)' DVGPYSNLPFKVKNRRVPYAVPHFLFFAIGMGIPFFACYVQLKRSGSI h
10 'polypeptide(L)' SLTRIQGSVKRRILTDISVGLTLGFGFASYWWWGVHKPTVAHRENYYIELAKKKKA i
#
loop_
_chem_comp.id
_chem_comp.type
_chem_comp.name
_chem_comp.formula
CU non-polymer 'COPPER (II) ION' 'Cu 2'
CUA non-polymer 'DINUCLEAR COPPER ION' Cu2
HEA non-polymer HEME-A 'C49 H56 Fe N4 O6'
PTY non-polymer PHOSPHATIDYLETHANOLAMINE 'C40 H80 N O8 P'
YHR non-polymer reserpine 'C33 H40 N2 O9'
ZN non-polymer 'ZINC ION' 'Zn 2'
#
# COMPACT_ATOMS: atom_id res chain seq x y z
N SER A 18 -3.21 -38.57 0.81
CA SER A 18 -1.97 -38.19 1.47
C SER A 18 -2.21 -37.71 2.90
N ARG A 19 -1.20 -37.91 3.75
CA ARG A 19 -1.31 -37.50 5.14
C ARG A 19 -1.40 -35.98 5.26
N LYS A 20 -0.59 -35.26 4.48
CA LYS A 20 -0.59 -33.80 4.56
C LYS A 20 -1.94 -33.23 4.16
N LEU A 21 -2.58 -33.82 3.15
CA LEU A 21 -3.88 -33.33 2.72
C LEU A 21 -4.94 -33.58 3.80
N ILE A 22 -4.84 -34.70 4.52
CA ILE A 22 -5.76 -34.94 5.63
C ILE A 22 -5.56 -33.91 6.73
N LEU A 23 -4.30 -33.59 7.04
CA LEU A 23 -4.03 -32.55 8.03
C LEU A 23 -4.60 -31.21 7.57
N PHE A 24 -4.46 -30.88 6.29
CA PHE A 24 -5.02 -29.65 5.76
C PHE A 24 -6.54 -29.64 5.92
N ILE A 25 -7.19 -30.76 5.61
CA ILE A 25 -8.65 -30.84 5.70
C ILE A 25 -9.10 -30.58 7.12
N VAL A 26 -8.50 -31.29 8.08
CA VAL A 26 -8.95 -31.15 9.47
C VAL A 26 -8.65 -29.77 10.01
N PHE A 27 -7.49 -29.21 9.65
CA PHE A 27 -7.12 -27.87 10.11
C PHE A 27 -8.13 -26.85 9.60
N LEU A 28 -8.44 -26.88 8.31
CA LEU A 28 -9.39 -25.92 7.77
C LEU A 28 -10.79 -26.15 8.33
N ALA A 29 -11.13 -27.40 8.64
CA ALA A 29 -12.44 -27.69 9.22
C ALA A 29 -12.58 -27.06 10.59
N LEU A 30 -11.58 -27.24 11.46
CA LEU A 30 -11.62 -26.62 12.78
C LEU A 30 -11.60 -25.10 12.68
N LEU A 31 -10.78 -24.56 11.78
CA LEU A 31 -10.71 -23.11 11.62
C LEU A 31 -12.04 -22.53 11.19
N LEU A 32 -12.73 -23.17 10.23
CA LEU A 32 -14.02 -22.67 9.79
C LEU A 32 -15.09 -22.87 10.85
N ASP A 33 -15.00 -23.95 11.62
CA ASP A 33 -15.98 -24.19 12.67
C ASP A 33 -15.91 -23.11 13.74
N ASN A 34 -14.71 -22.80 14.24
CA ASN A 34 -14.60 -21.79 15.28
C ASN A 34 -14.53 -20.38 14.72
N MET A 35 -14.41 -20.22 13.41
CA MET A 35 -14.55 -18.90 12.82
C MET A 35 -16.01 -18.48 12.76
N LEU A 36 -16.90 -19.43 12.48
CA LEU A 36 -18.33 -19.16 12.41
C LEU A 36 -18.95 -19.04 13.78
N LEU A 37 -18.23 -19.41 14.83
CA LEU A 37 -18.67 -19.27 16.21
C LEU A 37 -18.44 -17.89 16.77
N THR A 38 -17.71 -17.03 16.06
CA THR A 38 -17.37 -15.70 16.56
C THR A 38 -17.75 -14.57 15.62
N VAL A 39 -17.91 -14.83 14.32
CA VAL A 39 -18.52 -13.82 13.46
C VAL A 39 -19.96 -13.58 13.87
N VAL A 40 -20.58 -14.55 14.54
CA VAL A 40 -21.92 -14.38 15.08
C VAL A 40 -21.94 -13.29 16.15
N VAL A 41 -20.86 -13.17 16.93
CA VAL A 41 -20.86 -12.34 18.12
C VAL A 41 -21.04 -10.86 17.79
N PRO A 42 -20.31 -10.29 16.82
CA PRO A 42 -20.53 -8.86 16.52
C PRO A 42 -21.88 -8.57 15.89
N ILE A 43 -22.66 -9.59 15.55
CA ILE A 43 -23.79 -9.40 14.63
C ILE A 43 -25.12 -9.71 15.30
N ILE A 44 -25.28 -10.95 15.76
CA ILE A 44 -26.57 -11.37 16.33
C ILE A 44 -26.98 -10.54 17.53
N PRO A 45 -26.11 -10.21 18.48
CA PRO A 45 -26.52 -9.32 19.58
C PRO A 45 -27.07 -7.98 19.12
N SER A 46 -26.59 -7.46 18.00
CA SER A 46 -27.13 -6.22 17.45
C SER A 46 -28.34 -6.47 16.56
N TYR A 47 -28.33 -7.56 15.78
CA TYR A 47 -29.43 -7.84 14.88
C TYR A 47 -30.71 -8.11 15.65
N LEU A 48 -30.62 -8.88 16.74
CA LEU A 48 -31.77 -9.14 17.59
C LEU A 48 -32.02 -8.02 18.58
N TYR A 49 -31.37 -6.87 18.40
CA TYR A 49 -31.57 -5.72 19.27
C TYR A 49 -32.28 -4.58 18.58
N SER A 50 -32.33 -4.57 17.25
CA SER A 50 -33.12 -3.60 16.51
C SER A 50 -34.42 -4.17 15.96
N ILE A 51 -34.55 -5.49 15.87
CA ILE A 51 -35.81 -6.10 15.46
C ILE A 51 -36.89 -5.82 16.50
N LYS A 52 -36.51 -5.78 17.78
CA LYS A 52 -37.47 -5.46 18.83
C LYS A 52 -38.03 -4.05 18.67
N HIS A 53 -37.18 -3.10 18.31
CA HIS A 53 -37.62 -1.73 18.11
C HIS A 53 -38.16 -1.53 16.69
N GLU A 127 -34.35 -10.46 24.76
CA GLU A 127 -34.04 -10.25 26.17
C GLU A 127 -32.67 -10.81 26.51
N ASN A 128 -32.24 -10.57 27.76
CA ASN A 128 -30.90 -10.98 28.17
C ASN A 128 -30.75 -12.49 28.17
N VAL A 129 -31.69 -13.18 28.81
CA VAL A 129 -31.61 -14.65 28.89
C VAL A 129 -31.74 -15.26 27.51
N GLN A 130 -32.55 -14.66 26.64
CA GLN A 130 -32.75 -15.18 25.29
C GLN A 130 -31.44 -15.18 24.50
N VAL A 131 -30.77 -14.03 24.46
CA VAL A 131 -29.50 -13.95 23.75
C VAL A 131 -28.46 -14.81 24.43
N GLY A 132 -28.49 -14.87 25.76
CA GLY A 132 -27.54 -15.70 26.48
C GLY A 132 -27.67 -17.16 26.14
N LEU A 133 -28.89 -17.63 25.89
CA LEU A 133 -29.10 -19.01 25.49
C LEU A 133 -28.89 -19.24 24.00
N LEU A 134 -29.03 -18.21 23.18
CA LEU A 134 -28.70 -18.34 21.77
C LEU A 134 -27.22 -18.67 21.58
N PHE A 135 -26.36 -18.20 22.49
CA PHE A 135 -24.92 -18.44 22.44
C PHE A 135 -24.51 -19.66 23.24
N ALA A 136 -25.47 -20.43 23.73
CA ALA A 136 -25.15 -21.57 24.59
C ALA A 136 -25.74 -22.87 24.11
N SER A 137 -26.47 -22.89 22.99
CA SER A 137 -26.96 -24.15 22.45
C SER A 137 -25.82 -25.00 21.94
N LYS A 138 -24.79 -24.36 21.39
CA LYS A 138 -23.66 -25.10 20.82
C LYS A 138 -22.98 -25.97 21.85
N ALA A 139 -22.72 -25.41 23.04
CA ALA A 139 -22.01 -26.16 24.07
C ALA A 139 -22.81 -27.38 24.50
N THR A 140 -24.10 -27.18 24.76
CA THR A 140 -24.94 -28.30 25.21
C THR A 140 -25.04 -29.38 24.14
N VAL A 141 -25.25 -28.98 22.89
CA VAL A 141 -25.39 -29.95 21.82
C VAL A 141 -24.09 -30.73 21.62
N GLN A 142 -22.95 -30.03 21.62
CA GLN A 142 -21.67 -30.73 21.44
C GLN A 142 -21.38 -31.67 22.60
N LEU A 143 -21.67 -31.23 23.82
CA LEU A 143 -21.39 -32.08 24.98
C LEU A 143 -22.30 -33.30 25.01
N ILE A 144 -23.53 -33.18 24.51
CA ILE A 144 -24.43 -34.32 24.48
C ILE A 144 -24.18 -35.21 23.27
N THR A 145 -23.54 -34.70 22.22
CA THR A 145 -23.29 -35.49 21.03
C THR A 145 -21.92 -36.18 21.03
N ASN A 146 -20.98 -35.71 21.83
CA ASN A 146 -19.69 -36.40 21.92
C ASN A 146 -19.80 -37.88 22.29
N PRO A 147 -20.63 -38.29 23.26
CA PRO A 147 -20.74 -39.72 23.55
C PRO A 147 -21.20 -40.57 22.37
N PHE A 148 -22.10 -40.05 21.54
CA PHE A 148 -22.70 -40.86 20.48
C PHE A 148 -21.97 -40.76 19.14
N ILE A 149 -21.23 -39.67 18.90
CA ILE A 149 -20.46 -39.61 17.68
C ILE A 149 -19.38 -40.68 17.67
N GLY A 150 -18.86 -41.05 18.84
CA GLY A 150 -17.89 -42.14 18.89
C GLY A 150 -18.51 -43.47 18.49
N LEU A 151 -19.72 -43.76 18.98
CA LEU A 151 -20.41 -44.96 18.56
C LEU A 151 -20.68 -44.92 17.07
N LEU A 152 -21.02 -43.75 16.54
CA LEU A 152 -21.25 -43.64 15.10
C LEU A 152 -19.97 -43.93 14.33
N THR A 153 -18.84 -43.43 14.80
CA THR A 153 -17.56 -43.59 14.12
C THR A 153 -16.98 -44.98 14.28
N ASN A 154 -17.45 -45.76 15.23
CA ASN A 154 -17.02 -47.16 15.31
C ASN A 154 -17.54 -48.02 14.17
N ARG A 155 -18.78 -47.80 13.72
CA ARG A 155 -19.39 -48.72 12.76
C ARG A 155 -19.12 -48.28 11.33
N ILE A 156 -19.56 -47.08 10.95
CA ILE A 156 -19.39 -46.63 9.58
C ILE A 156 -17.93 -46.33 9.29
N GLY A 157 -17.22 -45.75 10.25
CA GLY A 157 -15.83 -45.39 10.05
C GLY A 157 -15.58 -43.89 10.14
N TYR A 158 -14.45 -43.44 9.60
CA TYR A 158 -14.02 -42.05 9.71
C TYR A 158 -14.60 -41.12 8.65
N PRO A 159 -14.51 -41.45 7.35
CA PRO A 159 -14.84 -40.44 6.32
C PRO A 159 -16.27 -39.93 6.32
N ILE A 160 -17.25 -40.84 6.41
CA ILE A 160 -18.66 -40.43 6.36
C ILE A 160 -19.01 -39.48 7.51
N PRO A 161 -18.63 -39.74 8.76
CA PRO A 161 -18.86 -38.75 9.81
C PRO A 161 -18.19 -37.42 9.53
N ILE A 162 -17.00 -37.43 8.91
CA ILE A 162 -16.34 -36.18 8.57
C ILE A 162 -17.17 -35.39 7.56
N PHE A 163 -17.70 -36.07 6.54
CA PHE A 163 -18.52 -35.38 5.54
C PHE A 163 -19.83 -34.89 6.14
N ALA A 164 -20.32 -35.59 7.17
CA ALA A 164 -21.52 -35.12 7.87
C ALA A 164 -21.29 -33.77 8.54
N GLY A 165 -20.09 -33.54 9.08
CA GLY A 165 -19.79 -32.24 9.66
C GLY A 165 -19.81 -31.14 8.62
N PHE A 166 -19.21 -31.42 7.46
CA PHE A 166 -19.44 -30.61 6.26
C PHE A 166 -20.90 -30.23 6.06
N CYS A 167 -21.77 -31.23 5.89
CA CYS A 167 -23.14 -30.94 5.53
C CYS A 167 -23.84 -30.11 6.60
N ILE A 168 -23.65 -30.49 7.87
CA ILE A 168 -24.32 -29.79 8.96
C ILE A 168 -23.84 -28.35 9.04
N MET A 169 -22.53 -28.12 8.89
CA MET A 169 -22.01 -26.77 9.02
C MET A 169 -22.39 -25.90 7.83
N PHE A 170 -22.46 -26.46 6.62
CA PHE A 170 -22.96 -25.71 5.48
C PHE A 170 -24.41 -25.30 5.70
N VAL A 171 -25.23 -26.23 6.20
CA VAL A 171 -26.63 -25.90 6.47
C VAL A 171 -26.73 -24.81 7.52
N SER A 172 -25.90 -24.89 8.56
CA SER A 172 -25.92 -23.88 9.62
C SER A 172 -25.54 -22.51 9.08
N THR A 173 -24.51 -22.45 8.23
CA THR A 173 -24.12 -21.15 7.70
C THR A 173 -25.19 -20.59 6.78
N ILE A 174 -25.89 -21.44 6.03
CA ILE A 174 -26.98 -20.92 5.21
C ILE A 174 -28.13 -20.42 6.07
N MET A 175 -28.44 -21.12 7.16
CA MET A 175 -29.50 -20.65 8.04
C MET A 175 -29.15 -19.32 8.67
N PHE A 176 -27.91 -19.18 9.15
CA PHE A 176 -27.46 -17.90 9.67
C PHE A 176 -27.46 -16.82 8.60
N ALA A 177 -27.30 -17.19 7.33
CA ALA A 177 -27.28 -16.20 6.26
C ALA A 177 -28.61 -15.46 6.18
N PHE A 178 -29.72 -16.19 6.26
CA PHE A 178 -31.05 -15.61 6.16
C PHE A 178 -31.88 -16.11 7.35
N SER A 179 -31.87 -15.35 8.44
CA SER A 179 -32.63 -15.73 9.63
C SER A 179 -32.86 -14.47 10.46
N SER A 180 -34.12 -14.02 10.53
CA SER A 180 -34.50 -12.90 11.38
C SER A 180 -35.36 -13.32 12.56
N SER A 181 -35.81 -14.57 12.59
CA SER A 181 -36.61 -15.11 13.69
C SER A 181 -35.69 -15.86 14.64
N TYR A 182 -35.87 -15.62 15.94
CA TYR A 182 -34.97 -16.17 16.96
C TYR A 182 -34.91 -17.68 16.90
N ALA A 183 -36.01 -18.33 16.50
CA ALA A 183 -36.03 -19.79 16.42
C ALA A 183 -35.04 -20.29 15.38
N PHE A 184 -34.96 -19.62 14.22
CA PHE A 184 -34.06 -20.07 13.16
C PHE A 184 -32.61 -19.97 13.59
N LEU A 185 -32.23 -18.85 14.22
CA LEU A 185 -30.87 -18.69 14.69
C LEU A 185 -30.55 -19.70 15.80
N LEU A 186 -31.51 -19.96 16.69
CA LEU A 186 -31.29 -20.96 17.72
C LEU A 186 -31.09 -22.34 17.11
N ILE A 187 -31.86 -22.67 16.07
CA ILE A 187 -31.69 -23.95 15.38
C ILE A 187 -30.33 -24.01 14.70
N ALA A 188 -29.87 -22.90 14.13
CA ALA A 188 -28.56 -22.88 13.48
C ALA A 188 -27.45 -23.15 14.50
N ARG A 189 -27.52 -22.49 15.64
CA ARG A 189 -26.51 -22.74 16.68
C ARG A 189 -26.61 -24.17 17.21
N SER A 190 -27.82 -24.72 17.28
CA SER A 190 -27.98 -26.09 17.74
C SER A 190 -27.34 -27.07 16.76
N LEU A 191 -27.52 -26.84 15.46
CA LEU A 191 -26.91 -27.70 14.46
C LEU A 191 -25.39 -27.55 14.41
N GLN A 192 -24.90 -26.34 14.71
CA GLN A 192 -23.46 -26.11 14.72
C GLN A 192 -22.75 -27.01 15.70
N GLY A 193 -23.39 -27.34 16.82
CA GLY A 193 -22.75 -28.22 17.79
C GLY A 193 -22.51 -29.61 17.24
N ILE A 194 -23.51 -30.18 16.58
CA ILE A 194 -23.35 -31.50 15.97
C ILE A 194 -22.29 -31.45 14.88
N GLY A 195 -22.35 -30.41 14.05
CA GLY A 195 -21.35 -30.26 13.00
C GLY A 195 -19.94 -30.14 13.54
N SER A 196 -19.76 -29.40 14.63
CA SER A 196 -18.43 -29.23 15.21
C SER A 196 -17.94 -30.51 15.85
N SER A 197 -18.81 -31.21 16.59
CA SER A 197 -18.41 -32.45 17.22
C SER A 197 -18.08 -33.53 16.20
N CYS A 198 -18.72 -33.51 15.03
CA CYS A 198 -18.42 -34.50 14.00
C CYS A 198 -17.11 -34.23 13.28
N SER A 199 -16.67 -32.97 13.23
CA SER A 199 -15.44 -32.61 12.55
C SER A 199 -14.22 -32.60 13.48
N SER A 200 -14.42 -32.96 14.76
CA SER A 200 -13.32 -32.98 15.71
C SER A 200 -13.03 -34.40 16.18
N VAL A 201 -14.04 -35.14 16.64
CA VAL A 201 -13.81 -36.51 17.09
C VAL A 201 -13.36 -37.38 15.92
N ALA A 202 -14.02 -37.23 14.77
CA ALA A 202 -13.65 -38.03 13.61
C ALA A 202 -12.33 -37.57 13.00
N GLY A 203 -12.14 -36.26 12.86
CA GLY A 203 -10.94 -35.77 12.21
C GLY A 203 -9.67 -36.04 12.97
N MET A 204 -9.70 -35.83 14.29
CA MET A 204 -8.52 -36.11 15.10
C MET A 204 -8.18 -37.59 15.07
N GLY A 205 -9.20 -38.44 15.08
CA GLY A 205 -8.97 -39.86 14.93
C GLY A 205 -8.37 -40.20 13.57
N MET A 206 -8.79 -39.50 12.52
CA MET A 206 -8.23 -39.75 11.20
C MET A 206 -6.74 -39.40 11.17
N LEU A 207 -6.37 -38.25 11.75
CA LEU A 207 -4.95 -37.90 11.84
C LEU A 207 -4.19 -38.91 12.67
N ALA A 208 -4.78 -39.39 13.77
CA ALA A 208 -4.11 -40.39 14.59
C ALA A 208 -3.90 -41.67 13.80
N SER A 209 -4.91 -42.09 13.05
CA SER A 209 -4.81 -43.32 12.26
C SER A 209 -3.73 -43.20 11.20
N VAL A 210 -3.68 -42.07 10.49
CA VAL A 210 -2.72 -41.92 9.41
C VAL A 210 -1.29 -41.91 9.94
N TYR A 211 -1.03 -41.09 10.96
CA TYR A 211 0.30 -40.97 11.55
C TYR A 211 0.38 -41.91 12.75
N THR A 212 1.04 -43.05 12.57
CA THR A 212 1.32 -43.97 13.68
C THR A 212 2.84 -43.99 13.90
N ASP A 213 3.32 -42.99 14.63
CA ASP A 213 4.73 -42.88 14.93
C ASP A 213 4.98 -42.64 16.41
N ASP A 214 3.99 -42.04 17.08
CA ASP A 214 4.03 -41.68 18.50
C ASP A 214 4.92 -40.47 18.76
N GLU A 215 5.66 -40.02 17.73
CA GLU A 215 6.40 -38.77 17.85
C GLU A 215 5.87 -37.74 16.86
N GLU A 216 5.65 -38.17 15.61
CA GLU A 216 5.04 -37.29 14.62
C GLU A 216 3.60 -36.96 14.98
N ARG A 217 2.95 -37.83 15.77
CA ARG A 217 1.57 -37.57 16.18
C ARG A 217 1.48 -36.28 16.98
N GLY A 218 2.43 -36.06 17.90
CA GLY A 218 2.40 -34.84 18.69
C GLY A 218 2.48 -33.60 17.83
N ASN A 219 3.43 -33.57 16.90
CA ASN A 219 3.59 -32.43 16.00
C ASN A 219 2.38 -32.22 15.11
N VAL A 220 1.83 -33.30 14.53
CA VAL A 220 0.70 -33.17 13.63
C VAL A 220 -0.53 -32.65 14.39
N MET A 221 -0.81 -33.25 15.55
CA MET A 221 -1.96 -32.84 16.34
C MET A 221 -1.80 -31.41 16.83
N GLY A 222 -0.57 -31.02 17.20
CA GLY A 222 -0.35 -29.64 17.59
C GLY A 222 -0.55 -28.66 16.45
N ILE A 223 -0.06 -28.99 15.26
CA ILE A 223 -0.21 -28.09 14.12
C ILE A 223 -1.68 -27.97 13.73
N ALA A 224 -2.42 -29.07 13.77
CA ALA A 224 -3.84 -29.03 13.40
C ALA A 224 -4.67 -28.20 14.36
N LEU A 225 -4.38 -28.28 15.65
CA LEU A 225 -5.09 -27.54 16.69
C LEU A 225 -4.64 -26.14 16.84
N GLY A 226 -3.73 -25.62 16.03
CA GLY A 226 -3.26 -24.27 16.22
C GLY A 226 -4.16 -23.24 15.58
N GLY A 227 -4.69 -23.57 14.40
CA GLY A 227 -5.68 -22.72 13.76
C GLY A 227 -7.01 -22.71 14.47
N LEU A 228 -7.22 -23.67 15.37
CA LEU A 228 -8.38 -23.64 16.26
C LEU A 228 -8.45 -22.32 17.02
N ALA A 229 -7.30 -21.79 17.42
CA ALA A 229 -7.25 -20.49 18.09
C ALA A 229 -7.21 -19.34 17.09
N MET A 230 -6.65 -19.56 15.91
CA MET A 230 -6.62 -18.52 14.90
C MET A 230 -8.03 -18.17 14.42
N GLY A 231 -8.92 -19.15 14.48
CA GLY A 231 -10.31 -18.90 14.10
C GLY A 231 -10.93 -17.79 14.90
N VAL A 232 -10.77 -17.82 16.22
CA VAL A 232 -11.16 -16.65 16.99
C VAL A 232 -9.94 -15.76 17.14
N LEU A 233 -9.43 -15.29 16.00
CA LEU A 233 -8.55 -14.13 15.92
C LEU A 233 -8.85 -13.44 14.60
N VAL A 234 -9.32 -14.23 13.64
CA VAL A 234 -9.61 -13.74 12.29
C VAL A 234 -11.11 -13.59 12.08
N GLY A 235 -11.92 -13.97 13.05
CA GLY A 235 -13.36 -14.00 12.89
C GLY A 235 -14.11 -12.78 13.40
N PRO A 236 -13.81 -12.33 14.61
CA PRO A 236 -14.55 -11.20 15.18
C PRO A 236 -14.41 -9.94 14.35
N PRO A 237 -13.19 -9.52 13.98
CA PRO A 237 -13.08 -8.29 13.18
C PRO A 237 -13.77 -8.39 11.84
N PHE A 238 -13.69 -9.55 11.18
CA PHE A 238 -14.26 -9.70 9.85
C PHE A 238 -15.77 -9.53 9.90
N GLY A 239 -16.41 -10.15 10.89
CA GLY A 239 -17.86 -10.02 11.01
C GLY A 239 -18.31 -8.61 11.24
N SER A 240 -17.65 -7.89 12.16
CA SER A 240 -18.03 -6.52 12.45
C SER A 240 -17.82 -5.61 11.25
N VAL A 241 -16.67 -5.77 10.58
CA VAL A 241 -16.36 -4.90 9.44
C VAL A 241 -17.36 -5.13 8.32
N LEU A 242 -17.66 -6.39 8.01
CA LEU A 242 -18.58 -6.66 6.91
C LEU A 242 -20.03 -6.41 7.31
N TYR A 243 -20.33 -6.37 8.61
CA TYR A 243 -21.66 -5.98 9.05
C TYR A 243 -21.86 -4.47 8.90
N GLU A 244 -20.85 -3.69 9.25
CA GLU A 244 -20.97 -2.24 9.06
C GLU A 244 -20.96 -1.89 7.57
N PHE A 245 -20.01 -2.47 6.82
CA PHE A 245 -19.81 -2.07 5.43
C PHE A 245 -20.87 -2.68 4.53
N VAL A 246 -21.22 -3.94 4.77
CA VAL A 246 -22.14 -4.69 3.91
C VAL A 246 -23.22 -5.27 4.82
N GLY A 247 -24.14 -6.05 4.27
CA GLY A 247 -25.22 -6.61 5.07
C GLY A 247 -24.84 -7.86 5.84
N LYS A 248 -25.83 -8.48 6.47
CA LYS A 248 -25.58 -9.64 7.32
C LYS A 248 -25.09 -10.84 6.52
N THR A 249 -25.66 -11.06 5.34
CA THR A 249 -25.36 -12.29 4.58
C THR A 249 -23.96 -12.30 3.99
N ALA A 250 -23.33 -11.13 3.84
CA ALA A 250 -22.00 -11.09 3.24
C ALA A 250 -20.97 -11.85 4.06
N PRO A 251 -20.83 -11.61 5.37
CA PRO A 251 -19.91 -12.44 6.17
C PRO A 251 -20.27 -13.91 6.21
N PHE A 252 -21.54 -14.27 6.03
CA PHE A 252 -22.01 -15.62 6.25
C PHE A 252 -22.04 -16.46 4.98
N LEU A 253 -21.84 -15.85 3.82
CA LEU A 253 -21.71 -16.62 2.58
C LEU A 253 -20.27 -16.94 2.21
N VAL A 254 -19.31 -16.11 2.63
CA VAL A 254 -17.89 -16.42 2.39
C VAL A 254 -17.51 -17.71 3.10
N LEU A 255 -17.94 -17.87 4.35
CA LEU A 255 -17.69 -19.10 5.08
C LEU A 255 -18.32 -20.30 4.39
N ALA A 256 -19.53 -20.14 3.85
CA ALA A 256 -20.16 -21.24 3.13
C ALA A 256 -19.33 -21.64 1.91
N ALA A 257 -18.84 -20.65 1.15
CA ALA A 257 -18.01 -20.97 -0.01
C ALA A 257 -16.74 -21.70 0.40
N LEU A 258 -16.09 -21.25 1.47
CA LEU A 258 -14.87 -21.91 1.92
C LEU A 258 -15.15 -23.33 2.39
N VAL A 259 -16.27 -23.53 3.10
CA VAL A 259 -16.66 -24.88 3.51
C VAL A 259 -16.87 -25.76 2.29
N LEU A 260 -17.49 -25.23 1.24
CA LEU A 260 -17.73 -26.02 0.05
C LEU A 260 -16.42 -26.42 -0.62
N LEU A 261 -15.44 -25.53 -0.63
CA LEU A 261 -14.11 -25.90 -1.12
C LEU A 261 -13.53 -27.06 -0.29
N ASP A 262 -13.67 -26.97 1.04
CA ASP A 262 -13.16 -28.04 1.90
C ASP A 262 -13.86 -29.37 1.61
N GLY A 263 -15.17 -29.33 1.40
CA GLY A 263 -15.90 -30.54 1.12
C GLY A 263 -15.54 -31.15 -0.22
N ALA A 264 -15.31 -30.30 -1.22
CA ALA A 264 -14.83 -30.80 -2.51
C ALA A 264 -13.49 -31.49 -2.35
N ILE A 265 -12.59 -30.92 -1.55
CA ILE A 265 -11.31 -31.57 -1.32
C ILE A 265 -11.50 -32.89 -0.57
N GLN A 266 -12.45 -32.95 0.37
CA GLN A 266 -12.70 -34.21 1.06
C GLN A 266 -13.20 -35.28 0.10
N LEU A 267 -14.10 -34.92 -0.81
CA LEU A 267 -14.57 -35.87 -1.81
C LEU A 267 -13.41 -36.33 -2.70
N PHE A 268 -12.52 -35.42 -3.06
CA PHE A 268 -11.40 -35.78 -3.92
C PHE A 268 -10.42 -36.72 -3.21
N VAL A 269 -10.14 -36.46 -1.93
CA VAL A 269 -9.14 -37.25 -1.22
C VAL A 269 -9.63 -38.69 -1.00
N LEU A 270 -10.90 -38.87 -0.69
CA LEU A 270 -11.44 -40.19 -0.40
C LEU A 270 -11.65 -40.98 -1.69
N LYS A 281 -9.19 -47.67 24.42
CA LYS A 281 -9.45 -48.65 25.48
C LYS A 281 -8.62 -48.34 26.72
N GLY A 282 -8.08 -47.12 26.78
CA GLY A 282 -7.35 -46.69 27.95
C GLY A 282 -8.28 -46.42 29.12
N THR A 283 -7.70 -45.84 30.17
CA THR A 283 -8.48 -45.45 31.34
C THR A 283 -9.57 -44.48 30.89
N PRO A 284 -10.84 -44.80 31.13
CA PRO A 284 -11.91 -44.01 30.52
C PRO A 284 -11.98 -42.59 31.04
N LEU A 285 -12.68 -41.72 30.30
CA LEU A 285 -12.83 -40.33 30.71
C LEU A 285 -13.56 -40.22 32.04
N THR A 286 -14.48 -41.15 32.31
CA THR A 286 -15.24 -41.12 33.55
C THR A 286 -14.31 -41.23 34.76
N THR A 287 -13.40 -42.20 34.73
CA THR A 287 -12.46 -42.37 35.83
C THR A 287 -11.47 -41.21 35.90
N LEU A 288 -11.03 -40.70 34.75
CA LEU A 288 -10.12 -39.57 34.74
C LEU A 288 -10.77 -38.28 35.22
N LEU A 289 -12.10 -38.21 35.24
CA LEU A 289 -12.80 -37.15 35.94
C LEU A 289 -13.24 -37.61 37.32
N LYS A 290 -12.44 -38.46 37.95
CA LYS A 290 -12.72 -38.90 39.32
C LYS A 290 -11.58 -38.49 40.24
N ASP A 291 -10.33 -38.68 39.81
CA ASP A 291 -9.20 -38.31 40.65
C ASP A 291 -9.10 -36.79 40.79
N PRO A 292 -8.90 -36.28 42.01
CA PRO A 292 -9.09 -34.83 42.26
C PRO A 292 -8.14 -33.92 41.50
N TYR A 293 -6.89 -34.34 41.27
CA TYR A 293 -5.91 -33.42 40.70
C TYR A 293 -6.28 -32.99 39.29
N ILE A 294 -6.66 -33.94 38.43
CA ILE A 294 -7.14 -33.57 37.10
C ILE A 294 -8.44 -32.77 37.20
N LEU A 295 -9.21 -32.98 38.25
CA LEU A 295 -10.39 -32.14 38.46
C LEU A 295 -9.98 -30.69 38.67
N ILE A 296 -8.95 -30.45 39.47
CA ILE A 296 -8.45 -29.08 39.67
C ILE A 296 -7.91 -28.53 38.37
N ALA A 297 -7.18 -29.35 37.62
CA ALA A 297 -6.60 -28.89 36.36
C ALA A 297 -7.67 -28.46 35.37
N ALA A 298 -8.74 -29.25 35.25
CA ALA A 298 -9.83 -28.90 34.34
C ALA A 298 -10.61 -27.68 34.85
N GLY A 299 -10.83 -27.62 36.16
CA GLY A 299 -11.53 -26.47 36.72
C GLY A 299 -10.78 -25.18 36.49
N SER A 300 -9.45 -25.25 36.47
CA SER A 300 -8.63 -24.08 36.17
C SER A 300 -9.02 -23.49 34.83
N ILE A 301 -9.03 -24.32 33.79
CA ILE A 301 -9.38 -23.83 32.45
C ILE A 301 -10.82 -23.37 32.41
N CYS A 302 -11.73 -24.09 33.07
CA CYS A 302 -13.14 -23.73 33.03
C CYS A 302 -13.37 -22.35 33.62
N PHE A 303 -12.87 -22.12 34.83
CA PHE A 303 -13.06 -20.80 35.46
C PHE A 303 -12.24 -19.74 34.76
N ALA A 304 -11.13 -20.11 34.11
CA ALA A 304 -10.36 -19.12 33.36
C ALA A 304 -11.13 -18.61 32.15
N ASN A 305 -11.74 -19.52 31.39
CA ASN A 305 -12.41 -19.14 30.15
C ASN A 305 -13.88 -18.77 30.34
N MET A 306 -14.44 -18.98 31.54
CA MET A 306 -15.80 -18.50 31.78
C MET A 306 -15.89 -16.99 31.64
N GLY A 307 -14.80 -16.28 31.93
CA GLY A 307 -14.81 -14.84 31.76
C GLY A 307 -15.04 -14.43 30.32
N ILE A 308 -14.30 -15.03 29.39
CA ILE A 308 -14.48 -14.71 27.98
C ILE A 308 -15.84 -15.22 27.50
N ALA A 309 -16.29 -16.37 28.02
CA ALA A 309 -17.60 -16.88 27.65
C ALA A 309 -18.71 -15.91 28.02
N MET A 310 -18.62 -15.30 29.21
CA MET A 310 -19.60 -14.32 29.63
C MET A 310 -19.44 -12.99 28.89
N LEU A 311 -18.21 -12.61 28.57
CA LEU A 311 -18.00 -11.39 27.80
C LEU A 311 -18.58 -11.50 26.40
N GLU A 312 -18.61 -12.71 25.83
CA GLU A 312 -19.06 -12.84 24.44
C GLU A 312 -20.47 -12.33 24.19
N PRO A 313 -21.51 -12.80 24.89
CA PRO A 313 -22.85 -12.29 24.61
C PRO A 313 -23.13 -10.93 25.23
N ALA A 314 -22.68 -10.73 26.47
CA ALA A 314 -23.09 -9.55 27.24
C ALA A 314 -22.39 -8.28 26.79
N LEU A 315 -21.11 -8.37 26.42
CA LEU A 315 -20.33 -7.15 26.18
C LEU A 315 -20.89 -6.25 25.10
N PRO A 316 -21.33 -6.75 23.93
CA PRO A 316 -21.87 -5.84 22.91
C PRO A 316 -23.06 -5.02 23.38
N ILE A 317 -23.95 -5.58 24.20
CA ILE A 317 -25.12 -4.83 24.65
C ILE A 317 -24.71 -3.67 25.55
N TRP A 318 -23.86 -3.95 26.55
CA TRP A 318 -23.39 -2.89 27.42
C TRP A 318 -22.59 -1.85 26.66
N MET A 319 -21.77 -2.31 25.71
CA MET A 319 -21.00 -1.38 24.90
C MET A 319 -21.91 -0.47 24.10
N MET A 320 -22.95 -1.03 23.48
CA MET A 320 -23.89 -0.23 22.71
C MET A 320 -24.62 0.79 23.59
N GLU A 321 -25.07 0.36 24.77
CA GLU A 321 -25.85 1.25 25.60
C GLU A 321 -24.98 2.34 26.24
N THR A 322 -23.96 1.94 27.01
CA THR A 322 -23.18 2.92 27.75
C THR A 322 -22.14 3.60 26.89
N MET A 323 -21.94 3.14 25.66
CA MET A 323 -20.81 3.57 24.85
C MET A 323 -21.22 4.29 23.58
N CYS A 324 -22.42 4.03 23.06
CA CYS A 324 -22.84 4.54 21.76
C CYS A 324 -21.92 4.03 20.65
N SER A 325 -21.40 2.82 20.83
CA SER A 325 -20.43 2.27 19.91
C SER A 325 -21.07 1.91 18.57
N ARG A 326 -20.28 2.00 17.51
CA ARG A 326 -20.71 1.67 16.17
C ARG A 326 -20.68 0.16 15.95
N LYS A 327 -21.24 -0.28 14.82
CA LYS A 327 -21.38 -1.70 14.56
C LYS A 327 -20.02 -2.40 14.44
N TRP A 328 -19.07 -1.76 13.75
CA TRP A 328 -17.77 -2.38 13.55
C TRP A 328 -16.98 -2.51 14.85
N GLN A 329 -17.08 -1.51 15.73
CA GLN A 329 -16.23 -1.45 16.92
C GLN A 329 -16.39 -2.67 17.81
N LEU A 330 -17.56 -3.32 17.77
CA LEU A 330 -17.79 -4.49 18.60
C LEU A 330 -16.75 -5.56 18.33
N GLY A 331 -16.34 -5.70 17.06
CA GLY A 331 -15.27 -6.63 16.75
C GLY A 331 -13.93 -6.20 17.33
N VAL A 332 -13.61 -4.91 17.20
CA VAL A 332 -12.26 -4.45 17.47
C VAL A 332 -11.90 -4.61 18.94
N ALA A 333 -12.88 -4.43 19.84
CA ALA A 333 -12.61 -4.59 21.26
C ALA A 333 -12.15 -6.01 21.58
N PHE A 334 -12.56 -6.99 20.77
CA PHE A 334 -12.13 -8.36 21.00
C PHE A 334 -10.83 -8.70 20.29
N LEU A 335 -10.30 -7.80 19.45
CA LEU A 335 -8.99 -8.04 18.84
C LEU A 335 -7.87 -8.15 19.86
N PRO A 336 -7.73 -7.25 20.84
CA PRO A 336 -6.56 -7.31 21.73
C PRO A 336 -6.42 -8.61 22.50
N ALA A 337 -7.54 -9.23 22.90
CA ALA A 337 -7.44 -10.49 23.63
C ALA A 337 -6.85 -11.58 22.78
N SER A 338 -7.40 -11.79 21.58
CA SER A 338 -6.96 -12.89 20.72
C SER A 338 -5.48 -12.76 20.36
N ILE A 339 -5.08 -11.58 19.91
CA ILE A 339 -3.66 -11.32 19.66
C ILE A 339 -2.84 -11.57 20.91
N SER A 340 -3.36 -11.13 22.07
CA SER A 340 -2.67 -11.36 23.33
C SER A 340 -2.42 -12.84 23.54
N TYR A 341 -3.39 -13.69 23.19
CA TYR A 341 -3.21 -15.13 23.32
C TYR A 341 -1.98 -15.58 22.55
N LEU A 342 -1.86 -15.14 21.29
CA LEU A 342 -0.75 -15.58 20.46
C LEU A 342 0.59 -15.12 21.02
N ILE A 343 0.59 -14.09 21.86
CA ILE A 343 1.81 -13.72 22.56
C ILE A 343 2.05 -14.60 23.76
N GLY A 344 1.03 -14.75 24.61
CA GLY A 344 1.22 -15.40 25.89
C GLY A 344 1.62 -16.85 25.79
N THR A 345 1.14 -17.55 24.77
CA THR A 345 1.47 -18.96 24.60
C THR A 345 2.82 -19.16 23.93
N ASN A 346 3.47 -18.10 23.45
CA ASN A 346 4.80 -18.24 22.90
C ASN A 346 5.88 -17.98 23.94
N ILE A 347 5.64 -17.06 24.87
CA ILE A 347 6.64 -16.72 25.88
C ILE A 347 6.52 -17.64 27.09
N PHE A 348 5.31 -17.80 27.62
CA PHE A 348 5.09 -18.54 28.85
C PHE A 348 4.85 -20.02 28.61
N GLY A 349 5.21 -20.53 27.44
CA GLY A 349 5.17 -21.95 27.20
C GLY A 349 6.45 -22.61 27.67
N ILE A 350 7.58 -21.97 27.39
CA ILE A 350 8.87 -22.47 27.84
C ILE A 350 9.23 -21.90 29.21
N LEU A 351 8.77 -20.69 29.51
CA LEU A 351 9.11 -20.06 30.77
C LEU A 351 8.50 -20.81 31.94
N ALA A 352 7.32 -21.40 31.76
CA ALA A 352 6.68 -22.13 32.83
C ALA A 352 7.46 -23.39 33.21
N HIS A 353 8.28 -23.92 32.31
CA HIS A 353 9.10 -25.07 32.64
C HIS A 353 10.15 -24.75 33.69
N LYS A 354 10.55 -23.49 33.79
CA LYS A 354 11.57 -23.07 34.75
C LYS A 354 11.04 -22.19 35.87
N MET A 355 9.85 -21.62 35.72
CA MET A 355 9.22 -20.85 36.78
C MET A 355 8.25 -21.67 37.62
N GLY A 356 8.00 -22.92 37.23
CA GLY A 356 7.00 -23.72 37.90
C GLY A 356 5.63 -23.54 37.28
N ARG A 357 5.06 -24.62 36.74
CA ARG A 357 3.78 -24.51 36.06
C ARG A 357 2.66 -24.12 37.02
N TRP A 358 2.71 -24.65 38.24
CA TRP A 358 1.73 -24.28 39.27
C TRP A 358 1.75 -22.78 39.54
N LEU A 359 2.94 -22.21 39.68
CA LEU A 359 3.07 -20.78 39.93
C LEU A 359 2.56 -19.99 38.74
N CYS A 360 2.84 -20.47 37.53
CA CYS A 360 2.36 -19.79 36.34
C CYS A 360 0.84 -19.74 36.33
N ALA A 361 0.18 -20.86 36.62
CA ALA A 361 -1.28 -20.89 36.64
C ALA A 361 -1.84 -19.98 37.73
N LEU A 362 -1.23 -20.04 38.92
CA LEU A 362 -1.72 -19.23 40.03
C LEU A 362 -1.60 -17.75 39.74
N LEU A 363 -0.49 -17.33 39.14
CA LEU A 363 -0.32 -15.93 38.79
C LEU A 363 -1.28 -15.53 37.67
N GLY A 364 -1.47 -16.42 36.69
CA GLY A 364 -2.37 -16.10 35.60
C GLY A 364 -3.80 -15.90 36.06
N MET A 365 -4.22 -16.68 37.05
CA MET A 365 -5.57 -16.50 37.58
C MET A 365 -5.74 -15.12 38.20
N ILE A 366 -4.75 -14.67 38.97
CA ILE A 366 -4.84 -13.35 39.59
C ILE A 366 -4.85 -12.27 38.53
N ILE A 367 -3.99 -12.42 37.51
CA ILE A 367 -3.92 -11.40 36.45
C ILE A 367 -5.26 -11.31 35.71
N VAL A 368 -5.85 -12.46 35.38
CA VAL A 368 -7.11 -12.44 34.65
C VAL A 368 -8.23 -11.89 35.53
N GLY A 369 -8.19 -12.19 36.84
CA GLY A 369 -9.21 -11.64 37.72
C GLY A 369 -9.14 -10.13 37.81
N VAL A 370 -7.94 -9.59 37.96
CA VAL A 370 -7.79 -8.13 38.00
C VAL A 370 -8.21 -7.52 36.66
N SER A 371 -7.85 -8.17 35.55
CA SER A 371 -8.25 -7.65 34.24
C SER A 371 -9.76 -7.63 34.09
N ILE A 372 -10.43 -8.68 34.57
CA ILE A 372 -11.88 -8.72 34.49
C ILE A 372 -12.50 -7.63 35.34
N LEU A 373 -11.96 -7.40 36.54
CA LEU A 373 -12.48 -6.35 37.39
C LEU A 373 -12.32 -4.97 36.74
N CYS A 374 -11.18 -4.75 36.07
CA CYS A 374 -10.93 -3.43 35.50
C CYS A 374 -11.84 -3.10 34.33
N ILE A 375 -12.50 -4.09 33.72
CA ILE A 375 -13.35 -3.81 32.56
C ILE A 375 -14.52 -2.88 32.89
N PRO A 376 -15.27 -3.09 33.99
CA PRO A 376 -16.42 -2.23 34.27
C PRO A 376 -16.12 -0.75 34.40
N PHE A 377 -14.85 -0.38 34.63
CA PHE A 377 -14.46 1.01 34.85
C PHE A 377 -13.97 1.67 33.56
N ALA A 378 -14.51 1.27 32.42
CA ALA A 378 -14.10 1.80 31.13
C ALA A 378 -15.20 2.69 30.56
N LYS A 379 -14.80 3.87 30.07
CA LYS A 379 -15.73 4.81 29.46
C LYS A 379 -15.52 4.98 27.96
N ASN A 380 -14.35 4.61 27.44
CA ASN A 380 -14.06 4.68 26.02
C ASN A 380 -13.51 3.34 25.55
N ILE A 381 -13.55 3.13 24.24
CA ILE A 381 -13.06 1.87 23.69
C ILE A 381 -11.58 1.69 23.94
N TYR A 382 -10.83 2.78 24.11
CA TYR A 382 -9.42 2.65 24.46
C TYR A 382 -9.25 2.07 25.85
N GLY A 383 -10.24 2.24 26.71
CA GLY A 383 -10.19 1.65 28.04
C GLY A 383 -10.32 0.14 28.03
N LEU A 384 -10.84 -0.43 26.95
CA LEU A 384 -10.96 -1.88 26.83
C LEU A 384 -9.69 -2.54 26.33
N ILE A 385 -8.74 -1.76 25.80
CA ILE A 385 -7.52 -2.33 25.25
C ILE A 385 -6.69 -2.99 26.35
N ALA A 386 -6.60 -2.35 27.52
CA ALA A 386 -5.76 -2.90 28.59
C ALA A 386 -6.38 -4.14 29.21
N PRO A 387 -7.62 -4.11 29.72
CA PRO A 387 -8.18 -5.32 30.34
C PRO A 387 -8.30 -6.49 29.38
N ASN A 388 -8.62 -6.25 28.11
CA ASN A 388 -8.66 -7.35 27.16
C ASN A 388 -7.28 -7.95 26.95
N PHE A 389 -6.25 -7.11 26.90
CA PHE A 389 -4.88 -7.62 26.81
C PHE A 389 -4.55 -8.48 28.01
N GLY A 390 -4.92 -8.01 29.20
CA GLY A 390 -4.66 -8.79 30.40
C GLY A 390 -5.39 -10.12 30.41
N VAL A 391 -6.65 -10.11 30.00
CA VAL A 391 -7.43 -11.35 30.04
C VAL A 391 -6.88 -12.36 29.04
N GLY A 392 -6.55 -11.90 27.84
CA GLY A 392 -5.96 -12.79 26.85
C GLY A 392 -4.63 -13.35 27.31
N PHE A 393 -3.77 -12.50 27.86
CA PHE A 393 -2.46 -12.94 28.33
C PHE A 393 -2.59 -13.95 29.47
N ALA A 394 -3.48 -13.67 30.42
CA ALA A 394 -3.65 -14.59 31.54
C ALA A 394 -4.24 -15.92 31.11
N ILE A 395 -5.22 -15.90 30.20
CA ILE A 395 -5.78 -17.14 29.70
C ILE A 395 -4.73 -17.94 28.96
N GLY A 396 -3.87 -17.27 28.19
CA GLY A 396 -2.78 -17.97 27.52
C GLY A 396 -1.84 -18.63 28.51
N MET A 397 -1.47 -17.91 29.57
CA MET A 397 -0.61 -18.50 30.59
C MET A 397 -1.30 -19.71 31.24
N VAL A 398 -2.58 -19.57 31.58
CA VAL A 398 -3.29 -20.63 32.29
C VAL A 398 -3.36 -21.88 31.42
N ASP A 399 -3.70 -21.72 30.14
CA ASP A 399 -3.73 -22.88 29.26
C ASP A 399 -2.35 -23.51 29.12
N SER A 400 -1.34 -22.71 28.76
CA SER A 400 -0.01 -23.26 28.49
C SER A 400 0.60 -23.90 29.72
N SER A 401 0.16 -23.50 30.91
CA SER A 401 0.68 -24.11 32.14
C SER A 401 -0.13 -25.34 32.55
N MET A 402 -1.45 -25.25 32.52
CA MET A 402 -2.29 -26.31 33.05
C MET A 402 -2.34 -27.53 32.14
N MET A 403 -2.41 -27.31 30.83
CA MET A 403 -2.65 -28.44 29.92
C MET A 403 -1.56 -29.50 29.97
N PRO A 404 -0.27 -29.17 29.86
CA PRO A 404 0.76 -30.19 30.09
C PRO A 404 0.71 -30.74 31.50
N ILE A 405 0.23 -29.95 32.47
CA ILE A 405 0.03 -30.48 33.80
C ILE A 405 -1.01 -31.60 33.78
N MET A 406 -2.08 -31.41 33.02
CA MET A 406 -3.04 -32.51 32.86
C MET A 406 -2.41 -33.71 32.19
N GLY A 407 -1.56 -33.48 31.18
CA GLY A 407 -0.89 -34.61 30.56
C GLY A 407 -0.04 -35.40 31.55
N TYR A 408 0.76 -34.71 32.35
CA TYR A 408 1.60 -35.37 33.34
C TYR A 408 0.77 -36.06 34.41
N LEU A 409 -0.27 -35.41 34.91
CA LEU A 409 -1.10 -36.02 35.93
C LEU A 409 -1.77 -37.28 35.41
N VAL A 410 -2.28 -37.23 34.18
CA VAL A 410 -2.94 -38.39 33.60
C VAL A 410 -1.95 -39.52 33.38
N ASP A 411 -0.74 -39.22 32.88
CA ASP A 411 0.16 -40.32 32.56
C ASP A 411 0.93 -40.83 33.77
N LEU A 412 0.88 -40.10 34.89
CA LEU A 412 1.48 -40.61 36.13
C LEU A 412 0.46 -41.38 36.96
N ARG A 413 -0.64 -40.71 37.32
CA ARG A 413 -1.58 -41.32 38.26
C ARG A 413 -2.37 -42.45 37.61
N HIS A 414 -2.54 -42.43 36.30
CA HIS A 414 -3.26 -43.46 35.58
C HIS A 414 -2.47 -43.88 34.35
N VAL A 415 -3.04 -44.77 33.54
CA VAL A 415 -2.50 -45.07 32.24
C VAL A 415 -3.30 -44.28 31.21
N SER A 416 -2.64 -43.87 30.14
CA SER A 416 -3.16 -42.79 29.32
C SER A 416 -3.26 -43.22 27.86
N VAL A 417 -4.07 -42.47 27.11
CA VAL A 417 -4.21 -42.63 25.67
C VAL A 417 -4.04 -41.23 25.11
N TYR A 418 -3.92 -41.10 23.78
CA TYR A 418 -3.52 -39.86 23.16
C TYR A 418 -4.62 -38.80 23.28
N GLY A 419 -5.87 -39.18 23.08
CA GLY A 419 -6.95 -38.20 23.16
C GLY A 419 -7.45 -37.93 24.55
N SER A 420 -6.75 -38.45 25.58
CA SER A 420 -7.20 -38.25 26.94
C SER A 420 -7.17 -36.77 27.34
N VAL A 421 -6.05 -36.09 27.10
CA VAL A 421 -5.97 -34.66 27.40
C VAL A 421 -6.94 -33.89 26.52
N TYR A 422 -7.07 -34.27 25.25
CA TYR A 422 -7.99 -33.58 24.37
C TYR A 422 -9.43 -33.75 24.84
N ALA A 423 -9.80 -34.97 25.27
CA ALA A 423 -11.15 -35.18 25.78
C ALA A 423 -11.41 -34.37 27.03
N ILE A 424 -10.43 -34.32 27.94
CA ILE A 424 -10.59 -33.53 29.15
C ILE A 424 -10.79 -32.06 28.81
N ALA A 425 -10.00 -31.54 27.88
CA ALA A 425 -10.11 -30.15 27.52
C ALA A 425 -11.43 -29.85 26.82
N ASP A 426 -11.91 -30.79 26.00
CA ASP A 426 -13.21 -30.58 25.36
C ASP A 426 -14.31 -30.49 26.39
N VAL A 427 -14.31 -31.40 27.37
CA VAL A 427 -15.37 -31.36 28.38
C VAL A 427 -15.27 -30.06 29.18
N ALA A 428 -14.06 -29.62 29.49
CA ALA A 428 -13.88 -28.38 30.23
C ALA A 428 -14.38 -27.17 29.46
N PHE A 429 -13.94 -27.03 28.21
CA PHE A 429 -14.34 -25.88 27.40
C PHE A 429 -15.84 -25.85 27.18
N CYS A 430 -16.42 -26.99 26.82
CA CYS A 430 -17.86 -27.02 26.55
C CYS A 430 -18.65 -26.73 27.81
N MET A 431 -18.24 -27.28 28.96
CA MET A 431 -18.94 -27.00 30.20
C MET A 431 -18.86 -25.51 30.53
N GLY A 432 -17.69 -24.92 30.36
CA GLY A 432 -17.56 -23.49 30.64
C GLY A 432 -18.43 -22.64 29.74
N TYR A 433 -18.47 -22.98 28.45
CA TYR A 433 -19.23 -22.18 27.51
C TYR A 433 -20.73 -22.37 27.70
N ALA A 434 -21.13 -23.55 28.15
CA ALA A 434 -22.52 -23.78 28.50
C ALA A 434 -22.92 -22.93 29.71
N ILE A 435 -22.10 -22.99 30.77
CA ILE A 435 -22.45 -22.33 32.03
C ILE A 435 -22.43 -20.81 31.91
N GLY A 436 -21.40 -20.27 31.28
CA GLY A 436 -21.18 -18.84 31.26
C GLY A 436 -22.33 -18.04 30.69
N PRO A 437 -22.58 -18.18 29.39
CA PRO A 437 -23.70 -17.48 28.76
C PRO A 437 -25.05 -17.79 29.41
N SER A 438 -25.23 -19.04 29.86
CA SER A 438 -26.48 -19.43 30.50
C SER A 438 -26.74 -18.66 31.79
N ALA A 439 -25.73 -18.48 32.62
CA ALA A 439 -25.88 -17.68 33.82
C ALA A 439 -25.74 -16.19 33.55
N GLY A 440 -25.33 -15.80 32.35
CA GLY A 440 -25.14 -14.39 32.07
C GLY A 440 -26.43 -13.60 32.18
N GLY A 441 -27.51 -14.10 31.59
CA GLY A 441 -28.78 -13.40 31.69
C GLY A 441 -29.30 -13.33 33.11
N ALA A 442 -29.22 -14.46 33.83
CA ALA A 442 -29.71 -14.51 35.20
C ALA A 442 -28.94 -13.57 36.12
N ILE A 443 -27.63 -13.46 35.95
CA ILE A 443 -26.81 -12.63 36.83
C ILE A 443 -26.60 -11.24 36.25
N ALA A 444 -27.19 -10.93 35.10
CA ALA A 444 -27.10 -9.59 34.53
C ALA A 444 -28.42 -8.87 34.40
N LYS A 445 -29.56 -9.56 34.55
CA LYS A 445 -30.84 -8.87 34.51
C LYS A 445 -31.19 -8.31 35.88
N ALA A 446 -31.06 -9.13 36.93
CA ALA A 446 -31.34 -8.66 38.28
C ALA A 446 -30.34 -7.59 38.71
N ILE A 447 -29.06 -7.80 38.40
CA ILE A 447 -27.99 -6.89 38.76
C ILE A 447 -27.22 -6.51 37.50
N GLY A 448 -26.62 -5.34 37.52
CA GLY A 448 -26.04 -4.76 36.32
C GLY A 448 -24.87 -5.56 35.77
N PHE A 449 -24.44 -5.14 34.58
CA PHE A 449 -23.30 -5.79 33.93
C PHE A 449 -22.04 -5.76 34.78
N PRO A 450 -21.67 -4.65 35.45
CA PRO A 450 -20.49 -4.66 36.31
C PRO A 450 -20.48 -5.77 37.35
N TRP A 451 -21.66 -6.08 37.88
CA TRP A 451 -21.74 -7.06 38.96
C TRP A 451 -21.37 -8.47 38.48
N LEU A 452 -21.82 -8.87 37.30
CA LEU A 452 -21.51 -10.21 36.81
C LEU A 452 -20.01 -10.38 36.59
N MET A 453 -19.37 -9.39 35.96
CA MET A 453 -17.93 -9.41 35.79
C MET A 453 -17.21 -9.42 37.14
N THR A 454 -17.70 -8.64 38.11
CA THR A 454 -17.04 -8.63 39.42
C THR A 454 -17.15 -10.00 40.08
N ILE A 455 -18.31 -10.65 39.96
CA ILE A 455 -18.48 -11.97 40.55
C ILE A 455 -17.51 -12.96 39.93
N ILE A 456 -17.42 -12.95 38.59
CA ILE A 456 -16.52 -13.91 37.93
C ILE A 456 -15.06 -13.61 38.27
N GLY A 457 -14.71 -12.33 38.41
CA GLY A 457 -13.34 -11.98 38.76
C GLY A 457 -12.99 -12.43 40.17
N ILE A 458 -13.91 -12.22 41.12
CA ILE A 458 -13.67 -12.68 42.48
C ILE A 458 -13.58 -14.20 42.52
N ILE A 459 -14.40 -14.88 41.71
CA ILE A 459 -14.35 -16.35 41.68
C ILE A 459 -12.99 -16.81 41.17
N ASP A 460 -12.48 -16.18 40.11
CA ASP A 460 -11.17 -16.55 39.60
C ASP A 460 -10.08 -16.29 40.63
N ILE A 461 -10.12 -15.13 41.29
CA ILE A 461 -9.10 -14.79 42.27
C ILE A 461 -9.13 -15.77 43.44
N LEU A 462 -10.32 -16.15 43.90
CA LEU A 462 -10.45 -17.08 45.01
C LEU A 462 -10.13 -18.52 44.62
N PHE A 463 -10.30 -18.87 43.34
CA PHE A 463 -9.86 -20.18 42.87
C PHE A 463 -8.36 -20.23 42.67
N ALA A 464 -7.72 -19.09 42.50
CA ALA A 464 -6.26 -19.05 42.36
C ALA A 464 -5.50 -19.80 43.46
N PRO A 465 -5.79 -19.62 44.76
CA PRO A 465 -4.96 -20.29 45.77
C PRO A 465 -5.00 -21.80 45.74
N LEU A 466 -6.00 -22.41 45.09
CA LEU A 466 -6.05 -23.86 45.02
C LEU A 466 -4.94 -24.44 44.15
N CYS A 467 -4.25 -23.62 43.35
CA CYS A 467 -3.21 -24.13 42.47
C CYS A 467 -1.99 -24.62 43.23
N PHE A 468 -1.89 -24.32 44.52
CA PHE A 468 -0.77 -24.83 45.32
C PHE A 468 -0.77 -26.36 45.38
N PHE A 469 -1.96 -26.98 45.35
CA PHE A 469 -2.02 -28.42 45.52
C PHE A 469 -1.36 -29.15 44.37
N LEU A 470 -1.40 -28.60 43.16
CA LEU A 470 -0.83 -29.29 42.01
C LEU A 470 0.69 -29.36 42.09
N ARG A 471 1.31 -28.46 42.86
CA ARG A 471 2.75 -28.52 43.06
C ARG A 471 3.12 -29.82 43.77
N SER A 472 4.05 -30.56 43.19
CA SER A 472 4.48 -31.85 43.72
C SER A 472 3.29 -32.80 43.86
N PRO A 473 2.62 -33.15 42.75
CA PRO A 473 1.50 -34.07 42.85
C PRO A 473 1.97 -35.47 43.22
N PRO A 474 1.12 -36.26 43.89
CA PRO A 474 1.44 -37.63 44.28
C PRO A 474 1.77 -38.53 43.09
N MET B 1 18.30 38.29 -0.51
CA MET B 1 17.92 37.60 0.71
C MET B 1 16.46 37.22 0.64
N ASN B 2 15.75 37.82 -0.31
CA ASN B 2 14.39 37.36 -0.59
C ASN B 2 14.40 36.04 -1.34
N TYR B 3 15.42 35.78 -2.15
CA TYR B 3 15.54 34.49 -2.79
C TYR B 3 15.75 33.38 -1.77
N ILE B 4 16.63 33.60 -0.79
CA ILE B 4 16.98 32.55 0.14
C ILE B 4 15.82 32.24 1.07
N ASN B 5 14.99 33.22 1.39
CA ASN B 5 13.91 33.06 2.35
C ASN B 5 12.66 32.48 1.71
N ARG B 6 12.76 31.97 0.48
CA ARG B 6 11.59 31.48 -0.23
C ARG B 6 11.82 30.16 -0.93
N TRP B 7 13.07 29.85 -1.28
CA TRP B 7 13.52 28.68 -2.03
C TRP B 7 14.68 27.94 -1.38
N LEU B 8 15.15 28.39 -0.23
CA LEU B 8 16.00 27.60 0.65
C LEU B 8 15.47 27.53 2.08
N PHE B 9 14.96 28.63 2.61
CA PHE B 9 14.36 28.68 3.95
C PHE B 9 12.86 28.83 3.73
N SER B 10 12.17 27.71 3.54
CA SER B 10 10.80 27.76 3.08
C SER B 10 9.84 27.18 4.11
N THR B 11 8.59 27.62 3.99
CA THR B 11 7.50 27.16 4.84
C THR B 11 6.28 26.83 3.98
N ASN B 12 6.27 27.34 2.75
CA ASN B 12 5.11 27.17 1.88
C ASN B 12 5.15 25.80 1.21
N ALA B 13 4.00 25.14 1.17
CA ALA B 13 3.94 23.77 0.65
C ALA B 13 4.05 23.71 -0.86
N LYS B 14 3.53 24.72 -1.56
CA LYS B 14 3.57 24.70 -3.02
C LYS B 14 4.92 25.12 -3.59
N ASP B 15 5.78 25.73 -2.78
CA ASP B 15 7.13 26.05 -3.22
C ASP B 15 8.08 24.88 -3.10
N ILE B 16 7.70 23.85 -2.35
CA ILE B 16 8.52 22.64 -2.25
C ILE B 16 8.11 21.60 -3.28
N ALA B 17 6.86 21.62 -3.73
CA ALA B 17 6.42 20.70 -4.76
C ALA B 17 7.19 20.91 -6.06
N VAL B 18 7.44 22.18 -6.41
CA VAL B 18 8.18 22.48 -7.63
C VAL B 18 9.62 21.95 -7.54
N LEU B 19 10.24 22.05 -6.36
CA LEU B 19 11.58 21.51 -6.20
C LEU B 19 11.60 20.00 -6.27
N TYR B 20 10.58 19.34 -5.70
CA TYR B 20 10.42 17.90 -5.92
C TYR B 20 10.32 17.56 -7.40
N PHE B 21 9.56 18.34 -8.17
CA PHE B 21 9.45 18.05 -9.60
C PHE B 21 10.79 18.15 -10.30
N ILE B 22 11.52 19.24 -10.04
CA ILE B 22 12.81 19.43 -10.70
C ILE B 22 13.85 18.39 -10.28
N PHE B 23 13.74 17.86 -9.06
CA PHE B 23 14.62 16.78 -8.63
C PHE B 23 14.22 15.44 -9.25
N ALA B 24 12.92 15.20 -9.37
CA ALA B 24 12.41 13.96 -9.94
C ALA B 24 12.80 13.82 -11.40
N LEU B 25 12.73 14.91 -12.16
CA LEU B 25 13.14 14.84 -13.57
C LEU B 25 14.61 14.44 -13.69
N PHE B 26 15.47 15.05 -12.88
CA PHE B 26 16.90 14.73 -12.91
C PHE B 26 17.14 13.26 -12.59
N CYS B 27 16.53 12.79 -11.51
CA CYS B 27 16.76 11.42 -11.08
C CYS B 27 15.98 10.40 -11.91
N GLY B 28 15.13 10.85 -12.83
CA GLY B 28 14.49 9.95 -13.75
C GLY B 28 15.17 9.95 -15.11
N LEU B 29 15.94 10.99 -15.38
CA LEU B 29 16.81 11.00 -16.55
C LEU B 29 18.05 10.14 -16.32
N LEU B 30 18.65 10.23 -15.12
CA LEU B 30 19.80 9.38 -14.81
C LEU B 30 19.45 7.91 -14.91
N GLY B 31 18.33 7.51 -14.30
CA GLY B 31 17.95 6.10 -14.35
C GLY B 31 17.61 5.63 -15.75
N SER B 32 16.95 6.48 -16.54
CA SER B 32 16.64 6.10 -17.91
C SER B 32 17.90 5.87 -18.73
N ILE B 33 18.93 6.71 -18.56
CA ILE B 33 20.18 6.46 -19.27
C ILE B 33 20.86 5.21 -18.76
N MET B 34 20.77 4.93 -17.46
CA MET B 34 21.33 3.69 -16.95
C MET B 34 20.59 2.47 -17.47
N SER B 35 19.30 2.62 -17.80
CA SER B 35 18.56 1.53 -18.44
C SER B 35 18.97 1.36 -19.89
N LEU B 36 19.23 2.47 -20.58
CA LEU B 36 19.73 2.40 -21.94
C LEU B 36 21.09 1.70 -22.00
N ILE B 37 21.95 1.95 -21.01
CA ILE B 37 23.26 1.30 -20.99
C ILE B 37 23.12 -0.20 -20.86
N LEU B 38 22.23 -0.66 -19.98
CA LEU B 38 21.95 -2.09 -19.89
C LEU B 38 21.39 -2.62 -21.20
N ARG B 39 20.46 -1.88 -21.79
CA ARG B 39 19.76 -2.35 -22.98
C ARG B 39 20.60 -2.24 -24.24
N LEU B 40 21.76 -1.59 -24.18
CA LEU B 40 22.72 -1.61 -25.28
C LEU B 40 23.78 -2.68 -25.13
N GLU B 41 23.97 -3.20 -23.91
CA GLU B 41 24.86 -4.33 -23.68
C GLU B 41 24.16 -5.66 -23.86
N LEU B 42 22.86 -5.71 -23.63
CA LEU B 42 22.03 -6.89 -23.86
C LEU B 42 21.35 -6.82 -25.22
N SER B 43 22.11 -6.61 -26.30
CA SER B 43 21.55 -6.55 -27.63
C SER B 43 21.88 -7.76 -28.48
N ALA B 44 23.16 -8.08 -28.62
CA ALA B 44 23.58 -9.31 -29.26
C ALA B 44 24.60 -10.00 -28.37
N PRO B 45 24.77 -11.31 -28.52
CA PRO B 45 25.65 -12.06 -27.62
C PRO B 45 27.08 -11.54 -27.69
N GLY B 46 27.73 -11.49 -26.53
CA GLY B 46 29.10 -11.04 -26.42
C GLY B 46 29.22 -9.94 -25.41
N ASN B 47 30.36 -9.27 -25.45
CA ASN B 47 30.66 -8.16 -24.55
C ASN B 47 30.81 -6.90 -25.39
N GLN B 48 29.77 -6.06 -25.41
CA GLN B 48 29.66 -5.03 -26.44
C GLN B 48 30.16 -3.69 -25.93
N ILE B 49 29.50 -3.07 -24.95
CA ILE B 49 29.94 -1.74 -24.50
C ILE B 49 30.83 -1.85 -23.28
N LEU B 50 30.26 -2.30 -22.16
CA LEU B 50 31.06 -2.61 -21.00
C LEU B 50 31.93 -3.80 -21.36
N MET B 51 33.24 -3.53 -21.52
CA MET B 51 34.07 -4.36 -22.39
C MET B 51 34.15 -5.81 -21.92
N GLY B 52 34.36 -6.03 -20.64
CA GLY B 52 34.31 -7.37 -20.11
C GLY B 52 33.85 -7.39 -18.68
N ASN B 53 33.42 -6.23 -18.18
CA ASN B 53 33.20 -6.01 -16.77
C ASN B 53 31.81 -6.51 -16.41
N HIS B 54 31.74 -7.58 -15.63
CA HIS B 54 30.45 -8.07 -15.16
C HIS B 54 29.98 -7.31 -13.92
N GLN B 55 30.91 -6.87 -13.08
CA GLN B 55 30.67 -5.66 -12.32
C GLN B 55 30.54 -4.51 -13.30
N LEU B 56 29.92 -3.42 -12.85
CA LEU B 56 29.55 -2.27 -13.68
C LEU B 56 28.36 -2.58 -14.57
N PHE B 57 27.90 -3.83 -14.61
CA PHE B 57 26.57 -4.14 -15.09
C PHE B 57 25.61 -4.32 -13.93
N ASN B 58 26.08 -4.93 -12.85
CA ASN B 58 25.27 -5.04 -11.64
C ASN B 58 25.17 -3.70 -10.92
N VAL B 59 26.25 -2.90 -10.96
CA VAL B 59 26.21 -1.56 -10.40
C VAL B 59 25.18 -0.72 -11.12
N VAL B 60 25.14 -0.81 -12.46
CA VAL B 60 24.18 -0.05 -13.25
C VAL B 60 22.76 -0.48 -12.92
N ALA B 61 22.52 -1.79 -12.79
CA ALA B 61 21.18 -2.26 -12.46
C ALA B 61 20.74 -1.80 -11.08
N THR B 62 21.64 -1.88 -10.10
CA THR B 62 21.30 -1.44 -8.75
C THR B 62 21.01 0.06 -8.71
N ALA B 63 21.83 0.86 -9.39
CA ALA B 63 21.61 2.30 -9.43
C ALA B 63 20.45 2.69 -10.31
N HIS B 64 20.00 1.82 -11.19
CA HIS B 64 18.80 2.05 -11.98
C HIS B 64 17.54 1.72 -11.21
N ALA B 65 17.58 0.71 -10.34
CA ALA B 65 16.45 0.43 -9.47
C ALA B 65 16.31 1.46 -8.36
N VAL B 66 17.41 1.80 -7.69
CA VAL B 66 17.33 2.74 -6.58
C VAL B 66 16.97 4.14 -7.08
N LEU B 67 17.60 4.57 -8.17
CA LEU B 67 17.41 5.94 -8.64
C LEU B 67 15.98 6.20 -9.08
N MET B 68 15.24 5.16 -9.41
CA MET B 68 13.97 5.37 -10.08
C MET B 68 12.82 4.62 -9.41
N VAL B 69 13.07 3.98 -8.28
CA VAL B 69 12.00 3.62 -7.35
C VAL B 69 11.93 4.62 -6.20
N PHE B 70 13.09 5.02 -5.67
CA PHE B 70 13.16 5.89 -4.50
C PHE B 70 13.33 7.36 -4.85
N PHE B 71 13.81 7.69 -6.05
CA PHE B 71 14.11 9.07 -6.41
C PHE B 71 13.23 9.64 -7.50
N LEU B 72 12.43 8.82 -8.19
CA LEU B 72 11.55 9.33 -9.24
C LEU B 72 10.08 9.18 -8.87
N VAL B 73 9.62 7.96 -8.56
CA VAL B 73 8.20 7.75 -8.37
C VAL B 73 7.73 8.30 -7.02
N MET B 74 8.48 8.03 -5.97
CA MET B 74 8.04 8.52 -4.67
C MET B 74 8.03 10.05 -4.58
N PRO B 75 9.14 10.73 -4.90
CA PRO B 75 9.11 12.19 -4.84
C PRO B 75 8.04 12.81 -5.72
N ALA B 76 7.86 12.32 -6.94
CA ALA B 76 6.86 12.87 -7.83
C ALA B 76 5.44 12.61 -7.33
N ALA B 77 5.16 11.37 -6.91
CA ALA B 77 3.79 10.97 -6.61
C ALA B 77 3.35 11.30 -5.20
N ILE B 78 4.27 11.56 -4.28
CA ILE B 78 3.94 11.91 -2.91
C ILE B 78 4.24 13.37 -2.62
N GLY B 79 5.29 13.91 -3.22
CA GLY B 79 5.63 15.29 -2.99
C GLY B 79 5.05 16.29 -3.96
N PHE B 80 5.18 16.06 -5.27
CA PHE B 80 4.70 17.04 -6.23
C PHE B 80 3.19 17.05 -6.31
N PHE B 81 2.55 15.90 -6.14
CA PHE B 81 1.10 15.84 -6.18
C PHE B 81 0.46 15.75 -4.81
N GLY B 82 1.19 15.31 -3.80
CA GLY B 82 0.66 15.30 -2.45
C GLY B 82 0.80 16.65 -1.77
N ASN B 83 1.99 17.24 -1.84
CA ASN B 83 2.22 18.49 -1.13
C ASN B 83 1.45 19.64 -1.77
N TYR B 84 1.37 19.66 -3.09
CA TYR B 84 0.79 20.81 -3.77
C TYR B 84 -0.73 20.75 -3.75
N LEU B 85 -1.29 19.54 -3.83
CA LEU B 85 -2.72 19.35 -4.10
C LEU B 85 -3.56 19.05 -2.87
N LEU B 86 -3.06 18.24 -1.94
CA LEU B 86 -3.85 17.87 -0.77
C LEU B 86 -4.29 19.06 0.06
N PRO B 87 -3.42 20.02 0.41
CA PRO B 87 -3.89 21.21 1.14
C PRO B 87 -4.94 21.99 0.38
N LEU B 88 -4.87 22.05 -0.94
CA LEU B 88 -5.86 22.79 -1.70
C LEU B 88 -7.19 22.04 -1.75
N MET B 89 -7.15 20.73 -1.95
CA MET B 89 -8.37 19.95 -2.01
C MET B 89 -9.11 19.92 -0.68
N ILE B 90 -8.39 19.79 0.44
CA ILE B 90 -9.08 19.73 1.72
C ILE B 90 -9.34 21.11 2.30
N GLY B 91 -8.84 22.16 1.67
CA GLY B 91 -9.14 23.52 2.06
C GLY B 91 -8.21 24.13 3.09
N ALA B 92 -6.97 23.66 3.18
CA ALA B 92 -6.02 24.15 4.16
C ALA B 92 -5.03 25.09 3.50
N SER B 93 -4.61 26.10 4.27
CA SER B 93 -3.68 27.09 3.75
C SER B 93 -2.30 26.49 3.51
N ASP B 94 -1.69 25.96 4.57
CA ASP B 94 -0.44 25.21 4.48
C ASP B 94 -0.57 23.95 5.31
N MET B 95 0.50 23.19 5.38
CA MET B 95 0.46 21.94 6.13
C MET B 95 0.70 22.22 7.60
N SER B 96 0.46 21.22 8.44
CA SER B 96 0.56 21.38 9.88
C SER B 96 2.01 21.52 10.35
N PHE B 97 2.95 20.87 9.67
CA PHE B 97 4.36 20.92 10.02
C PHE B 97 5.14 21.33 8.77
N ALA B 98 5.38 22.63 8.63
CA ALA B 98 6.03 23.13 7.41
C ALA B 98 7.53 22.82 7.40
N ARG B 99 8.21 23.03 8.53
CA ARG B 99 9.63 22.76 8.56
C ARG B 99 9.94 21.29 8.31
N LEU B 100 9.04 20.39 8.71
CA LEU B 100 9.21 19.00 8.35
C LEU B 100 9.10 18.79 6.85
N ASN B 101 8.24 19.55 6.16
CA ASN B 101 8.22 19.49 4.69
C ASN B 101 9.55 19.89 4.11
N ASN B 102 10.13 20.97 4.64
CA ASN B 102 11.42 21.41 4.10
C ASN B 102 12.50 20.36 4.35
N ILE B 103 12.52 19.75 5.52
CA ILE B 103 13.53 18.73 5.79
C ILE B 103 13.30 17.49 4.91
N SER B 104 12.04 17.16 4.64
CA SER B 104 11.73 16.05 3.76
C SER B 104 12.26 16.28 2.36
N PHE B 105 12.18 17.52 1.87
CA PHE B 105 12.90 17.83 0.63
C PHE B 105 14.39 17.67 0.80
N TRP B 106 14.97 18.32 1.80
CA TRP B 106 16.40 18.54 1.79
C TRP B 106 17.21 17.32 2.21
N LEU B 107 16.56 16.26 2.68
CA LEU B 107 17.31 15.03 2.92
C LEU B 107 17.59 14.23 1.66
N LEU B 108 16.97 14.58 0.53
CA LEU B 108 17.10 13.83 -0.71
C LEU B 108 18.36 14.15 -1.50
N PRO B 109 18.68 15.42 -1.73
CA PRO B 109 19.93 15.76 -2.45
C PRO B 109 21.16 15.20 -1.76
N PRO B 110 21.25 15.22 -0.43
CA PRO B 110 22.36 14.52 0.24
C PRO B 110 22.24 13.01 0.23
N ALA B 111 21.10 12.46 -0.20
CA ALA B 111 20.99 11.02 -0.41
C ALA B 111 21.41 10.62 -1.81
N LEU B 112 21.33 11.52 -2.78
CA LEU B 112 21.83 11.23 -4.12
C LEU B 112 23.35 11.23 -4.16
N VAL B 113 23.98 12.09 -3.35
CA VAL B 113 25.44 12.17 -3.33
C VAL B 113 26.04 10.85 -2.86
N SER B 114 25.46 10.26 -1.81
CA SER B 114 25.98 8.99 -1.30
C SER B 114 25.85 7.89 -2.34
N LEU B 115 24.71 7.83 -3.03
CA LEU B 115 24.52 6.80 -4.05
C LEU B 115 25.48 6.99 -5.21
N LEU B 116 25.67 8.24 -5.66
CA LEU B 116 26.59 8.47 -6.78
C LEU B 116 28.04 8.24 -6.36
N ALA B 117 28.35 8.45 -5.09
CA ALA B 117 29.67 8.12 -4.57
C ALA B 117 29.83 6.64 -4.28
N SER B 118 28.75 5.88 -4.30
CA SER B 118 28.85 4.42 -4.19
C SER B 118 29.17 3.79 -5.52
N ALA B 119 29.31 4.59 -6.58
CA ALA B 119 29.69 4.10 -7.89
C ALA B 119 31.04 4.62 -8.35
N LEU B 120 31.82 5.25 -7.47
CA LEU B 120 33.11 5.77 -7.86
C LEU B 120 34.21 5.56 -6.83
N ILE B 121 33.89 5.06 -5.64
CA ILE B 121 34.89 4.97 -4.57
C ILE B 121 35.62 3.63 -4.70
N GLU B 122 35.07 2.73 -5.50
CA GLU B 122 35.70 1.44 -5.72
C GLU B 122 34.88 0.78 -6.81
N ASN B 123 35.05 -0.52 -7.04
CA ASN B 123 34.33 -1.24 -8.09
C ASN B 123 32.82 -0.99 -8.03
N GLY B 124 32.27 -0.80 -6.84
CA GLY B 124 30.92 -0.31 -6.73
C GLY B 124 30.11 -1.14 -5.77
N ALA B 125 28.80 -1.04 -5.89
CA ALA B 125 27.86 -1.81 -5.07
C ALA B 125 26.93 -2.56 -6.01
N GLY B 126 27.38 -3.71 -6.46
CA GLY B 126 26.61 -4.55 -7.35
C GLY B 126 25.90 -5.67 -6.64
N THR B 127 25.13 -5.34 -5.61
CA THR B 127 24.42 -6.31 -4.80
C THR B 127 23.01 -6.58 -5.29
N GLY B 128 22.59 -5.92 -6.37
CA GLY B 128 21.19 -5.90 -6.74
C GLY B 128 20.43 -4.88 -5.91
N TRP B 129 19.20 -4.63 -6.33
CA TRP B 129 18.36 -3.71 -5.58
C TRP B 129 18.09 -4.23 -4.18
N THR B 130 17.84 -5.53 -4.05
CA THR B 130 17.71 -6.18 -2.76
C THR B 130 19.09 -6.61 -2.29
N VAL B 131 19.58 -5.99 -1.23
CA VAL B 131 20.99 -6.14 -0.83
C VAL B 131 21.06 -7.38 0.05
N TYR B 132 21.21 -8.54 -0.59
CA TYR B 132 21.16 -9.78 0.16
C TYR B 132 22.42 -9.96 1.01
N PRO B 133 22.31 -10.68 2.13
CA PRO B 133 23.32 -10.60 3.18
C PRO B 133 24.66 -11.20 2.80
N PRO B 134 24.73 -12.46 2.32
CA PRO B 134 26.05 -13.10 2.20
C PRO B 134 26.87 -12.59 1.03
N LEU B 135 26.27 -11.94 0.05
CA LEU B 135 27.01 -11.30 -1.03
C LEU B 135 27.40 -9.88 -0.66
N ALA B 136 26.50 -9.16 0.02
CA ALA B 136 26.81 -7.82 0.48
C ALA B 136 27.59 -7.85 1.79
N GLY B 137 28.69 -8.61 1.81
CA GLY B 137 29.48 -8.73 3.02
C GLY B 137 30.79 -7.99 2.90
N VAL B 138 31.86 -8.58 3.40
CA VAL B 138 33.18 -7.97 3.29
C VAL B 138 34.12 -8.96 2.64
N GLN B 139 33.56 -9.99 2.01
CA GLN B 139 34.34 -10.95 1.25
C GLN B 139 34.18 -10.79 -0.26
N SER B 140 33.03 -10.33 -0.72
CA SER B 140 32.82 -10.00 -2.12
C SER B 140 32.84 -8.50 -2.38
N HIS B 141 32.21 -7.73 -1.51
CA HIS B 141 32.19 -6.27 -1.60
C HIS B 141 32.95 -5.71 -0.40
N SER B 142 34.23 -5.42 -0.61
CA SER B 142 35.09 -4.90 0.45
C SER B 142 35.43 -3.44 0.13
N GLY B 143 34.59 -2.54 0.63
CA GLY B 143 34.79 -1.13 0.42
C GLY B 143 33.64 -0.29 0.91
N PRO B 144 33.79 1.03 0.82
CA PRO B 144 32.73 1.92 1.30
C PRO B 144 31.65 2.16 0.26
N SER B 145 31.10 1.10 -0.30
CA SER B 145 30.15 1.26 -1.39
C SER B 145 28.76 0.80 -0.98
N VAL B 146 28.67 -0.40 -0.40
CA VAL B 146 27.39 -0.88 0.10
C VAL B 146 26.93 -0.03 1.27
N ASP B 147 27.88 0.42 2.11
CA ASP B 147 27.52 1.30 3.22
C ASP B 147 26.93 2.60 2.73
N LEU B 148 27.52 3.18 1.69
CA LEU B 148 27.07 4.47 1.18
C LEU B 148 25.78 4.36 0.38
N ALA B 149 25.36 3.16 0.03
CA ALA B 149 24.03 2.94 -0.53
C ALA B 149 23.00 2.64 0.53
N ILE B 150 23.42 1.98 1.62
CA ILE B 150 22.57 1.84 2.80
C ILE B 150 22.24 3.17 3.44
N PHE B 151 23.17 4.13 3.45
CA PHE B 151 22.89 5.44 4.00
C PHE B 151 22.06 6.30 3.06
N ALA B 152 21.83 5.83 1.82
CA ALA B 152 20.88 6.46 0.91
C ALA B 152 19.48 5.91 1.07
N LEU B 153 19.32 4.78 1.74
CA LEU B 153 18.01 4.24 2.07
C LEU B 153 17.57 4.59 3.48
N HIS B 154 18.42 5.28 4.24
CA HIS B 154 18.07 5.83 5.54
C HIS B 154 17.55 7.25 5.43
N LEU B 155 18.23 8.09 4.67
CA LEU B 155 17.79 9.47 4.49
C LEU B 155 16.45 9.52 3.77
N THR B 156 16.28 8.70 2.73
CA THR B 156 14.99 8.62 2.05
C THR B 156 13.90 8.11 2.98
N SER B 157 14.24 7.13 3.82
CA SER B 157 13.26 6.61 4.77
C SER B 157 12.81 7.68 5.76
N ILE B 158 13.77 8.47 6.27
CA ILE B 158 13.42 9.55 7.19
C ILE B 158 12.53 10.57 6.49
N SER B 159 12.87 10.92 5.25
CA SER B 159 12.06 11.88 4.49
C SER B 159 10.64 11.36 4.32
N SER B 160 10.49 10.10 3.93
CA SER B 160 9.17 9.54 3.69
C SER B 160 8.36 9.46 4.98
N LEU B 161 8.99 9.06 6.08
CA LEU B 161 8.27 8.98 7.35
C LEU B 161 7.80 10.34 7.82
N LEU B 162 8.68 11.35 7.71
CA LEU B 162 8.30 12.69 8.15
C LEU B 162 7.22 13.28 7.26
N GLY B 163 7.23 12.97 5.97
CA GLY B 163 6.13 13.38 5.11
C GLY B 163 4.83 12.68 5.43
N ALA B 164 4.89 11.39 5.75
CA ALA B 164 3.69 10.63 6.05
C ALA B 164 3.00 11.14 7.31
N ILE B 165 3.78 11.47 8.33
CA ILE B 165 3.20 12.01 9.55
C ILE B 165 2.49 13.33 9.29
N ASN B 166 3.11 14.19 8.48
CA ASN B 166 2.49 15.45 8.09
C ASN B 166 1.19 15.22 7.33
N PHE B 167 1.19 14.26 6.40
CA PHE B 167 -0.01 13.99 5.61
C PHE B 167 -1.14 13.50 6.48
N ILE B 168 -0.86 12.58 7.42
CA ILE B 168 -1.92 12.06 8.27
C ILE B 168 -2.44 13.13 9.23
N THR B 169 -1.55 13.97 9.75
CA THR B 169 -1.98 14.97 10.71
C THR B 169 -2.58 16.22 10.08
N THR B 170 -2.41 16.42 8.77
CA THR B 170 -3.04 17.53 8.07
C THR B 170 -4.45 17.21 7.59
N THR B 171 -4.71 15.95 7.25
CA THR B 171 -6.02 15.57 6.76
C THR B 171 -6.99 15.26 7.89
N LEU B 172 -6.53 15.26 9.13
CA LEU B 172 -7.42 14.94 10.24
C LEU B 172 -8.01 16.19 10.88
N ASN B 173 -7.20 17.22 11.11
CA ASN B 173 -7.69 18.39 11.81
C ASN B 173 -7.52 19.71 11.08
N MET B 174 -7.16 19.70 9.80
CA MET B 174 -6.99 20.94 9.06
C MET B 174 -7.94 21.02 7.86
N ARG B 175 -9.17 20.57 8.02
CA ARG B 175 -10.16 20.60 6.97
C ARG B 175 -10.99 21.88 7.06
N THR B 176 -11.87 22.07 6.08
CA THR B 176 -12.67 23.28 6.00
C THR B 176 -13.85 23.20 6.95
N ILE B 177 -14.79 24.14 6.82
CA ILE B 177 -15.84 24.30 7.82
C ILE B 177 -16.87 23.17 7.75
N GLY B 178 -17.11 22.62 6.56
CA GLY B 178 -18.10 21.58 6.48
C GLY B 178 -17.66 20.28 5.86
N MET B 179 -16.37 19.95 5.94
CA MET B 179 -15.81 18.80 5.25
C MET B 179 -15.50 17.70 6.26
N THR B 180 -16.35 16.68 6.28
CA THR B 180 -16.15 15.51 7.12
C THR B 180 -15.28 14.49 6.39
N MET B 181 -14.86 13.46 7.12
CA MET B 181 -14.05 12.41 6.49
C MET B 181 -14.91 11.38 5.78
N SER B 182 -15.87 11.85 5.01
CA SER B 182 -16.62 11.03 4.07
C SER B 182 -16.88 11.81 2.79
N LYS B 183 -16.50 13.08 2.74
CA LYS B 183 -16.66 13.92 1.58
C LYS B 183 -15.32 14.29 0.96
N LEU B 184 -14.23 13.71 1.46
CA LEU B 184 -12.92 14.00 0.92
C LEU B 184 -12.80 13.46 -0.50
N PRO B 185 -12.06 14.14 -1.36
CA PRO B 185 -11.77 13.59 -2.69
C PRO B 185 -10.88 12.37 -2.59
N LEU B 186 -10.86 11.60 -3.67
CA LEU B 186 -10.23 10.29 -3.64
C LEU B 186 -8.71 10.38 -3.55
N PHE B 187 -8.11 11.47 -4.05
CA PHE B 187 -6.66 11.61 -3.96
C PHE B 187 -6.20 11.76 -2.51
N VAL B 188 -6.97 12.47 -1.69
CA VAL B 188 -6.63 12.61 -0.29
C VAL B 188 -6.66 11.25 0.41
N TRP B 189 -7.66 10.43 0.08
CA TRP B 189 -7.71 9.08 0.62
C TRP B 189 -6.51 8.26 0.16
N ALA B 190 -6.09 8.42 -1.09
CA ALA B 190 -4.91 7.70 -1.59
C ALA B 190 -3.66 8.07 -0.80
N VAL B 191 -3.46 9.36 -0.56
CA VAL B 191 -2.29 9.79 0.20
C VAL B 191 -2.36 9.30 1.65
N VAL B 192 -3.54 9.31 2.27
CA VAL B 192 -3.66 8.84 3.64
C VAL B 192 -3.33 7.35 3.72
N PHE B 193 -3.86 6.56 2.79
CA PHE B 193 -3.62 5.12 2.83
C PHE B 193 -2.17 4.77 2.53
N THR B 194 -1.51 5.50 1.62
CA THR B 194 -0.09 5.25 1.40
C THR B 194 0.74 5.69 2.60
N SER B 195 0.32 6.74 3.31
CA SER B 195 1.04 7.24 4.46
C SER B 195 0.94 6.33 5.67
N ILE B 196 -0.18 5.62 5.84
CA ILE B 196 -0.26 4.61 6.89
C ILE B 196 0.70 3.44 6.63
N LEU B 197 0.77 2.96 5.39
CA LEU B 197 1.71 1.90 5.05
C LEU B 197 3.15 2.34 5.23
N LEU B 198 3.47 3.60 4.92
CA LEU B 198 4.84 4.05 5.15
C LEU B 198 5.22 4.02 6.63
N LEU B 199 4.32 4.41 7.52
CA LEU B 199 4.61 4.26 8.95
C LEU B 199 4.76 2.81 9.35
N LEU B 200 3.89 1.94 8.84
CA LEU B 200 3.87 0.56 9.31
C LEU B 200 4.94 -0.32 8.69
N SER B 201 5.63 0.13 7.63
CA SER B 201 6.57 -0.74 6.94
C SER B 201 8.03 -0.29 6.98
N LEU B 202 8.29 1.01 7.05
CA LEU B 202 9.66 1.52 6.96
C LEU B 202 10.57 1.06 8.11
N PRO B 203 10.09 1.07 9.36
CA PRO B 203 10.96 0.63 10.47
C PRO B 203 11.54 -0.75 10.31
N VAL B 204 10.82 -1.70 9.73
CA VAL B 204 11.36 -3.04 9.53
C VAL B 204 12.55 -3.01 8.58
N LEU B 205 12.43 -2.24 7.49
CA LEU B 205 13.56 -2.09 6.58
C LEU B 205 14.73 -1.42 7.26
N SER B 206 14.46 -0.41 8.11
CA SER B 206 15.54 0.24 8.83
C SER B 206 16.28 -0.74 9.72
N ALA B 207 15.54 -1.57 10.44
CA ALA B 207 16.17 -2.58 11.29
C ALA B 207 17.02 -3.55 10.48
N GLY B 208 16.47 -4.07 9.37
CA GLY B 208 17.20 -5.05 8.58
C GLY B 208 18.47 -4.47 7.98
N VAL B 209 18.38 -3.29 7.39
CA VAL B 209 19.54 -2.71 6.73
C VAL B 209 20.59 -2.29 7.75
N THR B 210 20.16 -1.77 8.91
CA THR B 210 21.13 -1.43 9.96
C THR B 210 21.83 -2.66 10.49
N LEU B 211 21.10 -3.77 10.64
CA LEU B 211 21.75 -5.01 11.06
C LEU B 211 22.75 -5.49 10.03
N LEU B 212 22.43 -5.34 8.74
CA LEU B 212 23.41 -5.68 7.70
C LEU B 212 24.66 -4.83 7.82
N LEU B 213 24.48 -3.53 8.06
CA LEU B 213 25.63 -2.64 8.23
C LEU B 213 26.48 -3.06 9.42
N LEU B 214 25.84 -3.41 10.53
CA LEU B 214 26.56 -3.85 11.71
C LEU B 214 27.32 -5.14 11.46
N ASP B 215 26.72 -6.08 10.73
CA ASP B 215 27.44 -7.30 10.36
C ASP B 215 28.66 -6.98 9.52
N ARG B 216 28.52 -6.07 8.55
CA ARG B 216 29.65 -5.75 7.68
C ARG B 216 30.78 -5.11 8.45
N ASN B 217 30.47 -4.22 9.39
CA ASN B 217 31.48 -3.34 9.96
C ASN B 217 31.85 -3.61 11.41
N PHE B 218 31.00 -4.29 12.19
CA PHE B 218 31.27 -4.48 13.61
C PHE B 218 31.28 -5.95 14.02
N ASN B 219 31.18 -6.87 13.07
CA ASN B 219 31.33 -8.30 13.33
C ASN B 219 30.30 -8.82 14.32
N THR B 220 29.03 -8.79 13.90
CA THR B 220 27.94 -9.12 14.81
C THR B 220 27.34 -10.51 14.60
N SER B 221 27.45 -11.08 13.42
CA SER B 221 26.96 -12.44 13.14
C SER B 221 25.44 -12.53 13.27
N PHE B 222 24.75 -11.53 12.73
CA PHE B 222 23.30 -11.62 12.61
C PHE B 222 22.91 -12.61 11.52
N PHE B 223 23.57 -12.53 10.36
CA PHE B 223 23.21 -13.29 9.18
C PHE B 223 24.33 -14.24 8.74
N GLU B 224 25.32 -14.46 9.59
CA GLU B 224 26.36 -15.43 9.30
C GLU B 224 25.98 -16.77 9.89
N PRO B 225 25.99 -17.85 9.10
CA PRO B 225 25.50 -19.13 9.61
C PRO B 225 26.54 -19.87 10.41
N ALA B 226 27.70 -19.25 10.64
CA ALA B 226 28.76 -19.85 11.43
C ALA B 226 28.76 -19.34 12.86
N GLY B 227 27.77 -18.52 13.21
CA GLY B 227 27.63 -18.02 14.55
C GLY B 227 26.23 -18.25 15.07
N GLY B 228 25.35 -18.72 14.20
CA GLY B 228 24.01 -19.08 14.60
C GLY B 228 22.93 -18.26 13.95
N GLY B 229 23.25 -17.61 12.83
CA GLY B 229 22.31 -16.76 12.13
C GLY B 229 21.94 -17.34 10.77
N ASP B 230 20.87 -16.81 10.20
CA ASP B 230 20.38 -17.26 8.92
C ASP B 230 20.18 -16.08 7.99
N PRO B 231 20.69 -16.15 6.76
CA PRO B 231 20.43 -15.08 5.79
C PRO B 231 18.96 -14.88 5.51
N ILE B 232 18.15 -15.94 5.59
CA ILE B 232 16.73 -15.84 5.28
C ILE B 232 16.02 -14.81 6.14
N LEU B 233 16.50 -14.58 7.36
CA LEU B 233 15.93 -13.55 8.21
C LEU B 233 15.89 -12.21 7.50
N TYR B 234 17.02 -11.82 6.88
CA TYR B 234 17.06 -10.57 6.12
C TYR B 234 15.94 -10.50 5.12
N GLN B 235 15.69 -11.60 4.40
CA GLN B 235 14.67 -11.61 3.38
C GLN B 235 13.32 -11.25 3.97
N HIS B 236 12.98 -11.86 5.11
CA HIS B 236 11.75 -11.49 5.80
C HIS B 236 11.74 -9.99 6.08
N LEU B 237 12.78 -9.51 6.73
CA LEU B 237 12.85 -8.12 7.13
C LEU B 237 12.94 -7.18 5.93
N PHE B 238 13.26 -7.71 4.75
CA PHE B 238 13.19 -6.84 3.58
C PHE B 238 11.80 -6.88 2.98
N TRP B 239 11.22 -8.06 2.86
CA TRP B 239 10.03 -8.18 2.04
C TRP B 239 8.79 -7.72 2.78
N PHE B 240 8.83 -7.65 4.10
CA PHE B 240 7.80 -6.93 4.83
C PHE B 240 7.72 -5.48 4.39
N PHE B 241 8.85 -4.89 4.02
CA PHE B 241 8.85 -3.59 3.39
C PHE B 241 8.64 -3.70 1.88
N GLY B 242 9.04 -4.82 1.29
CA GLY B 242 9.04 -4.94 -0.16
C GLY B 242 7.67 -4.87 -0.77
N HIS B 243 6.69 -5.57 -0.21
CA HIS B 243 5.40 -5.59 -0.87
C HIS B 243 4.55 -4.36 -0.56
N PRO B 244 4.54 -3.85 0.69
CA PRO B 244 3.91 -2.54 0.89
C PRO B 244 4.49 -1.48 -0.01
N GLU B 245 5.80 -1.52 -0.23
CA GLU B 245 6.46 -0.57 -1.12
C GLU B 245 5.80 -0.52 -2.48
N VAL B 246 5.61 -1.67 -3.11
CA VAL B 246 5.05 -1.72 -4.46
C VAL B 246 3.62 -1.24 -4.50
N TYR B 247 2.95 -1.11 -3.36
CA TYR B 247 1.62 -0.51 -3.35
C TYR B 247 1.68 0.99 -3.10
N ILE B 248 2.69 1.43 -2.34
CA ILE B 248 2.87 2.86 -2.11
C ILE B 248 3.08 3.59 -3.42
N LEU B 249 3.71 2.92 -4.38
CA LEU B 249 3.95 3.52 -5.69
C LEU B 249 2.72 3.56 -6.56
N ILE B 250 1.69 2.77 -6.26
CA ILE B 250 0.55 2.64 -7.16
C ILE B 250 -0.72 3.26 -6.62
N ILE B 251 -0.93 3.31 -5.30
CA ILE B 251 -2.15 3.90 -4.77
C ILE B 251 -2.28 5.37 -5.12
N PRO B 252 -1.24 6.21 -5.01
CA PRO B 252 -1.39 7.60 -5.45
C PRO B 252 -1.74 7.74 -6.92
N GLY B 253 -1.33 6.80 -7.77
CA GLY B 253 -1.73 6.85 -9.16
C GLY B 253 -3.22 6.65 -9.35
N PHE B 254 -3.80 5.68 -8.62
CA PHE B 254 -5.22 5.36 -8.76
C PHE B 254 -6.09 6.60 -8.61
N GLY B 255 -5.88 7.36 -7.54
CA GLY B 255 -6.67 8.55 -7.32
C GLY B 255 -6.61 9.52 -8.48
N ILE B 256 -5.40 9.74 -9.04
CA ILE B 256 -5.27 10.64 -10.17
C ILE B 256 -6.17 10.21 -11.30
N ILE B 257 -6.15 8.91 -11.62
CA ILE B 257 -6.93 8.41 -12.74
C ILE B 257 -8.40 8.70 -12.53
N SER B 258 -8.86 8.54 -11.28
CA SER B 258 -10.26 8.80 -10.97
C SER B 258 -10.65 10.20 -11.40
N HIS B 259 -9.85 11.19 -11.01
CA HIS B 259 -10.16 12.57 -11.34
C HIS B 259 -10.24 12.76 -12.85
N ILE B 260 -9.29 12.18 -13.58
CA ILE B 260 -9.29 12.35 -15.03
C ILE B 260 -10.55 11.74 -15.62
N VAL B 261 -10.91 10.54 -15.17
CA VAL B 261 -12.06 9.85 -15.74
C VAL B 261 -13.33 10.60 -15.38
N SER B 262 -13.31 11.33 -14.26
CA SER B 262 -14.49 12.08 -13.85
C SER B 262 -14.65 13.37 -14.62
N THR B 263 -13.58 13.86 -15.27
CA THR B 263 -13.69 15.15 -15.94
C THR B 263 -14.00 14.98 -17.41
N TYR B 264 -13.18 14.22 -18.13
CA TYR B 264 -13.31 14.11 -19.57
C TYR B 264 -14.42 13.13 -19.95
N SER B 265 -14.92 12.35 -19.01
CA SER B 265 -16.22 11.71 -19.08
C SER B 265 -17.09 12.40 -18.04
N LYS B 266 -17.96 13.30 -18.48
CA LYS B 266 -18.60 14.24 -17.56
C LYS B 266 -19.62 13.51 -16.70
N LYS B 267 -19.08 12.72 -15.75
CA LYS B 267 -19.85 11.83 -14.92
C LYS B 267 -19.10 11.64 -13.61
N PRO B 268 -19.80 11.57 -12.49
CA PRO B 268 -19.13 11.24 -11.22
C PRO B 268 -18.71 9.78 -11.20
N VAL B 269 -17.79 9.48 -10.27
CA VAL B 269 -17.23 8.14 -10.20
C VAL B 269 -18.27 7.16 -9.67
N PHE B 270 -18.36 6.01 -10.31
CA PHE B 270 -19.28 4.95 -9.91
C PHE B 270 -18.85 4.38 -8.57
N GLY B 271 -19.61 4.66 -7.52
CA GLY B 271 -19.32 4.10 -6.22
C GLY B 271 -18.05 4.61 -5.60
N ALA B 272 -18.03 5.88 -5.20
CA ALA B 272 -16.84 6.45 -4.59
C ALA B 272 -16.53 5.76 -3.27
N ILE B 273 -17.57 5.46 -2.47
CA ILE B 273 -17.37 4.78 -1.20
C ILE B 273 -16.79 3.40 -1.42
N GLY B 274 -17.24 2.72 -2.47
CA GLY B 274 -16.64 1.45 -2.83
C GLY B 274 -15.17 1.58 -3.17
N MET B 275 -14.79 2.64 -3.87
CA MET B 275 -13.38 2.85 -4.20
C MET B 275 -12.55 3.11 -2.95
N VAL B 276 -13.10 3.84 -1.98
CA VAL B 276 -12.39 4.06 -0.73
C VAL B 276 -12.15 2.73 -0.02
N TYR B 277 -13.18 1.91 0.12
CA TYR B 277 -12.98 0.62 0.78
C TYR B 277 -12.04 -0.28 -0.03
N ALA B 278 -12.06 -0.17 -1.35
CA ALA B 278 -11.16 -0.98 -2.16
C ALA B 278 -9.70 -0.61 -1.93
N MET B 279 -9.40 0.70 -1.89
CA MET B 279 -8.04 1.10 -1.58
C MET B 279 -7.64 0.66 -0.17
N GLY B 280 -8.56 0.79 0.79
CA GLY B 280 -8.25 0.33 2.14
C GLY B 280 -7.93 -1.16 2.19
N SER B 281 -8.71 -1.97 1.48
CA SER B 281 -8.49 -3.40 1.46
C SER B 281 -7.18 -3.75 0.77
N ILE B 282 -6.87 -3.07 -0.34
CA ILE B 282 -5.58 -3.31 -1.00
C ILE B 282 -4.43 -2.98 -0.09
N GLY B 283 -4.55 -1.91 0.69
CA GLY B 283 -3.50 -1.57 1.64
C GLY B 283 -3.36 -2.58 2.75
N PHE B 284 -4.49 -3.04 3.30
CA PHE B 284 -4.45 -3.96 4.43
C PHE B 284 -3.93 -5.33 4.01
N LEU B 285 -4.31 -5.80 2.82
CA LEU B 285 -3.89 -7.12 2.39
C LEU B 285 -2.53 -7.06 1.70
N GLY B 286 -1.82 -5.95 1.85
CA GLY B 286 -0.50 -5.81 1.30
C GLY B 286 0.55 -6.01 2.36
N LEU B 287 0.10 -6.15 3.61
CA LEU B 287 0.97 -6.42 4.74
C LEU B 287 1.00 -7.89 5.12
N LEU B 288 -0.05 -8.65 4.79
CA LEU B 288 -0.17 -10.03 5.18
C LEU B 288 0.38 -11.01 4.14
N VAL B 289 0.87 -10.52 3.01
CA VAL B 289 1.47 -11.36 1.99
C VAL B 289 2.81 -10.78 1.59
N TRP B 290 3.89 -11.41 2.06
CA TRP B 290 5.24 -10.95 1.73
C TRP B 290 6.16 -12.08 1.34
N SER B 291 5.76 -13.33 1.48
CA SER B 291 6.63 -14.47 1.24
C SER B 291 6.37 -15.11 -0.12
N HIS B 292 5.62 -14.45 -1.00
CA HIS B 292 5.55 -14.97 -2.36
C HIS B 292 6.77 -14.62 -3.18
N HIS B 293 7.63 -13.73 -2.66
CA HIS B 293 8.91 -13.47 -3.28
C HIS B 293 9.90 -14.58 -3.04
N MET B 294 9.69 -15.37 -1.99
CA MET B 294 10.61 -16.39 -1.54
C MET B 294 9.83 -17.69 -1.29
N TYR B 295 9.58 -18.39 -2.40
CA TYR B 295 9.05 -19.75 -2.42
C TYR B 295 10.11 -20.80 -2.65
N THR B 296 11.26 -20.42 -3.20
CA THR B 296 12.33 -21.35 -3.52
C THR B 296 13.35 -21.46 -2.41
N VAL B 297 13.13 -20.76 -1.28
CA VAL B 297 14.06 -20.79 -0.16
C VAL B 297 13.89 -22.02 0.70
N GLY B 298 12.80 -22.75 0.56
CA GLY B 298 12.61 -23.95 1.36
C GLY B 298 11.53 -23.84 2.41
N LEU B 299 10.41 -23.20 2.06
CA LEU B 299 9.32 -23.06 3.01
C LEU B 299 8.55 -24.37 3.14
N ASP B 300 7.72 -24.45 4.18
CA ASP B 300 6.88 -25.61 4.40
C ASP B 300 5.78 -25.66 3.34
N VAL B 301 5.05 -26.77 3.26
CA VAL B 301 3.98 -26.90 2.29
C VAL B 301 2.68 -26.31 2.82
N ASP B 302 2.62 -26.01 4.11
CA ASP B 302 1.45 -25.39 4.71
C ASP B 302 1.57 -23.89 4.79
N SER B 303 2.73 -23.33 4.48
CA SER B 303 2.93 -21.90 4.35
C SER B 303 2.83 -21.42 2.91
N ARG B 304 3.23 -22.27 1.96
CA ARG B 304 2.97 -21.97 0.56
C ARG B 304 1.47 -21.90 0.28
N ALA B 305 0.72 -22.83 0.86
CA ALA B 305 -0.72 -22.89 0.62
C ALA B 305 -1.43 -21.65 1.15
N TYR B 306 -0.93 -21.07 2.24
CA TYR B 306 -1.52 -19.84 2.77
C TYR B 306 -1.20 -18.66 1.88
N PHE B 307 0.05 -18.55 1.44
CA PHE B 307 0.48 -17.38 0.68
C PHE B 307 -0.01 -17.41 -0.76
N THR B 308 -0.34 -18.57 -1.30
CA THR B 308 -1.05 -18.60 -2.58
C THR B 308 -2.44 -18.03 -2.44
N SER B 309 -3.12 -18.32 -1.34
CA SER B 309 -4.50 -17.86 -1.15
C SER B 309 -4.54 -16.38 -0.80
N ALA B 310 -3.62 -15.93 0.03
CA ALA B 310 -3.63 -14.55 0.48
C ALA B 310 -3.19 -13.56 -0.59
N THR B 311 -2.60 -14.04 -1.69
CA THR B 311 -2.19 -13.13 -2.76
C THR B 311 -3.29 -12.96 -3.79
N MET B 312 -4.05 -14.02 -4.07
CA MET B 312 -5.13 -13.94 -5.05
C MET B 312 -6.33 -13.16 -4.54
N VAL B 313 -6.40 -12.86 -3.24
CA VAL B 313 -7.54 -12.09 -2.74
C VAL B 313 -7.38 -10.62 -3.10
N ILE B 314 -6.16 -10.16 -3.34
CA ILE B 314 -5.96 -8.77 -3.74
C ILE B 314 -6.57 -8.48 -5.10
N ALA B 315 -6.76 -9.51 -5.93
CA ALA B 315 -7.38 -9.29 -7.23
C ALA B 315 -8.82 -8.79 -7.10
N VAL B 316 -9.53 -9.19 -6.05
CA VAL B 316 -10.93 -8.82 -5.87
C VAL B 316 -11.08 -7.32 -5.69
N PRO B 317 -10.37 -6.68 -4.76
CA PRO B 317 -10.49 -5.22 -4.62
C PRO B 317 -10.07 -4.44 -5.85
N THR B 318 -9.06 -4.89 -6.60
CA THR B 318 -8.62 -4.15 -7.77
C THR B 318 -9.60 -4.30 -8.93
N GLY B 319 -10.25 -5.45 -9.03
CA GLY B 319 -11.29 -5.61 -10.02
C GLY B 319 -12.42 -4.62 -9.82
N ILE B 320 -12.75 -4.32 -8.57
CA ILE B 320 -13.78 -3.32 -8.29
C ILE B 320 -13.39 -1.97 -8.87
N LYS B 321 -12.14 -1.56 -8.70
CA LYS B 321 -11.72 -0.26 -9.22
C LYS B 321 -11.71 -0.25 -10.74
N ILE B 322 -11.22 -1.32 -11.37
CA ILE B 322 -11.19 -1.34 -12.83
C ILE B 322 -12.61 -1.28 -13.40
N PHE B 323 -13.51 -2.08 -12.84
CA PHE B 323 -14.88 -2.09 -13.34
C PHE B 323 -15.60 -0.78 -13.03
N SER B 324 -15.26 -0.14 -11.92
CA SER B 324 -15.86 1.16 -11.62
C SER B 324 -15.38 2.23 -12.59
N TRP B 325 -14.11 2.18 -13.01
CA TRP B 325 -13.65 3.12 -14.01
C TRP B 325 -14.33 2.90 -15.36
N LEU B 326 -14.52 1.64 -15.74
CA LEU B 326 -15.29 1.38 -16.96
C LEU B 326 -16.72 1.89 -16.82
N ALA B 327 -17.35 1.65 -15.67
CA ALA B 327 -18.73 2.10 -15.47
C ALA B 327 -18.83 3.63 -15.49
N THR B 328 -17.83 4.34 -14.96
CA THR B 328 -17.89 5.79 -14.98
C THR B 328 -17.60 6.35 -16.36
N LEU B 329 -16.82 5.65 -17.17
CA LEU B 329 -16.63 6.07 -18.56
C LEU B 329 -17.80 5.68 -19.45
N TYR B 330 -18.67 4.77 -19.01
CA TYR B 330 -19.63 4.17 -19.93
C TYR B 330 -20.62 5.19 -20.47
N GLY B 331 -21.49 5.72 -19.63
CA GLY B 331 -22.61 6.49 -20.12
C GLY B 331 -22.29 7.86 -20.68
N GLY B 332 -21.16 8.43 -20.29
CA GLY B 332 -20.89 9.84 -20.50
C GLY B 332 -20.19 10.15 -21.81
N SER B 333 -19.94 11.44 -22.00
CA SER B 333 -19.24 11.94 -23.17
C SER B 333 -17.73 11.92 -22.94
N ILE B 334 -16.99 11.49 -23.95
CA ILE B 334 -15.55 11.33 -23.86
C ILE B 334 -14.87 12.22 -24.89
N ARG B 335 -13.96 13.06 -24.43
CA ARG B 335 -13.12 13.88 -25.28
C ARG B 335 -11.67 13.47 -25.06
N TYR B 336 -10.95 13.23 -26.16
CA TYR B 336 -9.64 12.60 -26.10
C TYR B 336 -8.57 13.66 -26.00
N THR B 337 -8.45 14.24 -24.81
CA THR B 337 -7.36 15.13 -24.46
C THR B 337 -6.16 14.29 -24.06
N THR B 338 -5.02 14.96 -23.91
CA THR B 338 -3.80 14.22 -23.59
C THR B 338 -3.81 13.53 -22.22
N PRO B 339 -4.47 14.05 -21.17
CA PRO B 339 -4.61 13.23 -19.96
C PRO B 339 -5.46 12.00 -20.15
N MET B 340 -6.52 12.09 -20.96
CA MET B 340 -7.44 10.97 -21.09
C MET B 340 -6.84 9.82 -21.88
N LEU B 341 -5.92 10.11 -22.80
CA LEU B 341 -5.22 9.04 -23.51
C LEU B 341 -4.38 8.22 -22.54
N TYR B 342 -3.66 8.90 -21.63
CA TYR B 342 -2.90 8.18 -20.61
C TYR B 342 -3.82 7.44 -19.66
N ALA B 343 -5.00 7.98 -19.39
CA ALA B 343 -5.96 7.26 -18.56
C ALA B 343 -6.43 5.97 -19.24
N PHE B 344 -6.70 6.01 -20.55
CA PHE B 344 -7.03 4.80 -21.29
C PHE B 344 -5.87 3.81 -21.36
N ALA B 345 -4.64 4.27 -21.51
CA ALA B 345 -3.50 3.38 -21.61
C ALA B 345 -3.08 2.80 -20.27
N PHE B 346 -3.69 3.24 -19.18
CA PHE B 346 -3.47 2.69 -17.85
C PHE B 346 -4.51 1.65 -17.47
N LEU B 347 -5.72 1.75 -18.01
CA LEU B 347 -6.78 0.79 -17.74
C LEU B 347 -6.58 -0.54 -18.46
N PHE B 348 -5.78 -0.56 -19.52
CA PHE B 348 -5.53 -1.77 -20.28
C PHE B 348 -4.18 -2.39 -19.97
N LEU B 349 -3.14 -1.57 -19.86
CA LEU B 349 -1.79 -2.10 -19.66
C LEU B 349 -1.57 -2.56 -18.22
N PHE B 350 -2.14 -1.85 -17.25
CA PHE B 350 -2.09 -2.32 -15.87
C PHE B 350 -2.79 -3.66 -15.71
N THR B 351 -3.92 -3.84 -16.40
CA THR B 351 -4.60 -5.14 -16.36
C THR B 351 -3.73 -6.24 -16.95
N VAL B 352 -3.04 -5.96 -18.06
CA VAL B 352 -2.15 -6.94 -18.65
C VAL B 352 -1.02 -7.28 -17.70
N GLY B 353 -0.52 -6.29 -16.97
CA GLY B 353 0.58 -6.54 -16.05
C GLY B 353 0.17 -7.26 -14.79
N GLY B 354 -1.03 -6.99 -14.29
CA GLY B 354 -1.47 -7.58 -13.03
C GLY B 354 -2.04 -8.97 -13.19
N LEU B 355 -2.51 -9.31 -14.38
CA LEU B 355 -2.98 -10.66 -14.64
C LEU B 355 -1.83 -11.66 -14.68
N SER B 356 -0.62 -11.20 -14.98
CA SER B 356 0.54 -12.08 -14.89
C SER B 356 0.93 -12.33 -13.45
N GLY B 357 0.48 -11.47 -12.53
CA GLY B 357 0.70 -11.69 -11.11
C GLY B 357 -0.04 -12.88 -10.54
N VAL B 358 -1.25 -13.16 -11.04
CA VAL B 358 -1.99 -14.33 -10.57
C VAL B 358 -1.41 -15.63 -11.10
N VAL B 359 -0.53 -15.56 -12.10
CA VAL B 359 0.21 -16.73 -12.59
C VAL B 359 1.48 -16.94 -11.80
N LEU B 360 1.92 -15.95 -11.05
CA LEU B 360 3.14 -16.02 -10.27
C LEU B 360 2.89 -16.15 -8.78
N SER B 361 1.66 -15.95 -8.31
CA SER B 361 1.34 -16.12 -6.91
C SER B 361 1.28 -17.60 -6.52
N ASN B 362 1.03 -18.49 -7.46
CA ASN B 362 1.03 -19.91 -7.18
C ASN B 362 2.43 -20.37 -6.81
N ALA B 363 2.51 -21.19 -5.76
CA ALA B 363 3.78 -21.76 -5.37
C ALA B 363 4.26 -22.80 -6.36
N SER B 364 3.33 -23.50 -7.00
CA SER B 364 3.68 -24.54 -7.94
C SER B 364 4.27 -23.97 -9.23
N LEU B 365 3.71 -22.86 -9.72
CA LEU B 365 4.16 -22.26 -10.95
C LEU B 365 5.35 -21.33 -10.76
N ASP B 366 5.67 -20.95 -9.53
CA ASP B 366 6.80 -20.07 -9.30
C ASP B 366 8.13 -20.82 -9.40
N ILE B 367 8.09 -22.14 -9.45
CA ILE B 367 9.27 -22.94 -9.76
C ILE B 367 9.71 -22.76 -11.20
N ALA B 368 8.83 -22.30 -12.08
CA ALA B 368 9.16 -22.11 -13.48
C ALA B 368 9.39 -20.66 -13.86
N PHE B 369 9.05 -19.71 -12.99
CA PHE B 369 9.13 -18.29 -13.33
C PHE B 369 10.04 -17.49 -12.41
N HIS B 370 10.47 -18.04 -11.29
CA HIS B 370 11.30 -17.29 -10.35
C HIS B 370 12.71 -17.11 -10.91
N ASP B 371 13.27 -15.93 -10.65
CA ASP B 371 14.57 -15.55 -11.20
C ASP B 371 14.57 -15.66 -12.72
N THR B 372 13.54 -15.08 -13.34
CA THR B 372 13.34 -15.19 -14.77
C THR B 372 12.77 -13.87 -15.27
N TYR B 373 12.97 -13.59 -16.56
CA TYR B 373 12.51 -12.34 -17.15
C TYR B 373 10.99 -12.23 -17.23
N TYR B 374 10.24 -13.29 -16.94
CA TYR B 374 8.80 -13.17 -16.82
C TYR B 374 8.45 -12.21 -15.68
N VAL B 375 9.17 -12.26 -14.58
CA VAL B 375 8.93 -11.33 -13.47
C VAL B 375 9.24 -9.90 -13.91
N ILE B 376 10.30 -9.72 -14.67
CA ILE B 376 10.69 -8.40 -15.15
C ILE B 376 9.60 -7.81 -16.03
N GLY B 377 9.11 -8.60 -16.99
CA GLY B 377 8.00 -8.15 -17.81
C GLY B 377 6.74 -7.92 -17.03
N HIS B 378 6.51 -8.71 -15.98
CA HIS B 378 5.40 -8.45 -15.07
C HIS B 378 5.48 -7.06 -14.48
N PHE B 379 6.55 -6.77 -13.75
CA PHE B 379 6.50 -5.54 -12.98
C PHE B 379 6.80 -4.31 -13.82
N HIS B 380 7.18 -4.49 -15.08
CA HIS B 380 7.38 -3.31 -15.91
C HIS B 380 6.07 -2.78 -16.43
N TYR B 381 5.11 -3.66 -16.64
CA TYR B 381 3.78 -3.23 -17.10
C TYR B 381 3.03 -2.52 -16.00
N VAL B 382 3.30 -2.87 -14.75
CA VAL B 382 2.66 -2.22 -13.61
C VAL B 382 3.45 -1.04 -13.06
N LEU B 383 4.76 -0.96 -13.35
CA LEU B 383 5.56 0.18 -12.91
C LEU B 383 5.77 1.20 -14.03
N SER B 384 6.34 0.76 -15.15
CA SER B 384 6.64 1.68 -16.24
C SER B 384 5.40 2.11 -16.99
N LEU B 385 4.44 1.21 -17.17
CA LEU B 385 3.22 1.52 -17.89
C LEU B 385 2.03 1.82 -16.98
N GLY B 386 2.19 1.68 -15.68
CA GLY B 386 1.11 2.03 -14.78
C GLY B 386 1.34 3.27 -13.93
N ALA B 387 2.54 3.42 -13.40
CA ALA B 387 2.82 4.54 -12.50
C ALA B 387 3.38 5.74 -13.25
N VAL B 388 4.31 5.51 -14.18
CA VAL B 388 4.83 6.62 -14.98
C VAL B 388 3.74 7.23 -15.83
N PHE B 389 2.82 6.40 -16.34
CA PHE B 389 1.70 6.93 -17.10
C PHE B 389 0.81 7.81 -16.23
N SER B 390 0.57 7.40 -14.98
CA SER B 390 -0.19 8.23 -14.06
C SER B 390 0.52 9.55 -13.78
N LEU B 391 1.84 9.51 -13.62
CA LEU B 391 2.59 10.74 -13.40
C LEU B 391 2.47 11.68 -14.60
N PHE B 392 2.58 11.14 -15.82
CA PHE B 392 2.46 11.97 -17.01
C PHE B 392 1.05 12.56 -17.13
N ALA B 393 0.03 11.77 -16.84
CA ALA B 393 -1.33 12.27 -16.88
C ALA B 393 -1.54 13.37 -15.85
N GLY B 394 -1.01 13.18 -14.65
CA GLY B 394 -1.11 14.23 -13.64
C GLY B 394 -0.40 15.50 -14.04
N TYR B 395 0.77 15.38 -14.67
CA TYR B 395 1.47 16.57 -15.14
C TYR B 395 0.63 17.31 -16.18
N TYR B 396 0.18 16.59 -17.21
CA TYR B 396 -0.58 17.27 -18.27
C TYR B 396 -1.93 17.76 -17.77
N TYR B 397 -2.43 17.23 -16.67
CA TYR B 397 -3.69 17.67 -16.09
C TYR B 397 -3.52 18.94 -15.27
N TRP B 398 -2.54 18.96 -14.36
CA TRP B 398 -2.43 20.04 -13.39
C TRP B 398 -1.33 21.06 -13.71
N SER B 399 -0.59 20.91 -14.80
CA SER B 399 0.45 21.87 -15.12
C SER B 399 -0.11 23.26 -15.41
N PRO B 400 -1.16 23.39 -16.24
CA PRO B 400 -1.74 24.72 -16.46
C PRO B 400 -2.25 25.41 -15.20
N LEU B 401 -2.80 24.67 -14.24
CA LEU B 401 -3.29 25.28 -13.03
C LEU B 401 -2.16 25.68 -12.09
N ILE B 402 -0.98 25.07 -12.25
CA ILE B 402 0.14 25.41 -11.41
C ILE B 402 0.91 26.59 -12.00
N THR B 403 1.22 26.51 -13.29
CA THR B 403 2.12 27.45 -13.94
C THR B 403 1.39 28.60 -14.62
N GLY B 404 0.16 28.38 -15.06
CA GLY B 404 -0.53 29.36 -15.86
C GLY B 404 -0.17 29.34 -17.31
N LEU B 405 0.59 28.33 -17.74
CA LEU B 405 1.13 28.24 -19.09
C LEU B 405 0.70 26.93 -19.72
N TYR B 406 0.33 26.97 -21.00
CA TYR B 406 -0.24 25.83 -21.69
C TYR B 406 0.79 25.17 -22.60
N TYR B 407 0.47 23.96 -23.06
CA TYR B 407 1.40 23.12 -23.79
C TYR B 407 0.80 22.73 -25.12
N ASN B 408 1.66 22.50 -26.11
CA ASN B 408 1.19 22.12 -27.43
C ASN B 408 0.62 20.70 -27.39
N ASN B 409 -0.58 20.55 -27.92
CA ASN B 409 -1.26 19.27 -27.87
C ASN B 409 -0.65 18.25 -28.83
N ASN B 410 -0.23 18.70 -30.01
CA ASN B 410 0.30 17.80 -31.02
C ASN B 410 1.58 17.12 -30.56
N LEU B 411 2.49 17.88 -29.98
CA LEU B 411 3.73 17.32 -29.46
C LEU B 411 3.49 16.36 -28.31
N ALA B 412 2.55 16.68 -27.43
CA ALA B 412 2.20 15.76 -26.35
C ALA B 412 1.64 14.46 -26.89
N ASN B 413 0.80 14.53 -27.92
CA ASN B 413 0.28 13.31 -28.53
C ASN B 413 1.39 12.49 -29.17
N ILE B 414 2.33 13.13 -29.86
CA ILE B 414 3.45 12.41 -30.44
C ILE B 414 4.24 11.69 -29.37
N GLN B 415 4.50 12.38 -28.25
CA GLN B 415 5.22 11.77 -27.14
C GLN B 415 4.46 10.57 -26.59
N PHE B 416 3.14 10.70 -26.45
CA PHE B 416 2.34 9.61 -25.90
C PHE B 416 2.45 8.38 -26.80
N TRP B 417 2.34 8.57 -28.10
CA TRP B 417 2.39 7.43 -29.00
C TRP B 417 3.76 6.78 -28.97
N LEU B 418 4.82 7.58 -28.90
CA LEU B 418 6.15 7.01 -28.85
C LEU B 418 6.39 6.21 -27.57
N LEU B 419 5.96 6.73 -26.42
CA LEU B 419 6.05 5.95 -25.19
C LEU B 419 5.26 4.65 -25.29
N PHE B 420 4.03 4.72 -25.79
CA PHE B 420 3.18 3.54 -25.90
C PHE B 420 3.88 2.45 -26.71
N ILE B 421 4.35 2.81 -27.90
CA ILE B 421 4.97 1.83 -28.79
C ILE B 421 6.26 1.30 -28.18
N GLY B 422 7.11 2.18 -27.66
CA GLY B 422 8.40 1.75 -27.16
C GLY B 422 8.29 0.86 -25.93
N THR B 423 7.43 1.24 -24.98
CA THR B 423 7.25 0.42 -23.79
C THR B 423 6.61 -0.91 -24.14
N ASN B 424 5.68 -0.95 -25.09
CA ASN B 424 5.07 -2.21 -25.45
C ASN B 424 6.00 -3.10 -26.26
N VAL B 425 6.97 -2.53 -26.96
CA VAL B 425 7.95 -3.32 -27.70
C VAL B 425 9.11 -3.78 -26.83
N THR B 426 9.41 -3.07 -25.75
CA THR B 426 10.54 -3.41 -24.90
C THR B 426 10.23 -4.51 -23.89
N PHE B 427 9.03 -4.52 -23.31
CA PHE B 427 8.73 -5.42 -22.19
C PHE B 427 7.97 -6.67 -22.60
N PHE B 428 7.28 -6.66 -23.72
CA PHE B 428 6.46 -7.81 -24.06
C PHE B 428 7.29 -9.04 -24.37
N PRO B 429 8.35 -8.94 -25.20
CA PRO B 429 9.17 -10.13 -25.47
C PRO B 429 9.86 -10.70 -24.24
N MET B 430 10.00 -9.94 -23.16
CA MET B 430 10.55 -10.49 -21.94
C MET B 430 9.72 -11.66 -21.42
N HIS B 431 8.41 -11.66 -21.68
CA HIS B 431 7.59 -12.81 -21.31
C HIS B 431 8.05 -14.06 -22.06
N PHE B 432 8.32 -13.94 -23.35
CA PHE B 432 8.77 -15.09 -24.14
C PHE B 432 10.13 -15.56 -23.67
N LEU B 433 11.05 -14.63 -23.42
CA LEU B 433 12.37 -15.00 -22.93
C LEU B 433 12.26 -15.71 -21.59
N GLY B 434 11.35 -15.25 -20.73
CA GLY B 434 11.15 -15.91 -19.45
C GLY B 434 10.59 -17.31 -19.58
N LEU B 435 9.61 -17.48 -20.47
CA LEU B 435 9.05 -18.81 -20.67
C LEU B 435 10.08 -19.77 -21.22
N ASN B 436 10.95 -19.32 -22.11
CA ASN B 436 11.98 -20.20 -22.65
C ASN B 436 13.12 -20.45 -21.67
N GLY B 437 13.24 -19.64 -20.62
CA GLY B 437 14.18 -19.94 -19.55
C GLY B 437 15.37 -19.04 -19.34
N MET B 438 15.22 -17.73 -19.55
CA MET B 438 16.35 -16.81 -19.42
C MET B 438 16.40 -16.23 -18.02
N PRO B 439 17.49 -16.41 -17.27
CA PRO B 439 17.54 -15.94 -15.89
C PRO B 439 17.82 -14.44 -15.82
N ARG B 440 17.68 -13.91 -14.62
CA ARG B 440 17.85 -12.48 -14.37
C ARG B 440 19.29 -12.15 -13.99
N ARG B 441 19.64 -10.88 -14.20
CA ARG B 441 20.91 -10.33 -13.74
C ARG B 441 22.11 -11.00 -14.40
N ILE B 442 22.01 -11.25 -15.70
CA ILE B 442 23.08 -11.86 -16.47
C ILE B 442 23.46 -10.89 -17.59
N PRO B 443 24.72 -10.47 -17.67
CA PRO B 443 25.14 -9.60 -18.76
C PRO B 443 25.14 -10.27 -20.12
N ASP B 444 25.69 -11.48 -20.18
CA ASP B 444 25.76 -12.24 -21.43
C ASP B 444 24.87 -13.46 -21.31
N TYR B 445 24.26 -13.84 -22.42
CA TYR B 445 23.31 -14.93 -22.48
C TYR B 445 23.70 -15.88 -23.59
N PRO B 446 23.19 -17.11 -23.58
CA PRO B 446 23.43 -18.01 -24.69
C PRO B 446 22.89 -17.46 -25.99
N ASP B 447 23.33 -18.04 -27.10
CA ASP B 447 23.00 -17.53 -28.42
C ASP B 447 21.51 -17.62 -28.71
N ALA B 448 20.79 -18.54 -28.07
CA ALA B 448 19.40 -18.76 -28.41
C ALA B 448 18.50 -17.58 -28.05
N PHE B 449 18.87 -16.80 -27.03
CA PHE B 449 18.03 -15.71 -26.55
C PHE B 449 18.29 -14.40 -27.26
N ALA B 450 18.97 -14.43 -28.41
CA ALA B 450 19.41 -13.19 -29.05
C ALA B 450 18.24 -12.41 -29.65
N GLY B 451 17.34 -13.10 -30.35
CA GLY B 451 16.39 -12.40 -31.20
C GLY B 451 15.52 -11.42 -30.47
N TRP B 452 14.84 -11.87 -29.42
CA TRP B 452 13.99 -10.96 -28.66
C TRP B 452 14.80 -9.86 -28.00
N ASN B 453 16.05 -10.14 -27.62
CA ASN B 453 16.89 -9.11 -27.03
C ASN B 453 17.18 -8.00 -28.04
N ALA B 454 17.14 -8.33 -29.33
CA ALA B 454 17.30 -7.31 -30.35
C ALA B 454 16.01 -6.53 -30.61
N ILE B 455 14.85 -7.08 -30.25
CA ILE B 455 13.60 -6.34 -30.43
C ILE B 455 13.29 -5.52 -29.20
N SER B 456 13.74 -5.96 -28.04
CA SER B 456 13.54 -5.25 -26.79
C SER B 456 14.53 -4.12 -26.60
N SER B 457 15.60 -4.07 -27.39
CA SER B 457 16.54 -2.96 -27.37
C SER B 457 16.19 -1.88 -28.38
N PHE B 458 15.20 -2.12 -29.24
CA PHE B 458 14.73 -1.14 -30.20
C PHE B 458 13.67 -0.24 -29.60
N GLY B 459 12.96 -0.73 -28.59
CA GLY B 459 11.97 0.08 -27.92
C GLY B 459 12.57 1.12 -26.98
N SER B 460 13.72 0.80 -26.38
CA SER B 460 14.37 1.74 -25.48
C SER B 460 14.74 3.03 -26.20
N LEU B 461 15.22 2.90 -27.44
CA LEU B 461 15.54 4.06 -28.25
C LEU B 461 14.30 4.79 -28.74
N ILE B 462 13.12 4.18 -28.65
CA ILE B 462 11.89 4.90 -28.94
C ILE B 462 11.34 5.60 -27.71
N SER B 463 11.67 5.12 -26.51
CA SER B 463 11.23 5.80 -25.31
C SER B 463 12.17 6.95 -24.92
N ILE B 464 13.46 6.83 -25.22
CA ILE B 464 14.37 7.94 -24.95
C ILE B 464 14.03 9.14 -25.85
N ILE B 465 13.63 8.87 -27.09
CA ILE B 465 13.16 9.95 -27.94
C ILE B 465 11.93 10.62 -27.35
N SER B 466 11.04 9.82 -26.73
CA SER B 466 9.88 10.40 -26.08
C SER B 466 10.30 11.30 -24.92
N VAL B 467 11.33 10.91 -24.18
CA VAL B 467 11.83 11.75 -23.08
C VAL B 467 12.38 13.07 -23.61
N ILE B 468 13.14 13.00 -24.70
CA ILE B 468 13.68 14.24 -25.29
C ILE B 468 12.55 15.15 -25.77
N LEU B 469 11.54 14.56 -26.41
CA LEU B 469 10.39 15.36 -26.84
C LEU B 469 9.63 15.92 -25.65
N PHE B 470 9.63 15.21 -24.53
CA PHE B 470 9.05 15.75 -23.31
C PHE B 470 9.80 17.00 -22.85
N ALA B 471 11.13 16.96 -22.94
CA ALA B 471 11.92 18.14 -22.62
C ALA B 471 11.54 19.31 -23.53
N TYR B 472 11.40 19.05 -24.83
CA TYR B 472 11.00 20.15 -25.72
C TYR B 472 9.59 20.64 -25.45
N VAL B 473 8.70 19.76 -25.01
CA VAL B 473 7.34 20.18 -24.67
C VAL B 473 7.36 21.11 -23.47
N ILE B 474 8.19 20.80 -22.47
CA ILE B 474 8.35 21.72 -21.34
C ILE B 474 8.90 23.05 -21.82
N TYR B 475 9.83 23.02 -22.78
CA TYR B 475 10.38 24.27 -23.30
C TYR B 475 9.31 25.12 -23.98
N ASP B 476 8.47 24.51 -24.82
CA ASP B 476 7.38 25.26 -25.43
C ASP B 476 6.30 25.66 -24.44
N GLN B 477 6.22 24.98 -23.30
CA GLN B 477 5.29 25.43 -22.28
C GLN B 477 5.79 26.68 -21.58
N LEU B 478 7.08 26.70 -21.22
CA LEU B 478 7.62 27.84 -20.49
C LEU B 478 7.82 29.04 -21.41
N VAL B 479 8.38 28.83 -22.59
CA VAL B 479 8.51 29.87 -23.61
C VAL B 479 7.29 29.80 -24.50
N ASN B 480 6.65 30.95 -24.73
CA ASN B 480 5.42 31.07 -25.52
C ASN B 480 4.32 30.11 -25.07
N GLY B 481 4.17 29.95 -23.75
CA GLY B 481 3.05 29.17 -23.24
C GLY B 481 1.76 29.94 -23.17
N LEU B 482 1.82 31.26 -23.04
CA LEU B 482 0.60 32.06 -22.94
C LEU B 482 -0.18 32.05 -24.25
N THR B 483 0.49 31.94 -25.39
CA THR B 483 -0.15 31.93 -26.69
C THR B 483 -0.45 30.54 -27.20
N ASN B 484 -0.51 29.55 -26.32
CA ASN B 484 -0.80 28.17 -26.68
C ASN B 484 -2.15 27.73 -26.15
N LYS B 485 -2.98 28.70 -25.78
CA LYS B 485 -4.33 28.41 -25.30
C LYS B 485 -5.37 28.59 -26.38
N GLN B 486 -5.00 29.13 -27.54
CA GLN B 486 -5.92 29.30 -28.64
C GLN B 486 -5.70 28.32 -29.76
N LEU B 487 -4.62 27.52 -29.72
CA LEU B 487 -4.37 26.56 -30.79
C LEU B 487 -5.42 25.46 -30.80
N SER B 488 -5.77 24.93 -29.62
CA SER B 488 -6.72 23.84 -29.52
C SER B 488 -7.65 24.07 -28.34
N THR B 489 -8.81 23.41 -28.41
CA THR B 489 -9.76 23.41 -27.30
C THR B 489 -9.40 22.39 -26.23
N ASN B 490 -8.19 21.85 -26.28
CA ASN B 490 -7.68 21.05 -25.17
C ASN B 490 -7.50 21.89 -23.92
N SER B 491 -7.27 23.20 -24.10
CA SER B 491 -7.10 24.10 -22.98
C SER B 491 -8.31 24.10 -22.06
N LEU B 492 -9.49 24.03 -22.64
CA LEU B 492 -10.72 24.01 -21.85
C LEU B 492 -10.76 22.80 -20.94
N PHE B 493 -11.11 23.05 -19.68
CA PHE B 493 -11.22 22.00 -18.68
C PHE B 493 -12.49 21.18 -18.91
N LYS B 494 -13.53 21.80 -19.47
CA LYS B 494 -14.79 21.13 -19.78
C LYS B 494 -15.48 21.84 -20.92
N ASN B 495 -15.92 21.09 -21.93
CA ASN B 495 -16.66 21.67 -23.04
C ASN B 495 -18.08 22.00 -22.64
N PRO B 496 -18.75 22.84 -23.42
CA PRO B 496 -20.16 23.11 -23.15
C PRO B 496 -21.00 21.85 -23.30
N ASP B 497 -22.08 21.79 -22.55
CA ASP B 497 -23.06 20.74 -22.75
C ASP B 497 -23.84 21.03 -24.02
N PHE B 498 -24.83 20.20 -24.32
CA PHE B 498 -25.52 20.31 -25.60
C PHE B 498 -26.31 21.60 -25.71
N ILE B 499 -27.13 21.90 -24.70
CA ILE B 499 -28.05 23.03 -24.79
C ILE B 499 -27.47 24.29 -24.17
N GLU B 500 -26.28 24.19 -23.56
CA GLU B 500 -25.60 25.35 -23.01
C GLU B 500 -25.03 26.20 -24.14
N SER B 501 -25.49 27.43 -24.26
CA SER B 501 -25.01 28.33 -25.29
C SER B 501 -23.57 28.76 -25.00
N ASN B 502 -22.87 29.15 -26.06
CA ASN B 502 -21.49 29.59 -25.91
C ASN B 502 -21.40 30.85 -25.06
N ILE B 503 -22.36 31.76 -25.24
CA ILE B 503 -22.35 33.00 -24.48
C ILE B 503 -22.54 32.74 -22.99
N ILE B 504 -23.45 31.82 -22.65
CA ILE B 504 -23.62 31.44 -21.25
C ILE B 504 -22.42 30.67 -20.74
N PHE B 505 -21.79 29.85 -21.59
CA PHE B 505 -20.61 29.13 -21.16
C PHE B 505 -19.45 30.05 -20.81
N ASN B 506 -19.25 31.11 -21.59
CA ASN B 506 -18.10 31.97 -21.34
C ASN B 506 -18.22 32.72 -20.01
N ASP B 507 -19.45 33.02 -19.56
CA ASP B 507 -19.61 33.64 -18.25
C ASP B 507 -19.41 32.63 -17.11
N ASN B 508 -19.96 31.43 -17.25
CA ASN B 508 -19.86 30.37 -16.24
C ASN B 508 -19.11 29.22 -16.90
N SER B 509 -17.79 29.19 -16.72
CA SER B 509 -16.94 28.32 -17.51
C SER B 509 -16.45 27.10 -16.72
N ILE B 510 -16.14 27.27 -15.45
CA ILE B 510 -15.56 26.20 -14.65
C ILE B 510 -16.66 25.56 -13.81
N LYS B 511 -16.92 24.28 -14.07
CA LYS B 511 -17.86 23.48 -13.30
C LYS B 511 -17.10 22.29 -12.74
N SER B 512 -16.92 22.26 -11.42
CA SER B 512 -15.95 21.35 -10.82
C SER B 512 -16.55 20.68 -9.61
N SER B 513 -15.80 19.71 -9.08
CA SER B 513 -16.15 19.05 -7.83
C SER B 513 -15.03 19.14 -6.80
N SER B 514 -14.01 19.96 -7.04
CA SER B 514 -12.94 20.19 -6.09
C SER B 514 -12.48 21.63 -6.20
N ILE B 515 -11.77 22.12 -5.18
CA ILE B 515 -11.36 23.51 -5.11
C ILE B 515 -10.15 23.76 -6.01
N ASP B 516 -9.66 22.72 -6.66
CA ASP B 516 -8.45 22.83 -7.45
C ASP B 516 -8.62 23.80 -8.61
N PHE B 517 -9.67 23.60 -9.41
CA PHE B 517 -9.80 24.27 -10.68
C PHE B 517 -10.63 25.54 -10.59
N LEU B 518 -10.91 26.01 -9.37
CA LEU B 518 -11.51 27.32 -9.17
C LEU B 518 -10.49 28.36 -8.74
N LEU B 519 -9.26 27.95 -8.47
CA LEU B 519 -8.23 28.86 -8.00
C LEU B 519 -7.66 29.65 -9.18
N THR B 520 -6.81 30.62 -8.86
CA THR B 520 -6.16 31.43 -9.87
C THR B 520 -5.26 30.56 -10.76
N SER B 521 -4.72 31.18 -11.81
CA SER B 521 -4.00 30.47 -12.85
C SER B 521 -2.68 29.96 -12.28
N PRO B 522 -1.87 30.83 -11.68
CA PRO B 522 -1.02 30.38 -10.58
C PRO B 522 -1.71 30.64 -9.25
N PRO B 523 -1.90 29.62 -8.41
CA PRO B 523 -2.55 29.86 -7.13
C PRO B 523 -1.81 30.85 -6.25
N LEU B 524 -2.56 31.66 -5.52
CA LEU B 524 -1.97 32.69 -4.68
C LEU B 524 -1.11 32.03 -3.60
N PRO B 525 -0.03 32.69 -3.18
CA PRO B 525 0.83 32.13 -2.14
C PRO B 525 0.07 31.84 -0.85
N HIS B 526 -0.84 32.72 -0.47
CA HIS B 526 -1.80 32.45 0.60
C HIS B 526 -3.18 32.35 -0.05
N THR B 527 -3.68 31.12 -0.21
CA THR B 527 -4.87 30.93 -1.02
C THR B 527 -6.16 31.16 -0.25
N PHE B 528 -6.22 30.75 1.02
CA PHE B 528 -7.46 30.78 1.79
C PHE B 528 -7.26 31.71 2.97
N ASN B 529 -7.87 32.89 2.91
CA ASN B 529 -7.85 33.81 4.03
C ASN B 529 -9.09 33.60 4.88
N THR B 530 -10.26 33.83 4.28
CA THR B 530 -11.50 33.49 4.95
C THR B 530 -11.89 32.06 4.60
N PRO B 531 -12.27 31.24 5.56
CA PRO B 531 -12.42 29.79 5.31
C PRO B 531 -13.48 29.47 4.27
N ALA B 532 -13.27 28.37 3.57
CA ALA B 532 -14.24 27.86 2.62
C ALA B 532 -15.38 27.16 3.34
N ILE B 533 -16.55 27.15 2.71
CA ILE B 533 -17.77 26.56 3.26
C ILE B 533 -18.22 25.41 2.41
N GLN B 534 -18.68 24.35 3.06
CA GLN B 534 -19.30 23.20 2.43
C GLN B 534 -20.63 22.93 3.10
N SER B 535 -21.55 22.34 2.34
CA SER B 535 -22.88 22.03 2.87
C SER B 535 -22.89 20.72 3.61
N ASP C 1 16.37 -29.61 -21.59
CA ASP C 1 16.48 -29.41 -23.03
C ASP C 1 17.00 -28.02 -23.37
N VAL C 2 17.55 -27.89 -24.56
CA VAL C 2 18.21 -26.66 -25.00
C VAL C 2 17.19 -25.60 -25.38
N PRO C 3 17.46 -24.33 -25.11
CA PRO C 3 16.60 -23.26 -25.63
C PRO C 3 16.66 -23.19 -27.15
N THR C 4 15.56 -22.74 -27.74
CA THR C 4 15.45 -22.58 -29.18
C THR C 4 15.43 -21.10 -29.54
N PRO C 5 15.88 -20.73 -30.75
CA PRO C 5 16.15 -19.32 -31.06
C PRO C 5 15.01 -18.33 -30.83
N TRP C 6 13.88 -18.46 -31.51
CA TRP C 6 12.76 -17.57 -31.27
C TRP C 6 11.68 -18.34 -30.52
N GLY C 7 11.84 -18.44 -29.22
CA GLY C 7 10.90 -19.16 -28.39
C GLY C 7 9.77 -18.29 -27.94
N ILE C 8 8.62 -18.93 -27.73
CA ILE C 8 7.43 -18.22 -27.29
C ILE C 8 6.83 -18.91 -26.07
N PHE C 9 7.20 -20.16 -25.85
CA PHE C 9 6.51 -20.97 -24.86
C PHE C 9 7.53 -21.88 -24.18
N PHE C 10 7.05 -22.71 -23.27
CA PHE C 10 7.89 -23.52 -22.40
C PHE C 10 8.81 -24.43 -23.20
N GLN C 11 9.84 -24.92 -22.53
CA GLN C 11 10.67 -25.97 -23.07
C GLN C 11 9.94 -27.30 -22.96
N ASP C 12 10.48 -28.33 -23.59
CA ASP C 12 9.85 -29.64 -23.56
C ASP C 12 10.15 -30.34 -22.24
N SER C 13 9.16 -31.04 -21.74
CA SER C 13 9.20 -31.63 -20.41
C SER C 13 9.77 -33.04 -20.43
N ALA C 14 10.34 -33.44 -19.30
CA ALA C 14 10.85 -34.80 -19.15
C ALA C 14 10.50 -35.39 -17.78
N THR C 15 9.63 -34.74 -17.01
CA THR C 15 9.26 -35.19 -15.68
C THR C 15 7.78 -34.90 -15.47
N PRO C 16 7.09 -35.71 -14.66
CA PRO C 16 5.68 -35.43 -14.36
C PRO C 16 5.43 -34.07 -13.73
N ASN C 17 6.37 -33.58 -12.92
CA ASN C 17 6.17 -32.29 -12.26
C ASN C 17 6.07 -31.15 -13.26
N MET C 18 6.91 -31.15 -14.30
CA MET C 18 6.84 -30.08 -15.28
C MET C 18 5.55 -30.16 -16.10
N GLU C 19 5.07 -31.37 -16.36
CA GLU C 19 3.78 -31.52 -17.00
C GLU C 19 2.65 -30.97 -16.16
N GLY C 20 2.69 -31.20 -14.84
CA GLY C 20 1.70 -30.57 -13.98
C GLY C 20 1.79 -29.06 -14.00
N ILE C 21 3.01 -28.50 -14.01
CA ILE C 21 3.15 -27.05 -14.07
C ILE C 21 2.54 -26.49 -15.36
N ILE C 22 2.83 -27.15 -16.49
CA ILE C 22 2.28 -26.70 -17.77
C ILE C 22 0.77 -26.78 -17.77
N GLU C 23 0.21 -27.87 -17.26
CA GLU C 23 -1.24 -28.03 -17.26
C GLU C 23 -1.91 -26.98 -16.37
N LEU C 24 -1.34 -26.71 -15.20
CA LEU C 24 -1.93 -25.69 -14.33
C LEU C 24 -1.84 -24.31 -14.95
N HIS C 25 -0.71 -23.99 -15.59
CA HIS C 25 -0.56 -22.70 -16.25
C HIS C 25 -1.60 -22.53 -17.36
N ASN C 26 -1.78 -23.57 -18.17
CA ASN C 26 -2.76 -23.49 -19.24
C ASN C 26 -4.18 -23.45 -18.71
N ASN C 27 -4.42 -23.99 -17.51
CA ASN C 27 -5.73 -23.87 -16.89
C ASN C 27 -6.02 -22.45 -16.42
N ILE C 28 -5.02 -21.78 -15.84
CA ILE C 28 -5.21 -20.41 -15.37
C ILE C 28 -5.36 -19.45 -16.54
N MET C 29 -4.62 -19.70 -17.63
CA MET C 29 -4.64 -18.78 -18.77
C MET C 29 -6.02 -18.71 -19.39
N PHE C 30 -6.83 -19.76 -19.25
CA PHE C 30 -8.21 -19.75 -19.72
C PHE C 30 -8.98 -18.56 -19.13
N TYR C 31 -9.02 -18.49 -17.81
CA TYR C 31 -9.76 -17.42 -17.15
C TYR C 31 -9.11 -16.07 -17.38
N LEU C 32 -7.78 -16.03 -17.42
CA LEU C 32 -7.12 -14.75 -17.68
C LEU C 32 -7.45 -14.19 -19.07
N VAL C 33 -7.46 -15.03 -20.10
CA VAL C 33 -7.91 -14.61 -21.42
C VAL C 33 -9.36 -14.17 -21.43
N LEU C 34 -10.24 -14.88 -20.70
CA LEU C 34 -11.62 -14.44 -20.59
C LEU C 34 -11.73 -13.02 -20.05
N ILE C 35 -11.05 -12.73 -18.95
CA ILE C 35 -11.14 -11.41 -18.35
C ILE C 35 -10.53 -10.33 -19.24
N LEU C 36 -9.39 -10.61 -19.86
CA LEU C 36 -8.80 -9.62 -20.75
C LEU C 36 -9.70 -9.30 -21.94
N THR C 37 -10.32 -10.33 -22.53
CA THR C 37 -11.23 -10.08 -23.64
C THR C 37 -12.44 -9.28 -23.21
N PHE C 38 -12.98 -9.55 -22.02
CA PHE C 38 -14.10 -8.77 -21.52
C PHE C 38 -13.74 -7.29 -21.38
N VAL C 39 -12.63 -7.01 -20.70
CA VAL C 39 -12.26 -5.61 -20.48
C VAL C 39 -11.98 -4.90 -21.81
N SER C 40 -11.28 -5.58 -22.73
CA SER C 40 -10.99 -4.98 -24.02
C SER C 40 -12.26 -4.69 -24.80
N TYR C 41 -13.24 -5.60 -24.77
CA TYR C 41 -14.48 -5.36 -25.49
C TYR C 41 -15.23 -4.18 -24.92
N ILE C 42 -15.26 -4.04 -23.58
CA ILE C 42 -15.99 -2.89 -23.05
C ILE C 42 -15.28 -1.58 -23.37
N LEU C 43 -13.94 -1.58 -23.38
CA LEU C 43 -13.26 -0.36 -23.83
C LEU C 43 -13.56 -0.04 -25.29
N TYR C 44 -13.63 -1.07 -26.14
CA TYR C 44 -13.98 -0.85 -27.54
C TYR C 44 -15.39 -0.27 -27.67
N THR C 45 -16.34 -0.80 -26.91
CA THR C 45 -17.70 -0.29 -26.94
C THR C 45 -17.74 1.16 -26.50
N ILE C 46 -16.99 1.50 -25.46
CA ILE C 46 -16.95 2.87 -24.97
C ILE C 46 -16.41 3.81 -26.05
N ILE C 47 -15.32 3.42 -26.71
CA ILE C 47 -14.76 4.29 -27.74
C ILE C 47 -15.68 4.40 -28.95
N TYR C 48 -16.38 3.34 -29.30
CA TYR C 48 -17.17 3.31 -30.53
C TYR C 48 -18.53 3.98 -30.39
N ASN C 49 -19.18 3.87 -29.23
CA ASN C 49 -20.51 4.44 -29.05
C ASN C 49 -20.51 5.81 -28.40
N TYR C 50 -19.64 6.04 -27.42
CA TYR C 50 -19.79 7.14 -26.47
C TYR C 50 -18.66 8.15 -26.58
N SER C 51 -18.14 8.35 -27.78
CA SER C 51 -17.07 9.32 -28.01
C SER C 51 -17.70 10.58 -28.58
N ASN C 52 -17.59 11.68 -27.84
CA ASN C 52 -18.22 12.94 -28.20
C ASN C 52 -19.73 12.77 -28.36
N ALA C 53 -20.36 12.35 -27.28
CA ALA C 53 -21.78 12.05 -27.27
C ALA C 53 -22.54 13.23 -26.70
N THR C 54 -23.73 13.45 -27.25
CA THR C 54 -24.54 14.59 -26.84
C THR C 54 -25.21 14.38 -25.49
N ILE C 55 -25.58 13.14 -25.17
CA ILE C 55 -26.32 12.85 -23.95
C ILE C 55 -25.34 12.28 -22.92
N VAL C 56 -25.35 12.86 -21.73
CA VAL C 56 -24.49 12.43 -20.64
C VAL C 56 -25.37 11.94 -19.51
N HIS C 57 -25.26 10.65 -19.19
CA HIS C 57 -26.05 10.01 -18.15
C HIS C 57 -25.36 10.23 -16.81
N LYS C 58 -25.62 11.38 -16.21
CA LYS C 58 -24.92 11.78 -15.01
C LYS C 58 -25.65 11.36 -13.74
N TYR C 59 -26.60 10.44 -13.84
CA TYR C 59 -27.36 9.98 -12.69
C TYR C 59 -27.27 8.48 -12.48
N MET C 60 -26.50 7.77 -13.31
CA MET C 60 -26.23 6.35 -13.06
C MET C 60 -24.93 6.28 -12.27
N ASN C 61 -25.04 6.26 -10.95
CA ASN C 61 -23.83 6.34 -10.14
C ASN C 61 -23.83 5.35 -8.97
N HIS C 62 -24.87 4.52 -8.81
CA HIS C 62 -24.95 3.71 -7.61
C HIS C 62 -24.80 2.25 -7.95
N GLY C 63 -25.76 1.63 -8.62
CA GLY C 63 -25.68 0.21 -8.88
C GLY C 63 -25.91 -0.61 -7.61
N GLN C 64 -26.70 -1.67 -7.67
CA GLN C 64 -26.65 -2.57 -6.52
C GLN C 64 -26.50 -4.04 -6.92
N LEU C 65 -27.17 -4.48 -7.97
CA LEU C 65 -27.00 -5.85 -8.43
C LEU C 65 -25.68 -6.01 -9.18
N ILE C 66 -25.29 -4.99 -9.94
CA ILE C 66 -24.05 -5.07 -10.70
C ILE C 66 -22.85 -5.06 -9.76
N GLU C 67 -22.98 -4.40 -8.62
CA GLU C 67 -21.88 -4.34 -7.67
C GLU C 67 -21.67 -5.65 -6.93
N ILE C 68 -22.72 -6.46 -6.78
CA ILE C 68 -22.55 -7.79 -6.19
C ILE C 68 -22.03 -8.78 -7.22
N VAL C 69 -22.16 -8.47 -8.52
CA VAL C 69 -21.75 -9.40 -9.56
C VAL C 69 -20.26 -9.31 -9.88
N TRP C 70 -19.62 -8.15 -9.68
CA TRP C 70 -18.17 -8.10 -9.81
C TRP C 70 -17.44 -8.27 -8.48
N THR C 71 -18.16 -8.61 -7.41
CA THR C 71 -17.52 -9.00 -6.17
C THR C 71 -17.62 -10.50 -5.90
N THR C 72 -18.57 -11.19 -6.51
CA THR C 72 -18.74 -12.62 -6.34
C THR C 72 -18.17 -13.44 -7.49
N LEU C 73 -18.27 -12.95 -8.72
CA LEU C 73 -17.77 -13.70 -9.87
C LEU C 73 -16.26 -13.89 -9.83
N PRO C 74 -15.47 -12.84 -9.60
CA PRO C 74 -14.01 -13.05 -9.48
C PRO C 74 -13.63 -13.97 -8.32
N ALA C 75 -14.43 -14.02 -7.26
CA ALA C 75 -14.14 -14.95 -6.17
C ALA C 75 -14.29 -16.40 -6.61
N VAL C 76 -15.33 -16.69 -7.40
CA VAL C 76 -15.57 -18.05 -7.85
C VAL C 76 -14.42 -18.55 -8.70
N ILE C 77 -13.90 -17.67 -9.57
CA ILE C 77 -12.74 -18.02 -10.37
C ILE C 77 -11.54 -18.33 -9.48
N LEU C 78 -11.37 -17.58 -8.40
CA LEU C 78 -10.25 -17.83 -7.50
C LEU C 78 -10.38 -19.19 -6.82
N LEU C 79 -11.58 -19.57 -6.39
CA LEU C 79 -11.76 -20.91 -5.83
C LEU C 79 -11.49 -21.99 -6.88
N ILE C 80 -11.98 -21.79 -8.10
CA ILE C 80 -11.77 -22.78 -9.15
C ILE C 80 -10.29 -22.95 -9.45
N ILE C 81 -9.52 -21.87 -9.42
CA ILE C 81 -8.08 -21.98 -9.61
C ILE C 81 -7.43 -22.63 -8.40
N ALA C 82 -7.92 -22.33 -7.19
CA ALA C 82 -7.27 -22.79 -5.97
C ALA C 82 -7.41 -24.28 -5.75
N PHE C 83 -8.48 -24.90 -6.27
CA PHE C 83 -8.64 -26.34 -6.11
C PHE C 83 -7.46 -27.11 -6.71
N PRO C 84 -7.20 -27.03 -8.02
CA PRO C 84 -6.07 -27.79 -8.59
C PRO C 84 -4.73 -27.40 -8.02
N SER C 85 -4.57 -26.14 -7.62
CA SER C 85 -3.30 -25.72 -7.04
C SER C 85 -3.00 -26.48 -5.75
N PHE C 86 -4.01 -26.62 -4.88
CA PHE C 86 -3.80 -27.34 -3.64
C PHE C 86 -3.60 -28.83 -3.88
N ILE C 87 -4.36 -29.40 -4.82
CA ILE C 87 -4.17 -30.82 -5.14
C ILE C 87 -2.75 -31.07 -5.63
N LEU C 88 -2.25 -30.23 -6.53
CA LEU C 88 -0.88 -30.40 -7.02
C LEU C 88 0.16 -30.13 -5.94
N LEU C 89 -0.10 -29.15 -5.07
CA LEU C 89 0.86 -28.80 -4.03
C LEU C 89 1.05 -29.94 -3.05
N TYR C 90 -0.03 -30.62 -2.70
CA TYR C 90 0.06 -31.66 -1.69
C TYR C 90 0.29 -33.05 -2.27
N LEU C 91 -0.03 -33.28 -3.55
CA LEU C 91 0.04 -34.61 -4.11
C LEU C 91 1.45 -34.98 -4.56
N CYS C 92 1.99 -34.25 -5.54
CA CYS C 92 3.17 -34.70 -6.28
C CYS C 92 4.43 -34.45 -5.45
N ASP C 93 5.05 -35.53 -5.01
CA ASP C 93 6.31 -35.49 -4.28
C ASP C 93 6.86 -36.90 -4.18
N GLU C 94 7.98 -37.06 -3.46
CA GLU C 94 8.63 -38.36 -3.28
C GLU C 94 7.92 -39.12 -2.15
N VAL C 95 6.74 -39.65 -2.49
CA VAL C 95 5.94 -40.35 -1.49
C VAL C 95 6.60 -41.66 -1.07
N ILE C 96 7.21 -42.39 -2.00
CA ILE C 96 7.69 -43.74 -1.72
C ILE C 96 9.08 -43.92 -2.33
N SER C 97 10.02 -44.42 -1.52
CA SER C 97 11.26 -45.05 -1.94
C SER C 97 12.10 -44.23 -2.92
N PRO C 98 12.72 -43.14 -2.49
CA PRO C 98 13.74 -42.51 -3.32
C PRO C 98 14.89 -43.48 -3.58
N ALA C 99 15.46 -43.40 -4.77
CA ALA C 99 16.34 -44.45 -5.25
C ALA C 99 17.77 -44.00 -5.51
N MET C 100 18.07 -42.71 -5.44
CA MET C 100 19.43 -42.26 -5.69
C MET C 100 19.56 -40.85 -5.16
N THR C 101 20.76 -40.51 -4.68
CA THR C 101 20.99 -39.24 -4.01
C THR C 101 22.25 -38.59 -4.55
N ILE C 102 22.13 -37.34 -4.97
CA ILE C 102 23.24 -36.57 -5.51
C ILE C 102 23.32 -35.26 -4.76
N LYS C 103 24.45 -35.00 -4.11
CA LYS C 103 24.68 -33.77 -3.39
C LYS C 103 25.33 -32.76 -4.34
N ALA C 104 24.66 -31.64 -4.55
CA ALA C 104 25.11 -30.60 -5.47
C ALA C 104 25.50 -29.37 -4.64
N ILE C 105 26.79 -29.26 -4.34
CA ILE C 105 27.30 -28.14 -3.57
C ILE C 105 27.71 -27.04 -4.54
N GLY C 106 27.14 -25.85 -4.34
CA GLY C 106 27.41 -24.76 -5.24
C GLY C 106 28.49 -23.84 -4.71
N LEU C 107 29.68 -23.96 -5.25
CA LEU C 107 30.78 -23.07 -4.87
C LEU C 107 30.57 -21.74 -5.57
N GLN C 108 31.61 -20.91 -5.59
CA GLN C 108 31.46 -19.56 -6.14
C GLN C 108 31.05 -19.61 -7.60
N TRP C 109 31.91 -20.15 -8.47
CA TRP C 109 31.62 -20.11 -9.89
C TRP C 109 31.83 -21.46 -10.56
N TYR C 110 31.49 -22.56 -9.86
CA TYR C 110 31.43 -23.89 -10.45
C TYR C 110 30.52 -24.73 -9.57
N TRP C 111 30.32 -25.99 -9.94
CA TRP C 111 29.47 -26.89 -9.17
C TRP C 111 30.28 -28.10 -8.73
N LYS C 112 29.88 -28.70 -7.60
CA LYS C 112 30.55 -29.88 -7.06
C LYS C 112 29.50 -30.95 -6.82
N TYR C 113 29.68 -32.12 -7.42
CA TYR C 113 28.70 -33.19 -7.31
C TYR C 113 29.30 -34.38 -6.58
N GLU C 114 28.56 -34.89 -5.60
CA GLU C 114 28.90 -36.11 -4.89
C GLU C 114 27.75 -37.10 -5.02
N TYR C 115 28.08 -38.39 -5.15
CA TYR C 115 27.09 -39.45 -5.20
C TYR C 115 27.17 -40.21 -3.90
N SER C 116 26.16 -40.04 -3.04
CA SER C 116 26.23 -40.50 -1.66
C SER C 116 26.27 -42.01 -1.52
N ASP C 117 25.90 -42.75 -2.55
CA ASP C 117 26.05 -44.20 -2.53
C ASP C 117 27.39 -44.56 -3.15
N PHE C 118 27.60 -45.84 -3.44
CA PHE C 118 28.82 -46.29 -4.12
C PHE C 118 30.05 -46.08 -3.24
N ILE C 119 29.92 -46.40 -1.96
CA ILE C 119 30.96 -46.15 -0.97
C ILE C 119 31.71 -47.43 -0.67
N ASN C 120 33.04 -47.35 -0.66
CA ASN C 120 33.88 -48.46 -0.21
C ASN C 120 34.09 -48.38 1.30
N ASP C 121 34.81 -49.37 1.84
CA ASP C 121 35.09 -49.41 3.27
C ASP C 121 36.05 -48.30 3.72
N ASP C 122 36.80 -47.70 2.79
CA ASP C 122 37.79 -46.70 3.14
C ASP C 122 37.37 -45.28 2.79
N GLY C 123 36.17 -45.07 2.25
CA GLY C 123 35.72 -43.75 1.87
C GLY C 123 36.15 -43.36 0.46
N GLU C 124 35.74 -44.18 -0.52
CA GLU C 124 36.18 -43.98 -1.89
C GLU C 124 35.15 -43.21 -2.70
N ILE C 125 34.27 -42.47 -2.02
CA ILE C 125 33.04 -41.89 -2.58
C ILE C 125 33.28 -41.11 -3.86
N VAL C 126 32.47 -41.38 -4.88
CA VAL C 126 32.60 -40.77 -6.20
C VAL C 126 32.19 -39.31 -6.15
N GLU C 127 32.98 -38.46 -6.79
CA GLU C 127 32.85 -37.02 -6.68
C GLU C 127 33.53 -36.37 -7.87
N PHE C 128 32.99 -35.23 -8.31
CA PHE C 128 33.71 -34.44 -9.31
C PHE C 128 33.21 -33.01 -9.30
N GLU C 129 33.84 -32.19 -10.15
CA GLU C 129 33.56 -30.77 -10.24
C GLU C 129 33.25 -30.39 -11.68
N SER C 130 32.24 -29.55 -11.86
CA SER C 130 31.79 -29.11 -13.16
C SER C 130 32.11 -27.62 -13.33
N TYR C 131 32.86 -27.32 -14.40
CA TYR C 131 33.25 -25.99 -14.80
C TYR C 131 32.63 -25.67 -16.15
N VAL C 132 32.79 -24.43 -16.59
CA VAL C 132 32.29 -24.00 -17.88
C VAL C 132 33.42 -24.03 -18.90
N ILE C 133 33.11 -24.48 -20.11
CA ILE C 133 34.09 -24.47 -21.19
C ILE C 133 34.16 -23.06 -21.78
N PRO C 134 35.31 -22.40 -21.73
CA PRO C 134 35.40 -21.04 -22.26
C PRO C 134 35.21 -21.02 -23.76
N GLU C 135 34.95 -19.82 -24.27
CA GLU C 135 34.70 -19.67 -25.70
C GLU C 135 35.91 -20.07 -26.54
N GLU C 136 37.12 -19.80 -26.04
CA GLU C 136 38.31 -20.09 -26.83
C GLU C 136 38.53 -21.59 -26.98
N LEU C 137 38.14 -22.37 -25.99
CA LEU C 137 38.40 -23.80 -25.97
C LEU C 137 37.19 -24.64 -26.38
N LEU C 138 36.15 -24.02 -26.93
CA LEU C 138 35.02 -24.78 -27.43
C LEU C 138 35.42 -25.58 -28.68
N GLU C 139 34.87 -26.78 -28.80
CA GLU C 139 35.07 -27.61 -29.97
C GLU C 139 33.98 -27.29 -30.98
N ASP C 140 34.02 -27.99 -32.11
CA ASP C 140 33.08 -27.72 -33.18
C ASP C 140 31.67 -28.12 -32.76
N GLY C 141 30.81 -27.13 -32.59
CA GLY C 141 29.40 -27.36 -32.33
C GLY C 141 28.97 -27.24 -30.89
N GLN C 142 29.90 -27.08 -29.94
CA GLN C 142 29.48 -27.02 -28.56
C GLN C 142 28.80 -25.68 -28.27
N LEU C 143 27.89 -25.71 -27.31
CA LEU C 143 27.03 -24.58 -27.02
C LEU C 143 27.76 -23.61 -26.12
N ARG C 144 27.66 -22.32 -26.41
CA ARG C 144 28.38 -21.31 -25.67
C ARG C 144 27.62 -20.95 -24.40
N LEU C 145 28.34 -20.92 -23.28
CA LEU C 145 27.83 -20.56 -21.97
C LEU C 145 26.84 -21.56 -21.39
N LEU C 146 26.78 -22.77 -21.94
CA LEU C 146 25.98 -23.85 -21.36
C LEU C 146 26.70 -25.18 -21.27
N ASP C 147 27.85 -25.34 -21.91
CA ASP C 147 28.48 -26.65 -22.04
C ASP C 147 29.60 -26.76 -21.01
N VAL C 148 29.63 -27.88 -20.30
CA VAL C 148 30.54 -28.07 -19.18
C VAL C 148 31.49 -29.21 -19.49
N ASP C 149 32.61 -29.26 -18.75
CA ASP C 149 33.61 -30.29 -18.99
C ASP C 149 33.19 -31.64 -18.41
N ALA C 150 32.54 -31.63 -17.24
CA ALA C 150 32.01 -32.83 -16.64
C ALA C 150 30.52 -32.63 -16.39
N SER C 151 29.72 -33.60 -16.81
CA SER C 151 28.27 -33.49 -16.77
C SER C 151 27.69 -34.55 -15.84
N VAL C 152 26.64 -34.16 -15.13
CA VAL C 152 25.94 -35.12 -14.28
C VAL C 152 25.28 -36.16 -15.16
N VAL C 153 25.49 -37.44 -14.83
CA VAL C 153 24.95 -38.54 -15.62
C VAL C 153 24.10 -39.40 -14.70
N VAL C 154 22.85 -39.65 -15.11
CA VAL C 154 21.90 -40.37 -14.28
C VAL C 154 21.10 -41.35 -15.15
N PRO C 155 20.57 -42.42 -14.58
CA PRO C 155 19.75 -43.34 -15.36
C PRO C 155 18.39 -42.76 -15.66
N VAL C 156 17.74 -43.35 -16.65
CA VAL C 156 16.36 -43.01 -16.96
C VAL C 156 15.44 -43.86 -16.10
N ASP C 157 14.28 -43.28 -15.74
CA ASP C 157 13.26 -43.99 -14.99
C ASP C 157 13.75 -44.39 -13.60
N THR C 158 14.45 -43.47 -12.94
CA THR C 158 14.87 -43.67 -11.56
C THR C 158 14.67 -42.38 -10.78
N HIS C 159 14.09 -42.47 -9.59
CA HIS C 159 13.97 -41.29 -8.75
C HIS C 159 15.35 -40.79 -8.35
N ILE C 160 15.59 -39.50 -8.54
CA ILE C 160 16.85 -38.86 -8.20
C ILE C 160 16.54 -37.74 -7.22
N ARG C 161 17.16 -37.79 -6.06
CA ARG C 161 16.94 -36.80 -5.00
C ARG C 161 18.19 -35.94 -4.86
N PHE C 162 18.06 -34.66 -5.18
CA PHE C 162 19.15 -33.70 -5.12
C PHE C 162 19.10 -33.00 -3.77
N ILE C 163 20.24 -32.97 -3.08
CA ILE C 163 20.41 -32.22 -1.85
C ILE C 163 21.36 -31.06 -2.16
N VAL C 164 20.85 -29.84 -2.02
CA VAL C 164 21.52 -28.64 -2.47
C VAL C 164 21.96 -27.85 -1.26
N SER C 165 23.26 -27.52 -1.22
CA SER C 165 23.83 -26.63 -0.23
C SER C 165 24.84 -25.70 -0.91
N SER C 166 25.39 -24.74 -0.19
CA SER C 166 26.33 -23.81 -0.78
C SER C 166 27.50 -23.61 0.17
N ALA C 167 28.61 -23.17 -0.39
CA ALA C 167 29.82 -22.93 0.39
C ALA C 167 30.16 -21.47 0.58
N ASP C 168 29.76 -20.59 -0.34
CA ASP C 168 30.08 -19.17 -0.25
C ASP C 168 28.85 -18.29 -0.11
N VAL C 169 27.96 -18.30 -1.09
CA VAL C 169 26.83 -17.37 -1.16
C VAL C 169 25.61 -18.11 -1.68
N ILE C 170 24.51 -17.39 -1.87
CA ILE C 170 23.23 -18.01 -2.22
C ILE C 170 23.16 -18.23 -3.72
N HIS C 171 23.13 -19.49 -4.14
CA HIS C 171 23.05 -19.92 -5.53
C HIS C 171 21.66 -20.48 -5.79
N ASP C 172 21.46 -21.08 -6.97
CA ASP C 172 20.17 -21.68 -7.28
C ASP C 172 20.36 -22.79 -8.31
N PHE C 173 20.01 -24.01 -7.92
CA PHE C 173 20.05 -25.14 -8.82
C PHE C 173 18.80 -25.16 -9.70
N CYS C 174 18.98 -25.04 -11.01
CA CYS C 174 17.84 -24.89 -11.91
C CYS C 174 18.10 -25.65 -13.20
N VAL C 175 17.23 -26.61 -13.51
CA VAL C 175 17.19 -27.26 -14.81
C VAL C 175 15.74 -27.18 -15.32
N PRO C 176 15.43 -26.21 -16.20
CA PRO C 176 14.03 -25.90 -16.53
C PRO C 176 13.19 -27.06 -17.03
N ALA C 177 13.75 -27.88 -17.93
CA ALA C 177 13.00 -28.95 -18.56
C ALA C 177 12.52 -29.98 -17.54
N LEU C 178 13.28 -30.19 -16.47
CA LEU C 178 12.92 -31.17 -15.45
C LEU C 178 12.09 -30.58 -14.33
N GLY C 179 11.82 -29.28 -14.34
CA GLY C 179 11.02 -28.67 -13.30
C GLY C 179 11.68 -28.65 -11.94
N VAL C 180 12.97 -28.34 -11.87
CA VAL C 180 13.71 -28.27 -10.62
C VAL C 180 14.31 -26.88 -10.47
N LYS C 181 13.92 -26.18 -9.41
CA LYS C 181 14.49 -24.88 -9.03
C LYS C 181 14.50 -24.79 -7.52
N VAL C 182 15.64 -25.13 -6.93
CA VAL C 182 15.82 -25.06 -5.49
C VAL C 182 16.96 -24.08 -5.19
N ASP C 183 16.91 -23.48 -4.00
CA ASP C 183 17.88 -22.50 -3.58
C ASP C 183 18.97 -23.18 -2.74
N ALA C 184 20.11 -22.52 -2.64
CA ALA C 184 21.29 -23.09 -1.99
C ALA C 184 21.87 -22.05 -1.04
N SER C 185 21.41 -22.05 0.20
CA SER C 185 21.88 -21.09 1.19
C SER C 185 23.02 -21.70 1.99
N PRO C 186 23.84 -20.85 2.62
CA PRO C 186 25.13 -21.33 3.15
C PRO C 186 25.03 -22.18 4.41
N GLY C 187 23.88 -22.28 5.06
CA GLY C 187 23.83 -23.01 6.30
C GLY C 187 22.66 -23.95 6.46
N ARG C 188 22.08 -24.38 5.34
CA ARG C 188 20.95 -25.28 5.35
C ARG C 188 21.00 -26.18 4.14
N LEU C 189 20.31 -27.32 4.23
CA LEU C 189 20.25 -28.30 3.17
C LEU C 189 18.85 -28.33 2.58
N ASN C 190 18.75 -28.11 1.28
CA ASN C 190 17.46 -28.14 0.59
C ASN C 190 17.40 -29.38 -0.28
N GLN C 191 16.20 -29.79 -0.66
CA GLN C 191 16.06 -31.03 -1.39
C GLN C 191 15.00 -30.93 -2.47
N THR C 192 15.26 -31.56 -3.61
CA THR C 192 14.31 -31.70 -4.70
C THR C 192 14.39 -33.12 -5.24
N SER C 193 13.42 -33.48 -6.06
CA SER C 193 13.36 -34.80 -6.65
C SER C 193 12.99 -34.72 -8.12
N ALA C 194 13.44 -35.69 -8.90
CA ALA C 194 13.13 -35.75 -10.32
C ALA C 194 13.06 -37.18 -10.80
N LEU C 195 12.10 -37.46 -11.67
CA LEU C 195 12.02 -38.72 -12.40
C LEU C 195 12.02 -38.41 -13.89
N ILE C 196 12.98 -38.96 -14.62
CA ILE C 196 13.22 -38.62 -16.01
C ILE C 196 12.67 -39.74 -16.88
N GLN C 197 11.82 -39.38 -17.84
CA GLN C 197 11.10 -40.36 -18.62
C GLN C 197 11.75 -40.71 -19.95
N ARG C 198 12.66 -39.89 -20.45
CA ARG C 198 13.32 -40.17 -21.72
C ARG C 198 14.79 -39.77 -21.64
N GLU C 199 15.59 -40.39 -22.51
CA GLU C 199 17.01 -40.12 -22.58
C GLU C 199 17.29 -38.86 -23.38
N GLY C 200 18.38 -38.18 -23.02
CA GLY C 200 18.74 -36.95 -23.68
C GLY C 200 19.65 -36.13 -22.80
N VAL C 201 19.84 -34.86 -23.21
CA VAL C 201 20.68 -33.92 -22.51
C VAL C 201 19.84 -32.70 -22.13
N TYR C 202 19.98 -32.26 -20.87
CA TYR C 202 19.13 -31.21 -20.31
C TYR C 202 20.04 -30.14 -19.73
N TYR C 203 19.89 -28.92 -20.22
CA TYR C 203 20.75 -27.80 -19.84
C TYR C 203 20.02 -26.86 -18.90
N GLY C 204 20.78 -26.20 -18.06
CA GLY C 204 20.20 -25.29 -17.09
C GLY C 204 21.23 -24.28 -16.63
N GLN C 205 20.75 -23.30 -15.88
CA GLN C 205 21.55 -22.14 -15.53
C GLN C 205 21.24 -21.74 -14.09
N CYS C 206 22.21 -21.08 -13.46
CA CYS C 206 22.00 -20.60 -12.11
C CYS C 206 20.99 -19.46 -12.13
N SER C 207 20.35 -19.25 -10.99
CA SER C 207 19.28 -18.26 -10.89
C SER C 207 19.61 -17.09 -9.98
N GLU C 208 19.98 -17.34 -8.73
CA GLU C 208 20.24 -16.26 -7.80
C GLU C 208 21.59 -15.61 -8.08
N LEU C 209 21.69 -14.33 -7.77
CA LEU C 209 22.91 -13.58 -8.04
C LEU C 209 24.02 -13.99 -7.07
N CYS C 210 25.23 -14.14 -7.59
CA CYS C 210 26.37 -14.54 -6.78
C CYS C 210 27.62 -13.73 -7.03
N GLY C 211 27.61 -12.80 -7.97
CA GLY C 211 28.77 -11.96 -8.16
C GLY C 211 29.13 -11.71 -9.60
N VAL C 212 30.44 -11.70 -9.88
CA VAL C 212 30.94 -11.33 -11.19
C VAL C 212 30.52 -12.34 -12.23
N MET C 213 30.93 -13.60 -12.06
CA MET C 213 30.70 -14.62 -13.09
C MET C 213 29.52 -15.50 -12.68
N HIS C 214 28.37 -14.84 -12.54
CA HIS C 214 27.09 -15.50 -12.35
C HIS C 214 26.51 -15.97 -13.67
N SER C 215 27.02 -15.45 -14.78
CA SER C 215 26.62 -15.86 -16.11
C SER C 215 27.27 -17.16 -16.55
N ALA C 216 28.33 -17.60 -15.87
CA ALA C 216 29.05 -18.82 -16.22
C ALA C 216 28.94 -19.79 -15.05
N MET C 217 27.85 -20.54 -15.01
CA MET C 217 27.64 -21.62 -14.06
C MET C 217 26.59 -22.59 -14.60
N PRO C 218 26.83 -23.22 -15.74
CA PRO C 218 25.80 -24.08 -16.34
C PRO C 218 25.67 -25.39 -15.59
N ILE C 219 24.51 -26.02 -15.78
CA ILE C 219 24.25 -27.37 -15.29
C ILE C 219 23.87 -28.23 -16.48
N LYS C 220 24.46 -29.41 -16.56
CA LYS C 220 24.19 -30.31 -17.68
C LYS C 220 23.91 -31.71 -17.14
N ILE C 221 22.72 -32.23 -17.45
CA ILE C 221 22.25 -33.51 -16.94
C ILE C 221 21.99 -34.43 -18.12
N GLU C 222 22.66 -35.57 -18.14
CA GLU C 222 22.40 -36.60 -19.12
C GLU C 222 21.60 -37.73 -18.49
N ALA C 223 20.69 -38.30 -19.27
CA ALA C 223 19.85 -39.41 -18.84
C ALA C 223 20.22 -40.60 -19.72
N VAL C 224 21.22 -41.34 -19.28
CA VAL C 224 21.68 -42.52 -20.01
C VAL C 224 20.88 -43.73 -19.57
N SER C 225 20.95 -44.82 -20.33
CA SER C 225 20.33 -46.07 -19.94
C SER C 225 21.13 -46.69 -18.80
N LEU C 226 20.59 -47.74 -18.19
CA LEU C 226 21.23 -48.34 -17.03
C LEU C 226 22.56 -48.97 -17.34
N TYR C 227 22.70 -49.61 -18.49
CA TYR C 227 23.96 -50.23 -18.86
C TYR C 227 25.05 -49.18 -19.03
N GLU C 228 24.74 -48.07 -19.69
CA GLU C 228 25.74 -47.02 -19.88
C GLU C 228 26.08 -46.35 -18.56
N PHE C 229 25.11 -46.24 -17.65
CA PHE C 229 25.41 -45.72 -16.32
C PHE C 229 26.36 -46.64 -15.58
N ILE C 230 26.17 -47.95 -15.68
CA ILE C 230 27.06 -48.88 -15.01
C ILE C 230 28.46 -48.80 -15.60
N ASN C 231 28.56 -48.65 -16.93
CA ASN C 231 29.88 -48.56 -17.55
C ASN C 231 30.58 -47.25 -17.19
N TRP C 232 29.81 -46.15 -17.13
CA TRP C 232 30.34 -44.87 -16.69
C TRP C 232 30.83 -44.93 -15.25
N LEU C 233 30.05 -45.52 -14.36
CA LEU C 233 30.38 -45.54 -12.95
C LEU C 233 31.58 -46.42 -12.64
N ASP C 234 31.96 -47.30 -13.56
CA ASP C 234 33.05 -48.23 -13.36
C ASP C 234 34.36 -47.74 -13.96
N GLU C 235 34.40 -46.51 -14.44
CA GLU C 235 35.65 -45.87 -14.85
C GLU C 235 36.01 -44.72 -13.92
N GLN C 236 35.03 -44.04 -13.36
CA GLN C 236 35.28 -42.95 -12.43
C GLN C 236 35.72 -43.48 -11.07
N MET D 1 -17.91 35.58 13.24
CA MET D 1 -17.19 36.42 12.30
C MET D 1 -17.81 37.81 12.20
N ARG D 2 -18.76 38.11 13.08
CA ARG D 2 -19.39 39.41 13.15
C ARG D 2 -18.93 40.22 14.36
N ILE D 3 -17.86 39.77 15.03
CA ILE D 3 -17.21 40.58 16.05
C ILE D 3 -16.74 41.87 15.40
N GLN D 4 -16.63 42.94 16.21
CA GLN D 4 -16.47 44.28 15.65
C GLN D 4 -15.19 44.43 14.83
N ASN D 5 -14.03 44.30 15.46
CA ASN D 5 -12.76 44.41 14.75
C ASN D 5 -12.15 43.02 14.61
N ARG D 6 -12.71 42.24 13.68
CA ARG D 6 -12.28 40.87 13.50
C ARG D 6 -11.26 40.69 12.39
N GLU D 7 -11.18 41.62 11.44
CA GLU D 7 -10.21 41.50 10.36
C GLU D 7 -8.79 41.73 10.83
N ASN D 8 -8.62 42.34 12.01
CA ASN D 8 -7.31 42.65 12.56
C ASN D 8 -6.63 41.43 13.16
N LEU D 9 -7.31 40.30 13.24
CA LEU D 9 -6.75 39.06 13.77
C LEU D 9 -7.05 37.93 12.81
N GLN D 10 -6.22 36.89 12.85
CA GLN D 10 -6.29 35.77 11.92
C GLN D 10 -7.65 35.12 11.94
N LEU D 11 -8.11 34.62 10.80
CA LEU D 11 -9.47 34.13 10.65
C LEU D 11 -9.57 32.61 10.73
N PHE D 12 -8.47 31.93 11.07
CA PHE D 12 -8.43 30.49 11.19
C PHE D 12 -7.41 30.12 12.25
N PRO D 13 -7.61 29.03 12.98
CA PRO D 13 -6.72 28.73 14.11
C PRO D 13 -5.52 27.88 13.73
N PHE D 14 -4.70 28.34 12.80
CA PHE D 14 -3.59 27.52 12.34
C PHE D 14 -2.35 28.39 12.22
N HIS D 15 -1.20 27.73 12.35
CA HIS D 15 0.06 28.43 12.55
C HIS D 15 0.81 28.54 11.23
N LEU D 16 1.09 29.76 10.81
CA LEU D 16 1.85 30.03 9.60
C LEU D 16 3.29 30.30 10.01
N VAL D 17 4.13 29.26 9.94
CA VAL D 17 5.48 29.34 10.45
C VAL D 17 6.31 30.31 9.61
N THR D 18 7.11 31.13 10.28
CA THR D 18 8.01 32.02 9.56
C THR D 18 9.18 31.21 9.00
N ASN D 19 9.88 31.84 8.06
CA ASN D 19 10.96 31.18 7.34
C ASN D 19 12.13 30.91 8.27
N SER D 20 12.60 29.65 8.32
CA SER D 20 13.66 29.25 9.21
C SER D 20 14.77 28.50 8.46
N PRO D 21 16.00 28.56 8.95
CA PRO D 21 17.14 27.94 8.26
C PRO D 21 17.52 26.54 8.73
N TRP D 22 16.75 25.92 9.62
CA TRP D 22 17.18 24.70 10.29
C TRP D 22 17.03 23.43 9.46
N PRO D 23 15.96 23.28 8.65
CA PRO D 23 15.87 22.09 7.79
C PRO D 23 17.06 21.89 6.87
N LEU D 24 17.60 22.96 6.31
CA LEU D 24 18.78 22.84 5.45
C LEU D 24 20.01 22.43 6.27
N THR D 25 20.18 23.05 7.44
CA THR D 25 21.37 22.79 8.24
C THR D 25 21.39 21.36 8.76
N THR D 26 20.24 20.84 9.21
CA THR D 26 20.19 19.46 9.66
C THR D 26 20.51 18.51 8.51
N SER D 27 20.01 18.81 7.31
CA SER D 27 20.30 17.97 6.16
C SER D 27 21.78 17.96 5.84
N LEU D 28 22.43 19.12 5.85
CA LEU D 28 23.87 19.17 5.61
C LEU D 28 24.66 18.48 6.72
N ALA D 29 24.19 18.53 7.95
CA ALA D 29 24.86 17.80 9.03
C ALA D 29 24.74 16.30 8.87
N LEU D 30 23.56 15.82 8.47
CA LEU D 30 23.38 14.40 8.21
C LEU D 30 24.18 13.91 7.02
N MET D 31 24.32 14.73 5.98
CA MET D 31 25.20 14.36 4.87
C MET D 31 26.63 14.14 5.33
N SER D 32 27.16 15.07 6.12
CA SER D 32 28.52 14.93 6.61
C SER D 32 28.66 13.72 7.52
N LEU D 33 27.67 13.49 8.39
CA LEU D 33 27.71 12.31 9.24
C LEU D 33 27.74 11.03 8.41
N ALA D 34 26.88 10.93 7.41
CA ALA D 34 26.81 9.71 6.60
C ALA D 34 28.12 9.46 5.87
N LEU D 35 28.63 10.47 5.16
CA LEU D 35 29.85 10.26 4.40
C LEU D 35 31.06 10.02 5.30
N THR D 36 31.19 10.77 6.39
CA THR D 36 32.30 10.57 7.31
C THR D 36 32.26 9.21 8.00
N LEU D 37 31.07 8.73 8.39
CA LEU D 37 30.97 7.40 8.97
C LEU D 37 31.27 6.32 7.95
N GLY D 38 30.77 6.48 6.71
CA GLY D 38 31.02 5.47 5.70
C GLY D 38 32.45 5.43 5.24
N LEU D 39 33.21 6.51 5.43
CA LEU D 39 34.62 6.49 5.11
C LEU D 39 35.48 6.04 6.28
N THR D 40 35.29 6.60 7.48
CA THR D 40 36.15 6.30 8.63
C THR D 40 36.18 4.83 8.99
N MET D 41 35.14 4.06 8.66
CA MET D 41 35.17 2.63 8.90
C MET D 41 36.00 1.88 7.88
N HIS D 42 36.53 2.57 6.86
CA HIS D 42 37.24 1.90 5.78
C HIS D 42 38.50 2.66 5.40
N GLY D 43 39.15 3.31 6.35
CA GLY D 43 40.26 4.19 6.02
C GLY D 43 39.77 5.55 5.60
N TYR D 44 40.55 6.27 4.82
CA TYR D 44 40.11 7.48 4.14
C TYR D 44 39.88 8.68 5.06
N ILE D 45 39.90 8.50 6.37
CA ILE D 45 39.85 9.62 7.29
C ILE D 45 41.02 9.53 8.26
N GLY D 46 41.02 8.47 9.07
CA GLY D 46 42.07 8.32 10.07
C GLY D 46 41.72 8.98 11.39
N ASN D 47 41.50 10.28 11.36
CA ASN D 47 41.17 11.01 12.59
C ASN D 47 39.68 10.94 12.87
N HIS D 48 39.32 10.58 14.09
CA HIS D 48 37.92 10.48 14.49
C HIS D 48 37.37 11.75 15.11
N LEU D 49 37.97 12.90 14.82
CA LEU D 49 37.43 14.18 15.29
C LEU D 49 36.43 14.76 14.30
N TRP D 50 36.19 14.10 13.18
CA TRP D 50 35.20 14.58 12.23
C TRP D 50 33.83 13.97 12.50
N LEU D 51 33.79 12.68 12.82
CA LEU D 51 32.53 12.03 13.16
C LEU D 51 31.90 12.65 14.40
N PHE D 52 32.71 12.94 15.42
CA PHE D 52 32.20 13.56 16.63
C PHE D 52 31.65 14.96 16.35
N LEU D 53 32.34 15.72 15.51
CA LEU D 53 31.83 17.03 15.12
C LEU D 53 30.49 16.91 14.40
N ALA D 54 30.35 15.91 13.53
CA ALA D 54 29.09 15.71 12.82
C ALA D 54 27.94 15.41 13.79
N ILE D 55 28.19 14.52 14.75
CA ILE D 55 27.15 14.20 15.74
C ILE D 55 26.78 15.44 16.56
N SER D 56 27.79 16.21 16.97
CA SER D 56 27.52 17.42 17.74
C SER D 56 26.68 18.40 16.94
N LEU D 57 26.97 18.55 15.65
CA LEU D 57 26.19 19.45 14.82
C LEU D 57 24.75 18.99 14.67
N VAL D 58 24.52 17.69 14.50
CA VAL D 58 23.15 17.20 14.41
C VAL D 58 22.37 17.54 15.68
N LEU D 59 22.96 17.22 16.84
CA LEU D 59 22.27 17.48 18.11
C LEU D 59 22.00 18.96 18.30
N SER D 60 22.98 19.82 17.96
CA SER D 60 22.76 21.24 18.06
C SER D 60 21.65 21.72 17.13
N SER D 61 21.52 21.09 15.96
CA SER D 61 20.45 21.46 15.05
C SER D 61 19.08 21.15 15.64
N ILE D 62 18.91 19.97 16.24
CA ILE D 62 17.62 19.70 16.91
C ILE D 62 17.36 20.68 18.04
N PHE D 63 18.39 20.99 18.83
CA PHE D 63 18.20 21.94 19.93
C PHE D 63 17.76 23.30 19.43
N LEU D 64 18.33 23.75 18.32
CA LEU D 64 17.98 25.05 17.77
C LEU D 64 16.62 25.07 17.09
N TRP D 65 16.14 23.93 16.57
CA TRP D 65 14.72 23.86 16.20
C TRP D 65 13.84 24.07 17.42
N VAL D 66 14.12 23.33 18.48
CA VAL D 66 13.23 23.32 19.63
C VAL D 66 13.20 24.67 20.33
N ARG D 67 14.29 25.44 20.27
CA ARG D 67 14.22 26.83 20.73
C ARG D 67 13.10 27.59 20.03
N ASP D 68 13.06 27.52 18.70
CA ASP D 68 12.06 28.25 17.95
C ASP D 68 10.68 27.68 18.11
N VAL D 69 10.57 26.41 18.50
CA VAL D 69 9.26 25.84 18.82
C VAL D 69 8.82 26.19 20.23
N VAL D 70 9.72 26.68 21.09
CA VAL D 70 9.34 27.18 22.41
C VAL D 70 9.07 28.68 22.43
N ILE D 71 9.73 29.46 21.57
CA ILE D 71 9.44 30.89 21.48
C ILE D 71 8.11 31.16 20.81
N GLU D 72 7.54 30.17 20.14
CA GLU D 72 6.26 30.32 19.46
C GLU D 72 5.09 29.84 20.30
N GLY D 73 5.34 29.31 21.49
CA GLY D 73 4.27 28.83 22.34
C GLY D 73 4.18 29.56 23.66
N THR D 74 5.31 30.08 24.13
CA THR D 74 5.36 30.79 25.39
C THR D 74 5.46 32.31 25.21
N TYR D 75 5.99 32.79 24.09
CA TYR D 75 6.28 34.20 23.95
C TYR D 75 5.43 34.84 22.87
N LEU D 76 5.43 34.27 21.67
CA LEU D 76 4.63 34.82 20.59
C LEU D 76 3.15 34.50 20.79
N GLY D 77 2.86 33.27 21.22
CA GLY D 77 1.50 32.88 21.57
C GLY D 77 0.72 32.27 20.43
N ASP D 78 1.31 31.30 19.73
CA ASP D 78 0.64 30.61 18.64
C ASP D 78 0.65 29.11 18.93
N HIS D 79 -0.26 28.69 19.81
CA HIS D 79 -0.72 27.31 19.99
C HIS D 79 -2.16 27.40 20.49
N THR D 80 -3.09 27.36 19.55
CA THR D 80 -4.50 27.34 19.90
C THR D 80 -4.88 25.92 20.27
N ILE D 81 -6.18 25.66 20.40
CA ILE D 81 -6.61 24.32 20.73
C ILE D 81 -6.32 23.36 19.59
N ALA D 82 -6.41 23.84 18.34
CA ALA D 82 -6.20 22.96 17.20
C ALA D 82 -4.74 22.59 17.02
N VAL D 83 -3.83 23.57 17.12
CA VAL D 83 -2.41 23.29 16.95
C VAL D 83 -1.89 22.31 17.99
N ARG D 84 -2.36 22.42 19.23
CA ARG D 84 -1.98 21.48 20.27
C ARG D 84 -2.43 20.06 19.95
N LYS D 85 -3.65 19.90 19.44
CA LYS D 85 -4.12 18.58 19.05
C LYS D 85 -3.30 18.00 17.91
N GLY D 86 -2.93 18.84 16.93
CA GLY D 86 -2.06 18.36 15.87
C GLY D 86 -0.71 17.91 16.38
N LEU D 87 -0.13 18.66 17.32
CA LEU D 87 1.15 18.27 17.89
C LEU D 87 1.05 16.94 18.63
N ASN D 88 -0.04 16.74 19.37
CA ASN D 88 -0.23 15.46 20.06
C ASN D 88 -0.32 14.31 19.08
N ILE D 89 -1.13 14.46 18.02
CA ILE D 89 -1.27 13.40 17.03
C ILE D 89 0.08 13.07 16.40
N GLY D 90 0.85 14.10 16.06
CA GLY D 90 2.15 13.90 15.48
C GLY D 90 3.06 13.11 16.39
N PHE D 91 3.13 13.50 17.67
CA PHE D 91 3.99 12.77 18.59
C PHE D 91 3.58 11.30 18.75
N MET D 92 2.27 11.04 18.79
CA MET D 92 1.88 9.64 18.87
C MET D 92 2.29 8.87 17.63
N LEU D 93 2.25 9.50 16.45
CA LEU D 93 2.66 8.84 15.23
C LEU D 93 4.17 8.65 15.11
N PHE D 94 4.98 9.28 15.97
CA PHE D 94 6.41 8.96 16.08
C PHE D 94 6.69 7.89 17.12
N VAL D 95 5.96 7.91 18.23
CA VAL D 95 6.12 6.85 19.23
C VAL D 95 5.74 5.51 18.60
N LEU D 96 4.71 5.51 17.77
CA LEU D 96 4.31 4.27 17.11
C LEU D 96 5.41 3.77 16.18
N SER D 97 6.06 4.68 15.44
CA SER D 97 7.15 4.27 14.57
C SER D 97 8.33 3.73 15.38
N GLU D 98 8.60 4.33 16.53
CA GLU D 98 9.67 3.85 17.39
C GLU D 98 9.35 2.52 18.07
N ILE D 99 8.07 2.14 18.17
CA ILE D 99 7.71 0.84 18.71
C ILE D 99 7.85 -0.27 17.68
N LEU D 100 7.84 0.06 16.39
CA LEU D 100 7.90 -0.95 15.35
C LEU D 100 9.33 -1.28 14.93
N ILE D 101 10.33 -0.58 15.47
CA ILE D 101 11.71 -1.03 15.37
C ILE D 101 12.02 -2.08 16.42
N PHE D 102 11.30 -2.08 17.52
CA PHE D 102 11.45 -3.11 18.54
C PHE D 102 10.74 -4.41 18.17
N ALA D 103 9.64 -4.33 17.42
CA ALA D 103 8.99 -5.54 16.95
C ALA D 103 9.90 -6.31 16.00
N ALA D 104 10.64 -5.59 15.16
CA ALA D 104 11.59 -6.25 14.27
C ALA D 104 12.68 -6.96 15.06
N LEU D 105 13.16 -6.31 16.13
CA LEU D 105 14.18 -6.93 16.97
C LEU D 105 13.65 -8.13 17.74
N PHE D 106 12.38 -8.08 18.15
CA PHE D 106 11.78 -9.22 18.84
C PHE D 106 11.55 -10.39 17.89
N TRP D 107 11.18 -10.12 16.65
CA TRP D 107 11.06 -11.14 15.61
C TRP D 107 12.40 -11.63 15.11
N SER D 108 13.47 -10.87 15.32
CA SER D 108 14.80 -11.39 15.08
C SER D 108 15.31 -12.25 16.23
N TYR D 109 14.67 -12.19 17.40
CA TYR D 109 15.01 -13.03 18.53
C TYR D 109 14.20 -14.31 18.58
N PHE D 110 12.98 -14.31 18.03
CA PHE D 110 12.17 -15.51 17.97
C PHE D 110 12.40 -16.30 16.69
N HIS D 111 13.11 -15.73 15.74
CA HIS D 111 13.50 -16.43 14.53
C HIS D 111 14.82 -17.16 14.68
N SER D 112 15.56 -16.86 15.72
CA SER D 112 16.76 -17.61 16.05
C SER D 112 16.57 -18.49 17.27
N ALA D 113 15.83 -18.00 18.26
CA ALA D 113 15.58 -18.80 19.47
C ALA D 113 14.86 -20.08 19.14
N MET D 114 13.77 -20.00 18.40
CA MET D 114 12.97 -21.17 18.04
C MET D 114 13.42 -21.69 16.68
N GLY D 115 14.31 -22.67 16.71
CA GLY D 115 14.96 -23.14 15.51
C GLY D 115 16.48 -23.02 15.52
N PRO D 116 17.14 -23.23 16.66
CA PRO D 116 18.58 -22.95 16.72
C PRO D 116 19.36 -23.82 15.77
N THR D 117 20.41 -23.24 15.17
CA THR D 117 21.12 -23.87 14.07
C THR D 117 21.98 -25.03 14.54
N ILE D 118 22.51 -25.76 13.57
CA ILE D 118 23.33 -26.94 13.86
C ILE D 118 24.68 -26.54 14.44
N GLU D 119 25.25 -25.45 13.95
CA GLU D 119 26.60 -25.00 14.33
C GLU D 119 26.72 -24.83 15.84
N ILE D 120 25.89 -23.97 16.42
CA ILE D 120 25.74 -23.92 17.86
C ILE D 120 25.01 -25.18 18.30
N GLY D 121 25.54 -25.87 19.31
CA GLY D 121 24.84 -26.99 19.90
C GLY D 121 23.47 -26.58 20.36
N CYS D 122 22.43 -27.36 20.04
CA CYS D 122 21.07 -26.88 20.20
C CYS D 122 20.74 -26.67 21.67
N GLN D 123 20.81 -25.40 22.10
CA GLN D 123 20.58 -24.96 23.47
C GLN D 123 20.59 -23.43 23.45
N TRP D 124 19.65 -22.79 24.12
CA TRP D 124 19.75 -21.35 24.36
C TRP D 124 20.54 -21.10 25.62
N PRO D 125 20.77 -19.84 25.97
CA PRO D 125 22.09 -19.28 25.79
C PRO D 125 23.15 -20.37 25.81
N PRO D 126 23.83 -20.56 24.69
CA PRO D 126 24.58 -21.81 24.46
C PRO D 126 25.76 -21.98 25.41
N VAL D 127 26.39 -23.14 25.31
CA VAL D 127 27.52 -23.48 26.17
C VAL D 127 28.62 -22.47 25.98
N GLY D 128 29.25 -22.07 27.09
CA GLY D 128 30.28 -21.06 27.07
C GLY D 128 29.77 -19.64 27.10
N ILE D 129 28.45 -19.44 27.11
CA ILE D 129 27.85 -18.12 27.15
C ILE D 129 27.02 -18.04 28.42
N THR D 130 27.65 -17.59 29.51
CA THR D 130 26.94 -17.49 30.79
C THR D 130 26.07 -16.23 30.76
N SER D 131 24.77 -16.42 30.95
CA SER D 131 23.83 -15.31 30.89
C SER D 131 23.96 -14.46 32.16
N ILE D 132 23.14 -13.43 32.25
CA ILE D 132 23.16 -12.50 33.38
C ILE D 132 22.05 -12.92 34.33
N LYS D 133 22.36 -12.98 35.61
CA LYS D 133 21.39 -13.43 36.59
C LYS D 133 20.26 -12.41 36.68
N PRO D 134 19.01 -12.83 36.42
CA PRO D 134 17.91 -11.87 36.43
C PRO D 134 17.28 -11.64 37.80
N THR D 135 17.92 -12.13 38.86
CA THR D 135 17.54 -11.78 40.22
C THR D 135 18.59 -10.88 40.85
N GLU D 136 19.27 -10.10 40.02
CA GLU D 136 20.32 -9.16 40.42
C GLU D 136 19.90 -7.83 39.83
N LEU D 137 20.84 -6.90 39.61
CA LEU D 137 20.62 -5.54 39.09
C LEU D 137 19.49 -5.39 38.06
N PRO D 138 19.25 -6.36 37.16
CA PRO D 138 18.09 -6.24 36.28
C PRO D 138 16.73 -6.44 36.93
N LEU D 139 16.64 -6.56 38.24
CA LEU D 139 15.39 -6.31 38.98
C LEU D 139 15.35 -4.93 39.59
N LEU D 140 16.50 -4.45 40.05
CA LEU D 140 16.59 -3.11 40.58
C LEU D 140 16.21 -2.09 39.52
N ASN D 141 16.56 -2.36 38.26
CA ASN D 141 16.17 -1.47 37.17
C ASN D 141 14.66 -1.47 36.97
N THR D 142 14.03 -2.65 37.03
CA THR D 142 12.58 -2.70 36.84
C THR D 142 11.85 -1.98 37.96
N ILE D 143 12.30 -2.15 39.20
CA ILE D 143 11.70 -1.41 40.31
C ILE D 143 11.91 0.09 40.13
N ILE D 144 13.10 0.49 39.67
CA ILE D 144 13.33 1.90 39.41
C ILE D 144 12.42 2.47 38.32
N LEU D 145 12.22 1.75 37.23
CA LEU D 145 11.34 2.25 36.18
C LEU D 145 9.90 2.34 36.64
N LEU D 146 9.42 1.34 37.39
CA LEU D 146 8.07 1.43 37.93
C LEU D 146 7.93 2.61 38.89
N ALA D 147 8.96 2.89 39.69
CA ALA D 147 8.90 4.03 40.58
C ALA D 147 8.89 5.34 39.81
N SER D 148 9.71 5.43 38.75
CA SER D 148 9.74 6.64 37.94
C SER D 148 8.40 6.89 37.28
N GLY D 149 7.69 5.82 36.90
CA GLY D 149 6.36 5.98 36.36
C GLY D 149 5.39 6.62 37.34
N ALA D 150 5.59 6.38 38.63
CA ALA D 150 4.70 6.91 39.65
C ALA D 150 5.13 8.27 40.17
N THR D 151 6.41 8.61 40.06
CA THR D 151 6.88 9.91 40.49
C THR D 151 6.52 11.03 39.52
N VAL D 152 6.33 10.73 38.23
CA VAL D 152 5.93 11.76 37.27
C VAL D 152 4.43 12.01 37.31
N THR D 153 3.63 11.07 37.80
CA THR D 153 2.22 11.32 37.99
C THR D 153 1.94 12.23 39.18
N TRP D 154 2.87 12.30 40.13
CA TRP D 154 2.79 13.27 41.21
C TRP D 154 3.25 14.65 40.75
N ALA D 155 3.92 14.73 39.61
CA ALA D 155 4.32 15.99 39.01
C ALA D 155 3.23 16.61 38.16
N HIS D 156 2.39 15.78 37.54
CA HIS D 156 1.30 16.26 36.73
C HIS D 156 0.02 16.51 37.53
N HIS D 157 -0.08 15.95 38.74
CA HIS D 157 -1.19 16.24 39.63
C HIS D 157 -0.87 17.37 40.58
N SER D 158 0.35 17.88 40.54
CA SER D 158 0.72 19.05 41.32
C SER D 158 0.78 20.32 40.50
N ILE D 159 0.74 20.22 39.17
CA ILE D 159 0.63 21.37 38.29
C ILE D 159 -0.81 21.68 37.95
N LEU D 160 -1.75 20.82 38.35
CA LEU D 160 -3.16 21.08 38.19
C LEU D 160 -3.80 21.58 39.46
N TYR D 161 -3.24 21.26 40.62
CA TYR D 161 -3.66 21.81 41.90
C TYR D 161 -2.81 23.02 42.28
N LYS D 162 -1.91 23.44 41.41
CA LYS D 162 -1.14 24.66 41.60
C LYS D 162 -0.21 24.56 42.81
N ASP D 163 0.66 23.55 42.78
CA ASP D 163 1.78 23.44 43.70
C ASP D 163 3.07 23.47 42.89
N ARG D 164 3.85 24.53 43.05
CA ARG D 164 5.12 24.62 42.35
C ARG D 164 6.18 23.74 43.00
N GLN D 165 6.40 23.93 44.30
CA GLN D 165 7.26 23.04 45.07
C GLN D 165 6.47 21.75 45.34
N GLY D 166 6.64 20.82 44.42
CA GLY D 166 5.84 19.62 44.38
C GLY D 166 5.62 19.19 42.94
N THR D 167 5.94 20.10 42.03
CA THR D 167 6.13 19.76 40.63
C THR D 167 7.59 19.80 40.23
N LEU D 168 8.41 20.60 40.91
CA LEU D 168 9.84 20.60 40.74
C LEU D 168 10.50 19.41 41.43
N VAL D 169 9.97 19.01 42.59
CA VAL D 169 10.56 17.89 43.32
C VAL D 169 10.31 16.57 42.59
N GLY D 170 9.11 16.38 42.06
CA GLY D 170 8.79 15.15 41.36
C GLY D 170 9.65 14.94 40.13
N LEU D 171 9.79 16.00 39.34
CA LEU D 171 10.65 15.98 38.17
C LEU D 171 12.12 15.76 38.53
N PHE D 172 12.58 16.36 39.63
CA PHE D 172 13.95 16.14 40.08
C PHE D 172 14.19 14.69 40.45
N ILE D 173 13.27 14.09 41.22
CA ILE D 173 13.44 12.70 41.62
C ILE D 173 13.36 11.78 40.41
N THR D 174 12.47 12.09 39.46
CA THR D 174 12.40 11.28 38.26
C THR D 174 13.69 11.33 37.46
N THR D 175 14.27 12.53 37.33
CA THR D 175 15.51 12.67 36.57
C THR D 175 16.67 11.98 37.30
N LEU D 176 16.68 12.04 38.63
CA LEU D 176 17.69 11.28 39.37
C LEU D 176 17.43 9.85 39.39
N LEU D 177 16.26 9.42 38.93
CA LEU D 177 15.86 8.02 39.00
C LEU D 177 15.93 7.34 37.65
N ILE D 178 16.24 8.06 36.58
CA ILE D 178 16.60 7.46 35.30
C ILE D 178 18.09 7.48 35.06
N ILE D 179 18.83 8.33 35.77
CA ILE D 179 20.28 8.25 35.76
C ILE D 179 20.80 7.00 36.45
N LEU D 180 20.14 6.55 37.52
CA LEU D 180 20.50 5.29 38.14
C LEU D 180 20.25 4.09 37.23
N PHE D 181 19.22 4.13 36.39
CA PHE D 181 19.01 3.06 35.43
C PHE D 181 20.17 2.98 34.44
N VAL D 182 20.60 4.12 33.91
CA VAL D 182 21.74 4.15 33.00
C VAL D 182 23.01 3.70 33.71
N GLY D 183 23.20 4.11 34.95
CA GLY D 183 24.38 3.66 35.69
C GLY D 183 24.38 2.17 35.95
N CYS D 184 23.21 1.62 36.28
CA CYS D 184 23.12 0.19 36.52
C CYS D 184 23.33 -0.59 35.25
N GLN D 185 22.82 -0.10 34.12
CA GLN D 185 22.95 -0.80 32.86
C GLN D 185 24.26 -0.49 32.15
N VAL D 186 25.09 0.39 32.72
CA VAL D 186 26.47 0.57 32.29
C VAL D 186 27.44 -0.15 33.21
N LEU D 187 27.01 -0.54 34.41
CA LEU D 187 27.77 -1.43 35.27
C LEU D 187 27.49 -2.88 34.98
N GLU D 188 26.53 -3.18 34.12
CA GLU D 188 26.17 -4.53 33.74
C GLU D 188 26.69 -4.90 32.36
N TYR D 189 27.28 -3.96 31.65
CA TYR D 189 28.01 -4.24 30.43
C TYR D 189 29.51 -4.35 30.67
N THR D 190 30.02 -3.78 31.76
CA THR D 190 31.41 -3.92 32.13
C THR D 190 31.64 -5.10 33.07
N TRP D 191 30.58 -5.80 33.47
CA TRP D 191 30.66 -6.97 34.32
C TRP D 191 30.07 -8.17 33.60
N ALA D 192 30.23 -8.21 32.29
CA ALA D 192 29.68 -9.28 31.47
C ALA D 192 30.80 -10.01 30.78
N THR D 193 30.55 -11.29 30.47
CA THR D 193 31.58 -12.20 29.99
C THR D 193 31.30 -12.66 28.56
N PHE D 194 30.54 -11.87 27.81
CA PHE D 194 30.22 -12.20 26.42
C PHE D 194 30.05 -10.91 25.65
N THR D 195 30.63 -10.85 24.46
CA THR D 195 30.70 -9.64 23.65
C THR D 195 29.73 -9.73 22.48
N ILE D 196 29.80 -8.72 21.62
CA ILE D 196 28.88 -8.61 20.49
C ILE D 196 29.08 -9.73 19.48
N ALA D 197 30.27 -10.30 19.38
CA ALA D 197 30.66 -11.13 18.26
C ALA D 197 30.82 -12.61 18.58
N ASP D 198 30.37 -13.07 19.74
CA ASP D 198 30.68 -14.42 20.20
C ASP D 198 29.52 -15.37 19.90
N SER D 199 28.47 -14.86 19.29
CA SER D 199 27.26 -15.65 19.05
C SER D 199 26.21 -14.83 18.33
N VAL D 200 25.05 -15.42 18.09
CA VAL D 200 23.90 -14.66 17.60
C VAL D 200 23.10 -14.17 18.80
N PHE D 201 23.39 -14.73 19.97
CA PHE D 201 22.72 -14.32 21.19
C PHE D 201 23.25 -13.01 21.75
N GLY D 202 24.55 -12.77 21.67
CA GLY D 202 25.10 -11.56 22.23
C GLY D 202 25.01 -10.40 21.27
N SER D 203 24.59 -10.68 20.04
CA SER D 203 24.41 -9.65 19.04
C SER D 203 22.99 -9.12 18.96
N ILE D 204 22.01 -9.91 19.37
CA ILE D 204 20.63 -9.43 19.51
C ILE D 204 20.35 -8.92 20.91
N PHE D 205 21.02 -9.45 21.92
CA PHE D 205 20.89 -8.95 23.28
C PHE D 205 21.37 -7.51 23.39
N TYR D 206 22.45 -7.16 22.69
CA TYR D 206 23.02 -5.82 22.75
C TYR D 206 22.48 -4.93 21.65
N ALA D 207 21.44 -5.38 20.96
CA ALA D 207 20.81 -4.55 19.95
C ALA D 207 19.36 -4.25 20.27
N GLY D 208 18.80 -4.82 21.34
CA GLY D 208 17.50 -4.42 21.84
C GLY D 208 17.65 -3.74 23.19
N THR D 209 18.75 -4.03 23.88
CA THR D 209 19.09 -3.36 25.12
C THR D 209 20.10 -2.25 24.93
N GLY D 210 20.51 -1.99 23.69
CA GLY D 210 21.43 -0.91 23.40
C GLY D 210 20.71 0.24 22.75
N LEU D 211 19.60 -0.06 22.08
CA LEU D 211 18.72 0.97 21.56
C LEU D 211 17.86 1.58 22.67
N HIS D 212 17.46 0.77 23.64
CA HIS D 212 16.77 1.26 24.82
C HIS D 212 17.64 2.24 25.60
N PHE D 213 18.95 2.01 25.62
CA PHE D 213 19.89 2.94 26.24
C PHE D 213 19.83 4.31 25.58
N ILE D 214 19.88 4.33 24.25
CA ILE D 214 19.83 5.60 23.52
C ILE D 214 18.50 6.28 23.77
N HIS D 215 17.43 5.50 23.88
CA HIS D 215 16.12 6.08 24.13
C HIS D 215 15.95 6.57 25.55
N MET D 216 16.74 6.07 26.50
CA MET D 216 16.68 6.54 27.87
C MET D 216 17.59 7.72 28.15
N VAL D 217 18.63 7.94 27.35
CA VAL D 217 19.35 9.21 27.47
C VAL D 217 18.46 10.37 27.05
N MET D 218 17.61 10.14 26.05
CA MET D 218 16.70 11.18 25.58
C MET D 218 15.68 11.55 26.66
N LEU D 219 15.26 10.60 27.49
CA LEU D 219 14.40 10.95 28.60
C LEU D 219 15.09 11.88 29.59
N ILE D 220 16.37 11.63 29.89
CA ILE D 220 17.08 12.53 30.78
C ILE D 220 17.12 13.93 30.19
N VAL D 221 17.41 14.05 28.90
CA VAL D 221 17.42 15.38 28.28
C VAL D 221 16.04 16.04 28.32
N MET D 222 14.98 15.30 27.97
CA MET D 222 13.63 15.87 27.98
C MET D 222 13.21 16.31 29.38
N LEU D 223 13.51 15.51 30.40
CA LEU D 223 13.13 15.85 31.76
C LEU D 223 13.95 17.01 32.30
N ALA D 224 15.21 17.14 31.89
CA ALA D 224 15.96 18.33 32.25
C ALA D 224 15.36 19.58 31.62
N ILE D 225 14.94 19.50 30.37
CA ILE D 225 14.37 20.67 29.69
C ILE D 225 12.99 20.98 30.25
N CYS D 226 12.38 20.03 30.94
CA CYS D 226 11.09 20.24 31.57
C CYS D 226 11.18 20.73 32.99
N TYR D 227 12.26 20.40 33.71
CA TYR D 227 12.56 21.03 34.98
C TYR D 227 13.02 22.47 34.83
N ALA D 228 13.89 22.75 33.85
CA ALA D 228 14.39 24.09 33.64
C ALA D 228 13.36 25.02 33.03
N ARG D 229 12.39 24.50 32.30
CA ARG D 229 11.33 25.33 31.74
C ARG D 229 10.18 25.54 32.72
N MET D 230 10.19 24.84 33.85
CA MET D 230 9.29 25.09 34.97
C MET D 230 9.92 25.99 36.00
N TYR D 231 11.24 25.89 36.19
CA TYR D 231 11.94 26.81 37.09
C TYR D 231 11.82 28.25 36.61
N PHE D 232 11.67 28.47 35.31
CA PHE D 232 11.64 29.80 34.73
C PHE D 232 10.23 30.27 34.41
N TYR D 233 9.22 29.60 34.94
CA TYR D 233 7.83 30.00 34.79
C TYR D 233 7.40 30.00 33.33
N HIS D 234 7.47 28.84 32.69
CA HIS D 234 6.98 28.72 31.33
C HIS D 234 5.72 27.88 31.21
N PHE D 235 5.30 27.19 32.26
CA PHE D 235 4.19 26.25 32.21
C PHE D 235 3.02 26.80 33.00
N THR D 236 1.83 26.76 32.39
CA THR D 236 0.60 27.09 33.07
C THR D 236 -0.08 25.84 33.59
N SER D 237 -1.17 26.04 34.33
CA SER D 237 -1.91 24.93 34.92
C SER D 237 -2.79 24.21 33.93
N ASN D 238 -2.92 24.70 32.70
CA ASN D 238 -3.71 24.02 31.69
C ASN D 238 -3.05 23.97 30.32
N HIS D 239 -1.88 24.57 30.14
CA HIS D 239 -1.19 24.60 28.85
C HIS D 239 0.27 24.20 29.08
N HIS D 240 0.52 22.88 29.03
CA HIS D 240 1.87 22.31 29.20
C HIS D 240 1.92 21.06 28.34
N LEU D 241 2.45 21.19 27.13
CA LEU D 241 2.50 20.09 26.18
C LEU D 241 3.87 19.44 26.14
N GLY D 242 4.77 19.81 27.04
CA GLY D 242 6.06 19.20 27.14
C GLY D 242 6.08 18.14 28.21
N LEU D 243 5.35 18.38 29.29
CA LEU D 243 5.18 17.34 30.31
C LEU D 243 4.39 16.16 29.76
N GLU D 244 3.30 16.43 29.04
CA GLU D 244 2.48 15.34 28.50
C GLU D 244 3.25 14.52 27.49
N THR D 245 4.03 15.17 26.65
CA THR D 245 4.88 14.48 25.68
C THR D 245 5.97 13.66 26.34
N THR D 246 6.55 14.16 27.43
CA THR D 246 7.59 13.41 28.15
C THR D 246 7.02 12.26 28.96
N ILE D 247 5.76 12.34 29.40
CA ILE D 247 5.15 11.28 30.19
C ILE D 247 4.70 10.11 29.34
N LEU D 248 4.29 10.34 28.10
CA LEU D 248 3.88 9.27 27.21
C LEU D 248 5.07 8.58 26.57
N TYR D 249 6.26 9.14 26.73
CA TYR D 249 7.51 8.52 26.34
C TYR D 249 8.12 7.68 27.43
N LEU D 250 7.95 8.10 28.69
CA LEU D 250 8.41 7.30 29.81
C LEU D 250 7.64 6.00 29.91
N HIS D 251 6.33 6.06 29.73
CA HIS D 251 5.47 4.89 29.92
C HIS D 251 5.68 3.86 28.82
N VAL D 252 5.85 4.31 27.58
CA VAL D 252 6.18 3.39 26.50
C VAL D 252 7.51 2.70 26.76
N LEU D 253 8.50 3.43 27.26
CA LEU D 253 9.79 2.83 27.56
C LEU D 253 9.69 1.81 28.68
N ASP D 254 8.90 2.09 29.72
CA ASP D 254 8.72 1.10 30.78
C ASP D 254 8.03 -0.16 30.26
N ILE D 255 6.99 0.00 29.45
CA ILE D 255 6.31 -1.18 28.91
C ILE D 255 7.23 -1.98 28.02
N ILE D 256 8.09 -1.30 27.25
CA ILE D 256 9.05 -2.02 26.42
C ILE D 256 10.08 -2.74 27.28
N TRP D 257 10.51 -2.14 28.40
CA TRP D 257 11.45 -2.82 29.27
C TRP D 257 10.84 -4.06 29.90
N LEU D 258 9.55 -4.03 30.22
CA LEU D 258 8.93 -5.22 30.78
C LEU D 258 8.84 -6.36 29.77
N PHE D 259 9.11 -6.11 28.49
CA PHE D 259 9.17 -7.14 27.48
C PHE D 259 10.60 -7.50 27.08
N LEU D 260 11.59 -6.73 27.52
CA LEU D 260 12.99 -7.11 27.37
C LEU D 260 13.51 -7.81 28.61
N TYR D 261 12.71 -7.87 29.67
CA TYR D 261 13.08 -8.56 30.88
C TYR D 261 12.48 -9.94 30.99
N ILE D 262 11.33 -10.18 30.36
CA ILE D 262 10.72 -11.51 30.37
C ILE D 262 10.91 -12.25 29.06
N VAL D 263 11.59 -11.66 28.08
CA VAL D 263 11.90 -12.31 26.82
C VAL D 263 13.39 -12.46 26.60
N PHE D 264 14.19 -11.65 27.27
CA PHE D 264 15.64 -11.65 27.05
C PHE D 264 16.41 -12.18 28.24
N TYR D 265 16.02 -11.79 29.46
CA TYR D 265 16.72 -12.23 30.66
C TYR D 265 16.13 -13.49 31.26
N TRP D 266 14.82 -13.67 31.18
CA TRP D 266 14.15 -14.76 31.88
C TRP D 266 13.90 -15.93 30.94
N TRP D 267 13.25 -15.66 29.82
CA TRP D 267 13.02 -16.68 28.81
C TRP D 267 14.33 -17.15 28.23
N GLY D 268 14.44 -18.45 27.98
CA GLY D 268 15.65 -19.00 27.41
C GLY D 268 15.80 -20.49 27.63
N GLN E 1 1.72 44.87 24.66
CA GLN E 1 2.65 45.97 24.44
C GLN E 1 1.94 47.28 24.74
N PHE E 2 0.65 47.18 25.03
CA PHE E 2 -0.19 48.33 25.30
C PHE E 2 -1.30 47.92 26.25
N LYS E 3 -2.38 48.70 26.30
CA LYS E 3 -3.45 48.44 27.26
C LYS E 3 -4.05 47.05 27.04
N THR E 4 -4.32 46.36 28.15
CA THR E 4 -4.77 44.98 28.14
C THR E 4 -6.29 44.92 28.08
N ALA E 5 -6.80 43.93 27.35
CA ALA E 5 -8.22 43.74 27.18
C ALA E 5 -8.82 42.99 28.36
N THR E 6 -10.13 43.12 28.52
CA THR E 6 -10.86 42.37 29.52
C THR E 6 -12.03 41.60 28.93
N SER E 7 -12.35 41.83 27.65
CA SER E 7 -13.42 41.13 26.96
C SER E 7 -13.21 41.32 25.48
N ILE E 8 -13.99 40.61 24.66
CA ILE E 8 -13.88 40.87 23.22
C ILE E 8 -14.84 42.01 22.91
N ALA E 9 -14.48 43.21 23.35
CA ALA E 9 -15.07 44.46 22.92
C ALA E 9 -13.95 45.49 22.89
N GLU E 10 -12.83 45.12 23.51
CA GLU E 10 -11.70 45.99 23.76
C GLU E 10 -10.46 45.45 23.08
N VAL E 11 -10.64 44.52 22.15
CA VAL E 11 -9.53 43.92 21.42
C VAL E 11 -9.49 44.51 20.01
N GLU E 12 -8.63 45.51 19.82
CA GLU E 12 -8.43 46.15 18.53
C GLU E 12 -7.22 45.62 17.79
N GLY E 13 -6.59 44.56 18.30
CA GLY E 13 -5.41 44.01 17.67
C GLY E 13 -4.66 43.11 18.62
N LEU E 14 -3.42 42.81 18.25
CA LEU E 14 -2.54 41.97 19.05
C LEU E 14 -1.73 42.77 20.06
N GLU E 15 -1.96 44.08 20.12
CA GLU E 15 -1.36 44.93 21.13
C GLU E 15 -2.16 44.94 22.42
N ASN E 16 -3.34 44.34 22.42
CA ASN E 16 -4.24 44.36 23.56
C ASN E 16 -4.31 43.00 24.24
N LEU E 17 -3.36 42.11 23.94
CA LEU E 17 -3.43 40.72 24.35
C LEU E 17 -2.09 40.25 24.91
N VAL E 18 -1.53 41.01 25.85
CA VAL E 18 -0.32 40.58 26.57
C VAL E 18 -0.66 40.15 28.00
N GLY E 19 -1.33 40.99 28.76
CA GLY E 19 -1.89 40.57 30.02
C GLY E 19 -1.01 40.88 31.21
N PRO E 20 -1.54 40.69 32.41
CA PRO E 20 -0.76 40.90 33.62
C PRO E 20 0.24 39.76 33.79
N GLY E 21 0.92 39.74 34.93
CA GLY E 21 1.89 38.71 35.23
C GLY E 21 1.50 37.92 36.48
N ALA E 22 2.00 36.71 36.54
CA ALA E 22 1.84 35.90 37.74
C ALA E 22 2.73 36.44 38.86
N LYS E 23 2.53 35.90 40.05
CA LYS E 23 3.31 36.28 41.23
C LYS E 23 4.32 35.20 41.54
N THR E 24 5.44 35.62 42.11
CA THR E 24 6.57 34.73 42.33
C THR E 24 6.22 33.67 43.36
N GLY E 25 6.18 32.41 42.92
CA GLY E 25 5.92 31.31 43.84
C GLY E 25 4.61 30.60 43.59
N THR E 26 4.07 30.70 42.37
CA THR E 26 2.81 30.08 42.04
C THR E 26 2.84 29.61 40.59
N VAL E 27 1.98 28.65 40.27
CA VAL E 27 1.84 28.17 38.90
C VAL E 27 0.94 29.15 38.16
N PRO E 28 1.45 29.88 37.17
CA PRO E 28 0.64 30.93 36.54
C PRO E 28 -0.52 30.36 35.74
N THR E 29 -1.61 31.10 35.74
CA THR E 29 -2.85 30.70 35.06
C THR E 29 -2.83 31.24 33.64
N ASP E 30 -3.84 30.88 32.85
CA ASP E 30 -3.91 31.33 31.46
C ASP E 30 -4.42 32.75 31.30
N LEU E 31 -5.07 33.32 32.31
CA LEU E 31 -5.45 34.71 32.30
C LEU E 31 -4.32 35.62 32.74
N GLU E 32 -3.21 35.04 33.18
CA GLU E 32 -2.06 35.80 33.63
C GLU E 32 -0.87 35.65 32.68
N GLN E 33 -0.93 34.70 31.77
CA GLN E 33 0.17 34.52 30.84
C GLN E 33 -0.31 33.81 29.58
N ALA E 34 -0.66 34.59 28.57
CA ALA E 34 -1.01 34.11 27.25
C ALA E 34 -1.21 35.32 26.37
N THR E 35 -0.70 35.26 25.13
CA THR E 35 -0.58 36.48 24.34
C THR E 35 -1.44 36.45 23.09
N GLY E 36 -1.20 35.55 22.17
CA GLY E 36 -1.57 35.85 20.81
C GLY E 36 -2.97 35.44 20.45
N LEU E 37 -3.06 34.51 19.52
CA LEU E 37 -4.35 34.03 19.05
C LEU E 37 -4.85 32.94 19.99
N GLU E 38 -4.07 32.64 21.04
CA GLU E 38 -4.49 31.77 22.13
C GLU E 38 -5.32 32.48 23.18
N ARG E 39 -4.96 33.72 23.53
CA ARG E 39 -5.73 34.47 24.51
C ARG E 39 -7.03 35.00 23.93
N TYR E 40 -7.08 35.21 22.61
CA TYR E 40 -8.33 35.60 21.97
C TYR E 40 -9.39 34.50 22.12
N GLU E 41 -8.97 33.25 21.97
CA GLU E 41 -9.88 32.12 22.22
C GLU E 41 -10.35 32.09 23.66
N LEU E 42 -9.44 32.30 24.62
CA LEU E 42 -9.83 32.30 26.02
C LEU E 42 -10.84 33.40 26.30
N LEU E 43 -10.58 34.58 25.78
CA LEU E 43 -11.43 35.74 26.00
C LEU E 43 -12.75 35.62 25.29
N GLY E 44 -12.84 34.71 24.32
CA GLY E 44 -14.10 34.46 23.65
C GLY E 44 -14.92 33.36 24.29
N LYS E 45 -14.26 32.32 24.78
CA LYS E 45 -14.99 31.21 25.38
C LYS E 45 -15.39 31.49 26.82
N LEU E 46 -14.92 32.57 27.41
CA LEU E 46 -15.34 33.00 28.73
C LEU E 46 -16.55 33.91 28.68
N GLU E 47 -17.05 34.20 27.49
CA GLU E 47 -18.25 34.99 27.25
C GLU E 47 -19.28 34.22 26.45
N GLY E 48 -18.86 33.26 25.65
CA GLY E 48 -19.76 32.47 24.85
C GLY E 48 -19.48 32.65 23.37
N ILE E 49 -18.64 33.62 23.05
CA ILE E 49 -18.33 33.98 21.67
C ILE E 49 -17.31 33.00 21.13
N GLU E 50 -17.68 32.30 20.06
CA GLU E 50 -16.78 31.39 19.39
C GLU E 50 -16.11 32.15 18.26
N VAL E 51 -14.81 32.43 18.43
CA VAL E 51 -14.07 33.24 17.46
C VAL E 51 -13.87 32.53 16.14
N PHE E 52 -13.90 31.21 16.13
CA PHE E 52 -13.63 30.42 14.94
C PHE E 52 -14.86 29.55 14.69
N ASP E 53 -15.73 29.98 13.78
CA ASP E 53 -16.99 29.29 13.55
C ASP E 53 -16.77 28.01 12.75
N GLU E 54 -17.65 27.04 12.98
CA GLU E 54 -17.60 25.78 12.26
C GLU E 54 -19.02 25.35 11.86
N THR E 55 -19.80 26.29 11.34
CA THR E 55 -21.17 26.02 10.93
C THR E 55 -21.24 25.89 9.41
N PRO E 56 -21.63 24.74 8.87
CA PRO E 56 -21.80 24.63 7.41
C PRO E 56 -22.87 25.57 6.87
N LEU E 57 -22.95 25.71 5.55
CA LEU E 57 -23.79 26.76 4.99
C LEU E 57 -25.26 26.40 5.07
N GLU E 58 -26.09 27.38 4.70
CA GLU E 58 -27.54 27.20 4.73
C GLU E 58 -27.98 26.24 3.65
N ALA E 59 -28.75 25.23 4.05
CA ALA E 59 -29.37 24.28 3.14
C ALA E 59 -30.84 24.13 3.51
N VAL E 60 -31.52 25.27 3.67
CA VAL E 60 -32.92 25.28 4.03
C VAL E 60 -33.75 25.87 2.89
N ARG E 61 -33.22 26.89 2.22
CA ARG E 61 -33.90 27.55 1.13
C ARG E 61 -33.02 27.55 -0.12
N LYS E 62 -33.67 27.57 -1.28
CA LYS E 62 -32.94 27.75 -2.53
C LYS E 62 -32.65 29.24 -2.71
N GLY E 63 -32.09 29.62 -3.86
CA GLY E 63 -31.74 31.00 -4.06
C GLY E 63 -32.07 31.55 -5.43
N THR E 64 -32.86 32.61 -5.48
CA THR E 64 -33.14 33.28 -6.73
C THR E 64 -32.27 34.53 -6.86
N MET E 65 -32.34 35.17 -8.03
CA MET E 65 -31.55 36.38 -8.25
C MET E 65 -32.11 37.56 -7.48
N LYS E 66 -33.44 37.65 -7.34
CA LYS E 66 -34.03 38.70 -6.53
C LYS E 66 -33.69 38.51 -5.06
N ASP E 67 -33.72 37.27 -4.57
CA ASP E 67 -33.45 36.96 -3.16
C ASP E 67 -32.33 35.92 -3.10
N PRO E 68 -31.06 36.33 -3.15
CA PRO E 68 -29.96 35.38 -3.13
C PRO E 68 -29.43 35.09 -1.74
N ILE E 69 -28.84 33.89 -1.60
CA ILE E 69 -28.22 33.51 -0.34
C ILE E 69 -26.97 34.34 -0.11
N LEU E 70 -26.87 34.94 1.08
CA LEU E 70 -25.83 35.91 1.39
C LEU E 70 -24.70 35.24 2.16
N ILE E 71 -23.55 35.06 1.50
CA ILE E 71 -22.34 34.54 2.11
C ILE E 71 -21.49 35.70 2.59
N ASP E 72 -21.04 35.65 3.84
CA ASP E 72 -20.27 36.71 4.44
C ASP E 72 -18.79 36.48 4.20
N SER E 73 -18.10 37.53 3.74
CA SER E 73 -16.69 37.36 3.44
C SER E 73 -15.93 38.63 3.78
N TYR E 74 -14.72 38.45 4.32
CA TYR E 74 -13.80 39.54 4.57
C TYR E 74 -12.90 39.80 3.37
N ASP E 75 -13.15 39.11 2.26
CA ASP E 75 -12.46 39.31 1.00
C ASP E 75 -13.52 39.53 -0.09
N ASP E 76 -13.04 39.75 -1.31
CA ASP E 76 -13.93 39.96 -2.45
C ASP E 76 -14.50 38.65 -2.99
N TYR E 77 -14.02 37.51 -2.53
CA TYR E 77 -14.47 36.22 -2.99
C TYR E 77 -14.54 35.24 -1.83
N ARG E 78 -15.33 34.18 -2.01
CA ARG E 78 -15.34 33.08 -1.06
C ARG E 78 -15.76 31.81 -1.78
N TYR E 79 -15.09 30.71 -1.46
CA TYR E 79 -15.41 29.43 -2.07
C TYR E 79 -16.59 28.78 -1.35
N VAL E 80 -17.63 28.44 -2.12
CA VAL E 80 -18.87 27.89 -1.58
C VAL E 80 -19.15 26.56 -2.25
N GLY E 81 -19.42 25.54 -1.45
CA GLY E 81 -19.69 24.24 -2.00
C GLY E 81 -21.13 23.82 -1.83
N CYS E 82 -21.82 23.60 -2.94
CA CYS E 82 -23.26 23.37 -2.90
C CYS E 82 -23.54 21.88 -3.07
N THR E 83 -24.42 21.36 -2.23
CA THR E 83 -24.87 19.97 -2.27
C THR E 83 -26.40 19.84 -2.32
N GLY E 84 -27.14 20.95 -2.29
CA GLY E 84 -28.56 20.89 -2.55
C GLY E 84 -29.37 21.55 -1.47
N VAL E 85 -30.68 21.59 -1.68
CA VAL E 85 -31.63 22.19 -0.74
C VAL E 85 -31.95 21.24 0.40
N PRO E 86 -32.21 19.95 0.14
CA PRO E 86 -32.27 18.98 1.25
C PRO E 86 -30.93 18.70 1.90
N ALA E 87 -29.89 19.34 1.39
CA ALA E 87 -28.56 19.47 1.99
C ALA E 87 -27.62 18.30 1.75
N ASP E 88 -28.08 17.23 1.11
CA ASP E 88 -27.10 16.28 0.58
C ASP E 88 -27.64 15.63 -0.69
N SER E 89 -28.50 16.33 -1.43
CA SER E 89 -29.15 15.72 -2.58
C SER E 89 -28.30 15.86 -3.83
N HIS E 90 -28.14 17.10 -4.28
CA HIS E 90 -27.16 17.51 -5.28
C HIS E 90 -25.80 16.96 -4.90
N ASN E 91 -24.97 16.58 -5.89
CA ASN E 91 -23.57 16.31 -5.59
C ASN E 91 -22.87 17.64 -5.32
N ILE E 92 -21.56 17.61 -5.13
CA ILE E 92 -20.84 18.81 -4.69
C ILE E 92 -20.37 19.56 -5.92
N GLU E 93 -20.83 20.81 -6.07
CA GLU E 93 -20.23 21.74 -7.02
C GLU E 93 -19.66 22.93 -6.28
N TRP E 94 -18.41 23.25 -6.57
CA TRP E 94 -17.74 24.37 -5.94
C TRP E 94 -17.90 25.64 -6.77
N LEU E 95 -17.97 26.76 -6.07
CA LEU E 95 -18.38 28.03 -6.64
C LEU E 95 -17.52 29.13 -6.04
N LYS E 96 -17.32 30.21 -6.81
CA LYS E 96 -16.58 31.37 -6.33
C LYS E 96 -17.40 32.63 -6.56
N PRO E 97 -18.32 32.98 -5.66
CA PRO E 97 -18.98 34.28 -5.77
C PRO E 97 -18.01 35.41 -5.48
N THR E 98 -18.23 36.53 -6.16
CA THR E 98 -17.42 37.73 -5.99
C THR E 98 -18.35 38.93 -5.83
N THR E 99 -17.75 40.10 -5.61
CA THR E 99 -18.52 41.32 -5.41
C THR E 99 -19.08 41.87 -6.71
N GLU E 100 -18.72 41.29 -7.85
CA GLU E 100 -19.19 41.74 -9.15
C GLU E 100 -20.10 40.74 -9.85
N LYS E 101 -20.15 39.49 -9.40
CA LYS E 101 -20.93 38.47 -10.07
C LYS E 101 -21.34 37.41 -9.05
N ASN E 102 -22.46 36.76 -9.31
CA ASN E 102 -23.05 35.78 -8.40
C ASN E 102 -22.93 34.38 -8.96
N ALA E 103 -22.65 33.41 -8.09
CA ALA E 103 -22.61 32.02 -8.51
C ALA E 103 -24.02 31.49 -8.71
N ARG E 104 -24.16 30.45 -9.53
CA ARG E 104 -25.48 29.97 -9.89
C ARG E 104 -25.70 28.46 -9.88
N CYS E 105 -24.67 27.64 -9.67
CA CYS E 105 -24.89 26.22 -9.42
C CYS E 105 -25.62 25.44 -10.52
N TRP E 106 -24.90 25.07 -11.57
CA TRP E 106 -25.41 24.52 -12.81
C TRP E 106 -26.41 23.36 -12.65
N GLU E 107 -26.52 22.71 -11.49
CA GLU E 107 -27.58 21.70 -11.34
C GLU E 107 -28.84 22.21 -10.64
N CYS E 108 -28.76 22.64 -9.38
CA CYS E 108 -30.00 23.00 -8.70
C CYS E 108 -30.42 24.42 -9.01
N GLY E 109 -29.47 25.36 -9.02
CA GLY E 109 -29.78 26.70 -9.48
C GLY E 109 -29.71 27.76 -8.41
N SER E 110 -29.20 27.41 -7.24
CA SER E 110 -29.12 28.36 -6.14
C SER E 110 -28.15 29.47 -6.46
N VAL E 111 -28.56 30.71 -6.21
CA VAL E 111 -27.75 31.90 -6.47
C VAL E 111 -27.12 32.34 -5.16
N TYR E 112 -25.87 32.80 -5.23
CA TYR E 112 -25.10 33.20 -4.07
C TYR E 112 -24.53 34.59 -4.27
N LYS E 113 -24.59 35.41 -3.22
CA LYS E 113 -24.14 36.78 -3.22
C LYS E 113 -23.18 36.97 -2.06
N LEU E 114 -22.35 38.02 -2.13
CA LEU E 114 -21.44 38.35 -1.04
C LEU E 114 -21.95 39.51 -0.22
N ASN E 115 -21.92 39.34 1.09
CA ASN E 115 -21.93 40.44 2.03
C ASN E 115 -20.48 40.66 2.43
N PHE E 116 -19.89 41.75 1.96
CA PHE E 116 -18.50 42.08 2.22
C PHE E 116 -18.40 42.78 3.57
N LEU E 117 -17.70 42.14 4.51
CA LEU E 117 -17.59 42.66 5.87
C LEU E 117 -16.20 43.24 6.12
N ASN F 1 -29.21 44.15 -43.45
CA ASN F 1 -29.07 42.80 -43.99
C ASN F 1 -27.61 42.36 -43.98
N ALA F 2 -26.73 43.27 -44.41
CA ALA F 2 -25.32 42.92 -44.56
C ALA F 2 -24.67 42.61 -43.22
N THR F 3 -25.15 43.24 -42.15
CA THR F 3 -24.52 43.06 -40.84
C THR F 3 -24.62 41.63 -40.35
N VAL F 4 -25.71 40.94 -40.67
CA VAL F 4 -25.97 39.61 -40.16
C VAL F 4 -25.77 38.54 -41.23
N THR F 5 -25.97 38.89 -42.50
CA THR F 5 -25.83 37.92 -43.57
C THR F 5 -24.37 37.46 -43.67
N ASN F 6 -24.18 36.14 -43.69
CA ASN F 6 -22.87 35.52 -43.80
C ASN F 6 -21.99 35.88 -42.59
N LEU F 7 -22.46 35.48 -41.41
CA LEU F 7 -21.67 35.59 -40.20
C LEU F 7 -20.83 34.36 -39.93
N GLU F 8 -20.95 33.32 -40.74
CA GLU F 8 -20.11 32.15 -40.57
C GLU F 8 -18.69 32.39 -41.07
N LYS F 9 -18.49 33.34 -41.97
CA LYS F 9 -17.20 33.61 -42.57
C LYS F 9 -16.56 34.88 -42.01
N ARG F 10 -17.24 35.57 -41.10
CA ARG F 10 -16.74 36.84 -40.60
C ARG F 10 -16.75 36.96 -39.09
N TRP F 11 -17.23 35.97 -38.34
CA TRP F 11 -17.68 36.28 -37.00
C TRP F 11 -16.47 36.51 -36.10
N GLU F 12 -15.43 35.69 -36.25
CA GLU F 12 -14.29 35.62 -35.34
C GLU F 12 -13.28 36.74 -35.56
N ASP F 13 -13.29 37.38 -36.73
CA ASP F 13 -12.36 38.47 -37.01
C ASP F 13 -12.80 39.79 -36.40
N LEU F 14 -14.09 39.94 -36.13
CA LEU F 14 -14.63 41.13 -35.50
C LEU F 14 -14.06 41.27 -34.09
N PRO F 15 -13.84 42.49 -33.60
CA PRO F 15 -13.44 42.68 -32.21
C PRO F 15 -14.61 42.40 -31.27
N GLU F 16 -14.31 42.46 -29.98
CA GLU F 16 -15.30 42.15 -28.96
C GLU F 16 -16.23 43.32 -28.65
N THR F 17 -16.15 44.42 -29.39
CA THR F 17 -17.12 45.49 -29.28
C THR F 17 -18.08 45.53 -30.46
N ASP F 18 -17.74 44.88 -31.57
CA ASP F 18 -18.66 44.69 -32.67
C ASP F 18 -19.38 43.35 -32.57
N GLN F 19 -19.06 42.56 -31.56
CA GLN F 19 -19.75 41.30 -31.29
C GLN F 19 -20.85 41.44 -30.27
N LYS F 20 -20.71 42.37 -29.32
CA LYS F 20 -21.74 42.63 -28.34
C LYS F 20 -22.80 43.60 -28.84
N ASP F 21 -22.63 44.17 -30.03
CA ASP F 21 -23.67 44.96 -30.67
C ASP F 21 -24.56 44.14 -31.56
N ILE F 22 -24.04 43.06 -32.16
CA ILE F 22 -24.89 42.14 -32.90
C ILE F 22 -25.78 41.35 -31.95
N ILE F 23 -25.25 40.91 -30.81
CA ILE F 23 -26.07 40.18 -29.84
C ILE F 23 -27.11 41.11 -29.23
N SER F 24 -26.76 42.37 -29.00
CA SER F 24 -27.68 43.34 -28.44
C SER F 24 -28.63 43.91 -29.49
N GLN F 25 -28.54 43.45 -30.74
CA GLN F 25 -29.52 43.76 -31.76
C GLN F 25 -30.36 42.58 -32.16
N LEU F 26 -29.95 41.36 -31.84
CA LEU F 26 -30.76 40.17 -32.01
C LEU F 26 -31.57 39.85 -30.78
N SER F 27 -31.33 40.53 -29.66
CA SER F 27 -32.09 40.33 -28.44
C SER F 27 -33.25 41.30 -28.32
N GLU F 28 -33.29 42.34 -29.16
CA GLU F 28 -34.45 43.19 -29.28
C GLU F 28 -35.21 42.89 -30.56
N ARG F 29 -34.68 41.99 -31.38
CA ARG F 29 -35.35 41.52 -32.57
C ARG F 29 -36.01 40.16 -32.37
N GLN F 30 -35.71 39.49 -31.27
CA GLN F 30 -36.34 38.24 -30.92
C GLN F 30 -37.56 38.42 -30.02
N LYS F 31 -37.67 39.57 -29.35
CA LYS F 31 -38.84 39.85 -28.54
C LYS F 31 -40.09 39.97 -29.38
N LEU F 32 -39.95 40.37 -30.64
CA LEU F 32 -41.08 40.35 -31.55
C LEU F 32 -41.54 38.91 -31.75
N PRO F 33 -42.81 38.72 -32.10
CA PRO F 33 -43.27 37.38 -32.45
C PRO F 33 -42.47 36.83 -33.62
N TRP F 34 -41.99 35.60 -33.46
CA TRP F 34 -41.33 34.95 -34.59
C TRP F 34 -42.34 34.76 -35.70
N LYS F 35 -41.84 34.46 -36.89
CA LYS F 35 -42.49 34.62 -38.19
C LYS F 35 -42.34 36.05 -38.65
N ASP F 36 -41.73 36.93 -37.85
CA ASP F 36 -41.32 38.26 -38.27
C ASP F 36 -39.81 38.38 -38.34
N LEU F 37 -39.10 37.27 -38.26
CA LEU F 37 -37.65 37.26 -38.35
C LEU F 37 -37.22 36.79 -39.73
N THR F 38 -36.28 37.51 -40.33
CA THR F 38 -35.72 37.11 -41.59
C THR F 38 -34.87 35.86 -41.42
N LEU F 39 -34.66 35.14 -42.52
CA LEU F 39 -33.95 33.86 -42.43
C LEU F 39 -32.50 34.06 -42.01
N SER F 40 -31.90 35.17 -42.45
CA SER F 40 -30.52 35.44 -42.04
C SER F 40 -30.41 35.65 -40.54
N GLU F 41 -31.37 36.33 -39.94
CA GLU F 41 -31.39 36.51 -38.50
C GLU F 41 -31.57 35.17 -37.78
N LYS F 42 -32.43 34.30 -38.30
CA LYS F 42 -32.63 32.99 -37.71
C LYS F 42 -31.34 32.19 -37.73
N LYS F 43 -30.62 32.20 -38.85
CA LYS F 43 -29.39 31.43 -38.95
C LYS F 43 -28.29 32.03 -38.08
N ALA F 44 -28.19 33.36 -38.02
CA ALA F 44 -27.19 34.00 -37.19
C ALA F 44 -27.43 33.72 -35.72
N ALA F 45 -28.69 33.73 -35.27
CA ALA F 45 -28.99 33.45 -33.87
C ALA F 45 -28.57 32.03 -33.51
N TRP F 46 -28.77 31.08 -34.41
CA TRP F 46 -28.31 29.73 -34.17
C TRP F 46 -26.80 29.63 -34.13
N TYR F 47 -26.11 30.31 -35.06
CA TYR F 47 -24.66 30.20 -35.11
C TYR F 47 -24.00 30.84 -33.90
N ILE F 48 -24.49 32.00 -33.47
CA ILE F 48 -23.88 32.72 -32.36
C ILE F 48 -23.91 31.92 -31.08
N SER F 49 -24.89 31.04 -30.92
CA SER F 49 -25.11 30.34 -29.67
C SER F 49 -24.68 28.87 -29.77
N PHE F 50 -25.17 28.17 -30.76
CA PHE F 50 -24.82 26.77 -30.99
C PHE F 50 -24.11 26.65 -32.34
N GLY F 51 -22.79 26.85 -32.31
CA GLY F 51 -22.02 26.88 -33.53
C GLY F 51 -20.59 26.48 -33.27
N GLU F 52 -19.86 26.22 -34.35
CA GLU F 52 -18.51 25.67 -34.25
C GLU F 52 -17.46 26.79 -34.22
N TRP F 53 -17.57 27.62 -33.20
CA TRP F 53 -16.55 28.61 -32.86
C TRP F 53 -16.32 28.61 -31.36
N GLY F 54 -15.12 29.01 -30.96
CA GLY F 54 -14.83 29.27 -29.57
C GLY F 54 -14.80 28.01 -28.72
N PRO F 55 -15.71 27.91 -27.77
CA PRO F 55 -15.69 26.76 -26.86
C PRO F 55 -16.15 25.46 -27.49
N ARG F 56 -16.51 25.49 -28.77
CA ARG F 56 -17.16 24.36 -29.41
C ARG F 56 -16.34 23.85 -30.59
N ARG F 57 -15.10 24.25 -30.67
CA ARG F 57 -14.19 23.79 -31.69
C ARG F 57 -13.65 22.40 -31.34
N PRO F 58 -13.21 21.64 -32.33
CA PRO F 58 -12.69 20.32 -32.05
C PRO F 58 -11.32 20.37 -31.41
N VAL F 59 -11.00 19.34 -30.63
CA VAL F 59 -9.66 19.20 -30.11
C VAL F 59 -8.68 18.90 -31.23
N HIS F 60 -9.08 18.02 -32.16
CA HIS F 60 -8.24 17.56 -33.26
C HIS F 60 -8.91 17.94 -34.58
N THR F 61 -8.25 18.80 -35.35
CA THR F 61 -8.67 19.06 -36.71
C THR F 61 -8.06 18.03 -37.66
N LYS F 62 -8.51 18.05 -38.91
CA LYS F 62 -8.01 17.09 -39.89
C LYS F 62 -6.54 17.30 -40.18
N GLU F 63 -6.05 18.53 -40.03
CA GLU F 63 -4.66 18.85 -40.28
C GLU F 63 -3.78 18.67 -39.05
N ASP F 64 -4.33 18.15 -37.95
CA ASP F 64 -3.54 17.83 -36.77
C ASP F 64 -3.27 16.35 -36.61
N LYS F 65 -4.19 15.49 -37.01
CA LYS F 65 -3.94 14.07 -37.01
C LYS F 65 -2.86 13.66 -38.00
N LEU F 66 -2.82 14.28 -39.17
CA LEU F 66 -1.72 14.04 -40.09
C LEU F 66 -0.39 14.45 -39.47
N TYR F 67 -0.38 15.57 -38.77
CA TYR F 67 0.84 16.02 -38.09
C TYR F 67 1.29 15.02 -37.04
N ILE F 68 0.36 14.51 -36.24
CA ILE F 68 0.72 13.54 -35.21
C ILE F 68 1.23 12.24 -35.83
N PHE F 69 0.58 11.76 -36.88
CA PHE F 69 1.00 10.53 -37.53
C PHE F 69 2.40 10.67 -38.11
N TRP F 70 2.64 11.76 -38.84
CA TRP F 70 3.95 11.96 -39.45
C TRP F 70 4.98 12.44 -38.45
N GLY F 71 4.60 12.73 -37.22
CA GLY F 71 5.56 12.99 -36.18
C GLY F 71 5.99 11.71 -35.50
N THR F 72 5.05 10.78 -35.33
CA THR F 72 5.42 9.47 -34.80
C THR F 72 6.31 8.69 -35.76
N VAL F 73 6.02 8.77 -37.07
CA VAL F 73 6.84 8.04 -38.02
C VAL F 73 8.26 8.58 -38.06
N ILE F 74 8.43 9.90 -37.92
CA ILE F 74 9.76 10.51 -37.96
C ILE F 74 10.47 10.32 -36.63
N GLY F 75 9.78 9.75 -35.65
CA GLY F 75 10.41 9.44 -34.40
C GLY F 75 10.78 7.98 -34.32
N ILE F 76 10.11 7.16 -35.13
CA ILE F 76 10.48 5.75 -35.27
C ILE F 76 11.53 5.53 -36.35
N VAL F 77 11.72 6.49 -37.26
CA VAL F 77 12.79 6.38 -38.25
C VAL F 77 14.13 6.89 -37.72
N ILE F 78 14.13 7.67 -36.64
CA ILE F 78 15.37 8.06 -35.99
C ILE F 78 15.91 6.96 -35.09
N SER F 79 15.03 6.31 -34.33
CA SER F 79 15.46 5.21 -33.48
C SER F 79 15.98 4.05 -34.32
N ALA F 80 15.36 3.79 -35.47
CA ALA F 80 15.84 2.73 -36.35
C ALA F 80 17.23 3.04 -36.87
N THR F 81 17.47 4.28 -37.29
CA THR F 81 18.78 4.66 -37.80
C THR F 81 19.85 4.70 -36.72
N ILE F 82 19.50 4.99 -35.48
CA ILE F 82 20.43 4.90 -34.37
C ILE F 82 20.73 3.46 -33.99
N PHE F 83 19.72 2.58 -34.11
CA PHE F 83 19.89 1.18 -33.76
C PHE F 83 20.68 0.40 -34.82
N GLY F 84 20.55 0.78 -36.09
CA GLY F 84 21.37 0.16 -37.11
C GLY F 84 22.84 0.50 -36.96
N ALA F 85 23.14 1.73 -36.55
CA ALA F 85 24.53 2.14 -36.34
C ALA F 85 25.18 1.33 -35.23
N PHE F 86 24.43 1.04 -34.17
CA PHE F 86 24.91 0.20 -33.07
C PHE F 86 24.79 -1.28 -33.39
N ARG F 87 24.36 -1.61 -34.59
CA ARG F 87 24.17 -2.99 -35.03
C ARG F 87 25.24 -3.47 -36.00
N TYR F 88 25.72 -2.61 -36.90
CA TYR F 88 26.84 -3.00 -37.75
C TYR F 88 28.10 -3.22 -36.92
N ASN F 89 28.32 -2.36 -35.92
CA ASN F 89 29.48 -2.47 -35.06
C ASN F 89 29.14 -3.31 -33.83
N ARG F 90 29.11 -4.62 -34.04
CA ARG F 90 28.87 -5.60 -33.00
C ARG F 90 30.08 -6.48 -32.80
N ASN F 91 30.17 -7.09 -31.63
CA ASN F 91 31.13 -8.16 -31.39
C ASN F 91 30.41 -9.48 -31.62
N VAL F 92 30.61 -10.05 -32.81
CA VAL F 92 30.00 -11.32 -33.18
C VAL F 92 30.96 -12.43 -32.78
N PRO F 93 30.65 -13.26 -31.79
CA PRO F 93 31.54 -14.35 -31.43
C PRO F 93 31.59 -15.43 -32.49
N LYS F 94 32.51 -16.37 -32.29
CA LYS F 94 32.71 -17.45 -33.25
C LYS F 94 31.48 -18.33 -33.38
N THR F 95 30.65 -18.40 -32.35
CA THR F 95 29.51 -19.31 -32.36
C THR F 95 28.40 -18.85 -33.31
N MET F 96 28.29 -17.56 -33.59
CA MET F 96 27.18 -17.05 -34.40
C MET F 96 27.53 -17.13 -35.88
N ASN F 97 27.57 -18.37 -36.37
CA ASN F 97 27.79 -18.68 -37.77
C ASN F 97 26.96 -19.91 -38.11
N ARG F 98 26.56 -20.01 -39.38
CA ARG F 98 25.71 -21.13 -39.76
C ARG F 98 26.47 -22.45 -39.77
N GLU F 99 27.77 -22.42 -40.08
CA GLU F 99 28.58 -23.63 -40.10
C GLU F 99 28.91 -24.14 -38.71
N TRP F 100 28.57 -23.36 -37.67
CA TRP F 100 28.68 -23.79 -36.28
C TRP F 100 27.36 -24.23 -35.71
N GLN F 101 26.26 -23.65 -36.15
CA GLN F 101 24.94 -24.00 -35.65
C GLN F 101 24.33 -25.17 -36.40
N ALA F 102 24.97 -25.62 -37.48
CA ALA F 102 24.66 -26.90 -38.08
C ALA F 102 25.45 -28.04 -37.45
N ALA F 103 26.56 -27.73 -36.79
CA ALA F 103 27.28 -28.74 -36.03
C ALA F 103 26.59 -29.05 -34.71
N SER F 104 26.01 -28.05 -34.06
CA SER F 104 25.30 -28.28 -32.81
C SER F 104 24.02 -29.07 -33.05
N ASP F 105 23.43 -28.93 -34.24
CA ASP F 105 22.26 -29.72 -34.59
C ASP F 105 22.56 -31.19 -34.67
N GLU F 106 23.73 -31.59 -35.19
CA GLU F 106 24.08 -33.00 -35.21
C GLU F 106 24.18 -33.58 -33.81
N TYR F 107 24.78 -32.83 -32.88
CA TYR F 107 24.84 -33.27 -31.49
C TYR F 107 23.45 -33.41 -30.90
N LEU F 108 22.61 -32.39 -31.07
CA LEU F 108 21.28 -32.44 -30.46
C LEU F 108 20.41 -33.49 -31.13
N LYS F 109 20.72 -33.87 -32.36
CA LYS F 109 20.00 -34.96 -33.03
C LYS F 109 20.44 -36.30 -32.50
N SER F 110 21.75 -36.49 -32.30
CA SER F 110 22.23 -37.76 -31.76
C SER F 110 21.70 -38.00 -30.36
N LYS F 111 21.88 -37.03 -29.47
CA LYS F 111 21.25 -37.04 -28.15
C LYS F 111 19.89 -36.40 -28.33
N ASN F 112 18.87 -37.24 -28.59
CA ASN F 112 17.56 -36.80 -29.04
C ASN F 112 16.99 -35.72 -28.13
N ALA F 113 16.85 -34.51 -28.68
CA ALA F 113 16.50 -33.35 -27.90
C ALA F 113 15.36 -32.61 -28.59
N GLU F 114 14.41 -32.14 -27.79
CA GLU F 114 13.22 -31.50 -28.30
C GLU F 114 12.46 -32.48 -29.20
N PRO F 115 12.05 -33.65 -28.68
CA PRO F 115 11.36 -34.63 -29.53
C PRO F 115 10.06 -34.10 -30.08
N PHE F 116 9.41 -33.29 -29.25
CA PHE F 116 8.28 -32.46 -29.61
C PHE F 116 8.80 -31.24 -30.35
N THR F 117 8.08 -30.12 -30.24
CA THR F 117 8.03 -29.01 -31.19
C THR F 117 9.27 -28.78 -32.05
N GLY F 118 10.46 -28.68 -31.48
CA GLY F 118 11.62 -28.71 -32.36
C GLY F 118 12.92 -28.31 -31.71
N TYR F 119 14.00 -28.86 -32.27
CA TYR F 119 15.36 -28.39 -32.07
C TYR F 119 15.85 -27.79 -33.38
N SER F 120 16.38 -26.58 -33.31
CA SER F 120 17.12 -26.03 -34.44
C SER F 120 17.86 -24.78 -33.97
N GLN F 121 19.18 -24.80 -34.01
CA GLN F 121 19.98 -23.69 -33.54
C GLN F 121 20.39 -22.75 -34.67
N ILE F 122 19.82 -22.94 -35.86
CA ILE F 122 20.22 -22.16 -37.02
C ILE F 122 19.42 -20.86 -37.04
N GLN F 123 20.11 -19.74 -36.89
CA GLN F 123 19.50 -18.43 -37.03
C GLN F 123 20.48 -17.50 -37.75
N SER F 124 21.55 -18.08 -38.29
CA SER F 124 22.64 -17.38 -38.98
C SER F 124 23.13 -16.16 -38.22
N GLU G 1 -36.21 5.06 -8.95
CA GLU G 1 -37.45 4.71 -8.28
C GLU G 1 -38.62 5.47 -8.86
N GLU G 2 -38.32 6.47 -9.67
CA GLU G 2 -39.32 7.41 -10.15
C GLU G 2 -39.93 6.94 -11.46
N THR G 3 -41.26 7.04 -11.53
CA THR G 3 -42.04 6.52 -12.64
C THR G 3 -42.13 7.56 -13.74
N TYR G 4 -42.61 7.13 -14.91
CA TYR G 4 -42.78 8.05 -16.03
C TYR G 4 -43.76 9.16 -15.71
N GLU G 5 -44.86 8.82 -15.03
CA GLU G 5 -45.90 9.79 -14.73
C GLU G 5 -45.52 10.74 -13.60
N GLU G 6 -44.46 10.46 -12.86
CA GLU G 6 -43.93 11.42 -11.89
C GLU G 6 -42.81 12.28 -12.45
N PHE G 7 -41.96 11.69 -13.29
CA PHE G 7 -41.03 12.44 -14.13
C PHE G 7 -41.73 13.52 -14.92
N SER G 8 -42.80 13.17 -15.63
CA SER G 8 -43.49 14.08 -16.53
C SER G 8 -44.40 15.06 -15.81
N GLN G 9 -44.41 15.04 -14.48
CA GLN G 9 -45.13 16.06 -13.72
C GLN G 9 -44.12 16.96 -13.06
N ARG G 10 -43.05 16.37 -12.53
CA ARG G 10 -42.01 17.17 -11.89
C ARG G 10 -41.33 18.08 -12.91
N TYR G 11 -41.07 17.60 -14.12
CA TYR G 11 -40.39 18.48 -15.06
C TYR G 11 -41.32 19.49 -15.70
N GLU G 12 -42.61 19.21 -15.83
CA GLU G 12 -43.54 20.26 -16.23
C GLU G 12 -43.59 21.37 -15.19
N LYS G 13 -43.65 21.00 -13.91
CA LYS G 13 -43.63 22.00 -12.86
C LYS G 13 -42.35 22.82 -12.88
N GLU G 14 -41.20 22.16 -13.11
CA GLU G 14 -39.94 22.90 -13.19
C GLU G 14 -39.93 23.85 -14.37
N PHE G 15 -40.48 23.43 -15.51
CA PHE G 15 -40.48 24.28 -16.69
C PHE G 15 -41.44 25.45 -16.60
N ASP G 16 -42.49 25.36 -15.79
CA ASP G 16 -43.44 26.46 -15.68
C ASP G 16 -43.03 27.50 -14.64
N GLU G 17 -41.82 27.37 -14.10
CA GLU G 17 -41.36 28.37 -13.13
C GLU G 17 -39.95 28.87 -13.42
N ALA G 18 -39.37 28.59 -14.58
CA ALA G 18 -38.11 29.20 -14.98
C ALA G 18 -38.32 30.67 -15.31
N TYR G 19 -37.34 31.49 -14.92
CA TYR G 19 -37.45 32.93 -15.05
C TYR G 19 -36.37 33.58 -15.90
N ASP G 20 -35.33 32.84 -16.29
CA ASP G 20 -34.25 33.39 -17.10
C ASP G 20 -33.92 32.34 -18.16
N LEU G 21 -32.89 32.61 -18.96
CA LEU G 21 -32.45 31.66 -19.97
C LEU G 21 -31.52 30.59 -19.39
N PHE G 22 -30.69 30.98 -18.43
CA PHE G 22 -29.84 30.04 -17.73
C PHE G 22 -30.67 28.93 -17.10
N GLU G 23 -31.80 29.27 -16.50
CA GLU G 23 -32.62 28.27 -15.84
C GLU G 23 -33.32 27.36 -16.85
N VAL G 24 -33.80 27.92 -17.96
CA VAL G 24 -34.42 27.10 -18.99
C VAL G 24 -33.41 26.09 -19.53
N GLN G 25 -32.20 26.54 -19.81
CA GLN G 25 -31.19 25.63 -20.32
C GLN G 25 -30.72 24.63 -19.27
N ARG G 26 -30.69 25.02 -18.00
CA ARG G 26 -30.36 24.07 -16.94
C ARG G 26 -31.40 22.97 -16.84
N VAL G 27 -32.68 23.34 -16.83
CA VAL G 27 -33.72 22.32 -16.71
C VAL G 27 -33.81 21.48 -17.96
N LEU G 28 -33.47 22.02 -19.12
CA LEU G 28 -33.44 21.23 -20.34
C LEU G 28 -32.25 20.28 -20.37
N ASN G 29 -31.12 20.66 -19.79
CA ASN G 29 -29.94 19.81 -19.76
C ASN G 29 -30.07 18.65 -18.78
N ASN G 30 -30.82 18.84 -17.70
CA ASN G 30 -31.04 17.77 -16.74
C ASN G 30 -32.31 16.98 -17.03
N CYS G 31 -33.07 17.36 -18.05
CA CYS G 31 -34.19 16.56 -18.54
C CYS G 31 -33.72 15.51 -19.54
N PHE G 32 -32.86 15.90 -20.47
CA PHE G 32 -32.23 14.96 -21.38
C PHE G 32 -31.01 14.28 -20.78
N SER G 33 -31.14 13.72 -19.57
CA SER G 33 -30.00 13.10 -18.91
C SER G 33 -30.43 11.90 -18.09
N TYR G 34 -31.55 11.30 -18.43
CA TYR G 34 -32.10 10.14 -17.76
C TYR G 34 -32.25 9.03 -18.78
N ASP G 35 -32.88 7.94 -18.37
CA ASP G 35 -33.20 6.87 -19.31
C ASP G 35 -34.54 7.08 -19.98
N ILE G 36 -35.34 8.02 -19.49
CA ILE G 36 -36.68 8.28 -20.02
C ILE G 36 -36.60 9.42 -21.02
N VAL G 37 -37.05 9.17 -22.24
CA VAL G 37 -37.19 10.29 -23.17
C VAL G 37 -38.31 11.19 -22.70
N PRO G 38 -38.17 12.50 -22.75
CA PRO G 38 -39.26 13.38 -22.33
C PRO G 38 -40.51 13.18 -23.16
N SER G 39 -41.65 13.26 -22.50
CA SER G 39 -42.94 13.09 -23.15
C SER G 39 -43.24 14.31 -24.02
N PRO G 40 -44.18 14.16 -24.95
CA PRO G 40 -44.56 15.31 -25.80
C PRO G 40 -45.16 16.46 -25.02
N ALA G 41 -45.68 16.22 -23.82
CA ALA G 41 -46.19 17.31 -23.01
C ALA G 41 -45.07 18.12 -22.36
N VAL G 42 -44.00 17.45 -21.92
CA VAL G 42 -42.88 18.16 -21.31
C VAL G 42 -42.21 19.08 -22.33
N ILE G 43 -41.98 18.58 -23.55
CA ILE G 43 -41.39 19.41 -24.59
C ILE G 43 -42.32 20.53 -25.02
N GLY G 44 -43.62 20.37 -24.83
CA GLY G 44 -44.54 21.44 -25.12
C GLY G 44 -44.41 22.56 -24.11
N LYS G 45 -43.99 22.22 -22.90
CA LYS G 45 -43.70 23.23 -21.89
C LYS G 45 -42.34 23.87 -22.10
N ALA G 46 -41.38 23.10 -22.61
CA ALA G 46 -40.05 23.66 -22.86
C ALA G 46 -40.09 24.76 -23.90
N LEU G 47 -40.87 24.59 -24.96
CA LEU G 47 -40.97 25.61 -25.99
C LEU G 47 -41.66 26.87 -25.49
N ASN G 48 -42.70 26.75 -24.67
CA ASN G 48 -43.31 27.93 -24.08
C ASN G 48 -42.35 28.64 -23.14
N ALA G 49 -41.55 27.89 -22.37
CA ALA G 49 -40.53 28.52 -21.55
C ALA G 49 -39.51 29.26 -22.40
N CYS G 50 -39.11 28.69 -23.53
CA CYS G 50 -38.17 29.35 -24.43
C CYS G 50 -38.77 30.59 -25.08
N ARG G 51 -40.08 30.62 -25.29
CA ARG G 51 -40.77 31.79 -25.79
C ARG G 51 -40.91 32.90 -24.74
N ARG G 52 -41.11 32.55 -23.47
CA ARG G 52 -41.15 33.57 -22.42
C ARG G 52 -39.80 34.24 -22.24
N VAL G 53 -38.73 33.46 -22.27
CA VAL G 53 -37.38 34.00 -22.12
C VAL G 53 -36.89 34.67 -23.40
N ASN G 54 -37.64 34.55 -24.50
CA ASN G 54 -37.28 35.14 -25.78
C ASN G 54 -35.97 34.60 -26.34
N ASP G 55 -35.93 33.31 -26.67
CA ASP G 55 -34.76 32.70 -27.27
C ASP G 55 -35.21 31.79 -28.41
N TYR G 56 -34.51 31.86 -29.54
CA TYR G 56 -34.84 31.07 -30.72
C TYR G 56 -33.95 29.86 -30.88
N ALA G 57 -32.65 29.99 -30.59
CA ALA G 57 -31.73 28.88 -30.78
C ALA G 57 -32.07 27.72 -29.87
N THR G 58 -32.47 28.00 -28.63
CA THR G 58 -32.83 26.93 -27.71
C THR G 58 -34.07 26.17 -28.16
N ALA G 59 -35.00 26.84 -28.84
CA ALA G 59 -36.18 26.17 -29.35
C ALA G 59 -35.88 25.32 -30.57
N VAL G 60 -34.83 25.63 -31.31
CA VAL G 60 -34.41 24.78 -32.42
C VAL G 60 -33.56 23.62 -31.92
N ARG G 61 -32.80 23.82 -30.85
CA ARG G 61 -31.90 22.77 -30.39
C ARG G 61 -32.63 21.70 -29.60
N VAL G 62 -33.84 22.00 -29.08
CA VAL G 62 -34.62 20.98 -28.40
C VAL G 62 -35.00 19.87 -29.37
N PHE G 63 -35.42 20.24 -30.57
CA PHE G 63 -35.82 19.25 -31.57
C PHE G 63 -34.62 18.48 -32.11
N GLU G 64 -33.43 19.05 -32.01
CA GLU G 64 -32.21 18.39 -32.45
C GLU G 64 -31.62 17.50 -31.38
N GLY G 65 -32.10 17.59 -30.14
CA GLY G 65 -31.70 16.66 -29.10
C GLY G 65 -32.59 15.45 -29.07
N LEU G 66 -33.83 15.59 -29.56
CA LEU G 66 -34.73 14.45 -29.62
C LEU G 66 -34.20 13.39 -30.58
N LYS G 67 -33.68 13.79 -31.73
CA LYS G 67 -33.25 12.80 -32.71
C LYS G 67 -32.01 12.05 -32.25
N HIS G 68 -31.26 12.60 -31.31
CA HIS G 68 -30.18 11.88 -30.67
C HIS G 68 -30.64 11.05 -29.50
N LYS G 69 -31.68 11.48 -28.79
CA LYS G 69 -32.19 10.72 -27.67
C LYS G 69 -32.97 9.49 -28.13
N VAL G 70 -33.83 9.65 -29.15
CA VAL G 70 -34.67 8.54 -29.58
C VAL G 70 -33.80 7.45 -30.20
N GLU G 71 -34.38 6.26 -30.32
CA GLU G 71 -33.66 5.11 -30.82
C GLU G 71 -33.69 5.00 -32.34
N THR G 72 -34.87 5.12 -32.94
CA THR G 72 -35.01 4.99 -34.38
C THR G 72 -35.48 6.30 -35.00
N LYS G 73 -35.73 6.29 -36.31
CA LYS G 73 -36.22 7.47 -37.00
C LYS G 73 -37.74 7.57 -37.01
N GLU G 74 -38.45 6.44 -36.94
CA GLU G 74 -39.91 6.49 -36.89
C GLU G 74 -40.39 7.17 -35.62
N GLN G 75 -39.70 6.96 -34.50
CA GLN G 75 -40.05 7.64 -33.27
C GLN G 75 -39.87 9.14 -33.39
N TYR G 76 -38.79 9.58 -34.04
CA TYR G 76 -38.57 11.01 -34.25
C TYR G 76 -39.68 11.62 -35.09
N ASP G 77 -40.12 10.95 -36.14
CA ASP G 77 -41.22 11.45 -36.94
C ASP G 77 -42.55 11.34 -36.24
N ALA G 78 -42.67 10.47 -35.23
CA ALA G 78 -43.87 10.44 -34.40
C ALA G 78 -43.87 11.56 -33.38
N TYR G 79 -42.70 12.07 -33.01
CA TYR G 79 -42.65 13.27 -32.17
C TYR G 79 -42.97 14.53 -32.96
N LEU G 80 -42.65 14.55 -34.24
CA LEU G 80 -42.83 15.74 -35.07
C LEU G 80 -44.21 15.81 -35.72
N GLU G 81 -44.96 14.72 -35.74
CA GLU G 81 -46.33 14.75 -36.23
C GLU G 81 -47.33 15.13 -35.14
N GLU G 82 -46.87 15.20 -33.89
CA GLU G 82 -47.68 15.65 -32.78
C GLU G 82 -47.23 16.99 -32.21
N LEU G 83 -45.96 17.32 -32.32
CA LEU G 83 -45.49 18.67 -32.00
C LEU G 83 -45.40 19.51 -33.26
N LYS G 84 -46.50 19.52 -34.02
CA LYS G 84 -46.59 20.29 -35.25
C LYS G 84 -47.44 21.53 -35.12
N ASP G 85 -48.46 21.51 -34.26
CA ASP G 85 -49.25 22.71 -34.01
C ASP G 85 -48.49 23.69 -33.13
N VAL G 86 -47.65 23.19 -32.21
CA VAL G 86 -46.83 24.07 -31.40
C VAL G 86 -45.78 24.77 -32.24
N ARG G 87 -45.19 24.08 -33.20
CA ARG G 87 -44.15 24.67 -34.04
C ARG G 87 -44.73 25.70 -35.00
N GLU G 88 -45.81 25.36 -35.69
CA GLU G 88 -46.37 26.31 -36.65
C GLU G 88 -47.06 27.47 -36.00
N GLU G 89 -47.28 27.44 -34.70
CA GLU G 89 -47.86 28.55 -33.97
C GLU G 89 -46.81 29.48 -33.39
N LEU G 90 -45.75 28.90 -32.82
CA LEU G 90 -44.66 29.71 -32.28
C LEU G 90 -43.75 30.22 -33.40
N GLY G 91 -43.57 29.42 -34.45
CA GLY G 91 -42.70 29.78 -35.55
C GLY G 91 -41.38 29.05 -35.61
N ILE G 92 -41.20 28.00 -34.80
CA ILE G 92 -39.91 27.32 -34.72
C ILE G 92 -39.64 26.55 -36.00
N ASP G 93 -38.42 26.65 -36.50
CA ASP G 93 -37.96 25.93 -37.68
C ASP G 93 -36.85 24.97 -37.27
N LEU G 94 -36.98 23.72 -37.71
CA LEU G 94 -35.97 22.72 -37.39
C LEU G 94 -34.67 23.05 -38.12
N LYS G 95 -33.58 22.42 -37.66
CA LYS G 95 -32.27 22.71 -38.25
C LYS G 95 -32.20 22.27 -39.70
N GLU G 96 -32.81 21.13 -40.04
CA GLU G 96 -32.74 20.62 -41.40
C GLU G 96 -33.60 21.42 -42.38
N GLU G 97 -34.39 22.39 -41.89
CA GLU G 97 -35.08 23.33 -42.75
C GLU G 97 -34.36 24.67 -42.86
N LEU G 98 -33.48 24.99 -41.93
CA LEU G 98 -32.63 26.16 -42.00
C LEU G 98 -31.33 25.90 -42.73
N PHE G 99 -30.73 24.73 -42.50
CA PHE G 99 -29.44 24.37 -43.06
C PHE G 99 -28.35 25.32 -42.57
N PRO G 100 -28.22 25.53 -41.25
CA PRO G 100 -27.27 26.56 -40.85
C PRO G 100 -25.84 26.07 -40.91
N THR H 1 13.53 42.34 35.86
CA THR H 1 13.08 42.38 37.25
C THR H 1 12.90 40.99 37.82
N ALA H 2 11.69 40.69 38.31
CA ALA H 2 11.41 39.42 38.94
C ALA H 2 11.50 38.28 37.94
N THR H 3 11.28 37.05 38.40
CA THR H 3 11.41 35.88 37.56
C THR H 3 10.38 35.81 36.45
N GLU H 4 9.32 36.62 36.53
CA GLU H 4 8.39 36.78 35.41
C GLU H 4 8.82 37.95 34.51
N LYS H 5 9.84 37.66 33.71
CA LYS H 5 10.14 38.43 32.51
C LYS H 5 9.28 38.00 31.34
N ILE H 6 8.35 37.07 31.55
CA ILE H 6 7.53 36.51 30.50
C ILE H 6 6.66 37.60 29.89
N ILE H 7 6.32 38.63 30.67
CA ILE H 7 5.42 39.66 30.18
C ILE H 7 6.26 40.79 29.64
N GLU H 8 7.59 40.61 29.66
CA GLU H 8 8.52 41.56 29.09
C GLU H 8 9.22 41.03 27.85
N LEU H 9 9.36 39.72 27.71
CA LEU H 9 9.83 39.12 26.48
C LEU H 9 8.71 38.85 25.49
N GLN H 10 7.46 38.86 25.95
CA GLN H 10 6.31 38.78 25.07
C GLN H 10 6.00 40.09 24.38
N LYS H 11 6.52 41.20 24.90
CA LYS H 11 6.43 42.50 24.24
C LYS H 11 7.67 42.81 23.41
N PHE H 12 8.67 41.93 23.43
CA PHE H 12 9.89 42.08 22.67
C PHE H 12 9.90 41.21 21.42
N TYR H 13 9.49 39.96 21.54
CA TYR H 13 9.43 39.09 20.37
C TYR H 13 8.35 39.53 19.41
N GLN H 14 7.27 40.09 19.92
CA GLN H 14 6.34 40.88 19.13
C GLN H 14 6.91 42.29 19.03
N SER H 15 6.82 42.90 17.86
CA SER H 15 7.48 44.16 17.58
C SER H 15 9.00 44.05 17.63
N THR H 16 9.59 43.25 16.74
CA THR H 16 11.03 43.01 16.80
C THR H 16 11.75 43.47 15.54
N ASN H 17 11.20 43.16 14.35
CA ASN H 17 11.72 43.48 13.03
C ASN H 17 12.88 42.58 12.61
N LYS H 18 13.25 41.59 13.41
CA LYS H 18 14.28 40.62 13.06
C LYS H 18 13.70 39.22 13.15
N PRO H 19 14.31 38.26 12.47
CA PRO H 19 13.88 36.87 12.61
C PRO H 19 14.02 36.40 14.05
N ILE H 20 13.09 35.55 14.46
CA ILE H 20 12.98 35.19 15.87
C ILE H 20 14.17 34.40 16.39
N TYR H 21 14.98 33.82 15.51
CA TYR H 21 16.16 33.07 15.92
C TYR H 21 17.39 33.97 16.03
N ALA H 22 17.26 35.25 15.69
CA ALA H 22 18.38 36.17 15.78
C ALA H 22 17.94 37.51 16.34
N ALA H 23 16.94 37.50 17.19
CA ALA H 23 16.41 38.72 17.80
C ALA H 23 16.99 39.00 19.17
N HIS H 24 17.07 37.98 20.03
CA HIS H 24 17.63 38.16 21.36
C HIS H 24 19.11 38.52 21.27
N PRO H 25 19.60 39.32 22.22
CA PRO H 25 21.04 39.60 22.25
C PRO H 25 21.86 38.50 22.92
N ARG H 26 21.53 37.26 22.58
CA ARG H 26 22.28 36.07 22.95
C ARG H 26 22.42 35.09 21.80
N SER H 27 21.66 35.28 20.73
CA SER H 27 21.71 34.38 19.58
C SER H 27 23.05 34.41 18.87
N LYS H 28 23.88 35.42 19.12
CA LYS H 28 25.24 35.43 18.58
C LYS H 28 26.01 34.21 19.07
N TYR H 29 25.94 33.95 20.37
CA TYR H 29 26.75 32.89 20.96
C TYR H 29 26.28 31.51 20.52
N TYR H 30 25.05 31.40 20.02
CA TYR H 30 24.59 30.13 19.49
C TYR H 30 24.81 30.01 17.98
N LEU H 31 24.72 31.11 17.25
CA LEU H 31 24.70 31.07 15.80
C LEU H 31 26.07 31.27 15.16
N ILE H 32 27.01 31.91 15.82
CA ILE H 32 28.33 32.10 15.21
C ILE H 32 29.08 30.77 15.23
N PRO H 33 29.25 30.13 16.39
CA PRO H 33 29.92 28.82 16.40
C PRO H 33 29.26 27.77 15.53
N TYR H 34 27.93 27.73 15.49
CA TYR H 34 27.25 26.68 14.75
C TYR H 34 27.49 26.81 13.26
N PHE H 35 27.27 27.99 12.71
CA PHE H 35 27.50 28.19 11.29
C PHE H 35 28.98 28.13 10.94
N GLY H 36 29.85 28.50 11.87
CA GLY H 36 31.27 28.36 11.64
C GLY H 36 31.73 26.92 11.53
N LEU H 37 31.25 26.07 12.45
CA LEU H 37 31.65 24.67 12.43
C LEU H 37 30.94 23.86 11.35
N LEU H 38 29.73 24.25 10.96
CA LEU H 38 29.05 23.56 9.88
C LEU H 38 29.79 23.67 8.56
N GLY H 39 30.38 24.83 8.27
CA GLY H 39 31.14 25.00 7.06
C GLY H 39 32.46 24.27 7.02
N VAL H 40 33.03 23.96 8.18
CA VAL H 40 34.21 23.11 8.22
C VAL H 40 33.83 21.64 8.11
N SER H 41 32.74 21.24 8.76
CA SER H 41 32.30 19.86 8.64
C SER H 41 31.92 19.53 7.20
N VAL H 42 31.20 20.43 6.52
CA VAL H 42 30.81 20.17 5.14
C VAL H 42 31.97 20.28 4.16
N ALA H 43 33.00 21.06 4.50
CA ALA H 43 34.17 21.16 3.66
C ALA H 43 35.21 20.09 3.94
N ALA H 44 35.03 19.30 5.00
CA ALA H 44 35.86 18.14 5.24
C ALA H 44 35.26 16.85 4.70
N THR H 45 33.94 16.79 4.51
CA THR H 45 33.31 15.62 3.90
C THR H 45 33.23 15.74 2.39
N LEU H 46 33.66 16.86 1.82
CA LEU H 46 33.75 17.03 0.38
C LEU H 46 35.19 16.97 -0.10
N PHE H 47 36.16 17.12 0.80
CA PHE H 47 37.56 16.90 0.50
C PHE H 47 37.95 15.44 0.59
N TYR H 48 37.26 14.67 1.43
CA TYR H 48 37.55 13.26 1.60
C TYR H 48 36.66 12.36 0.74
N THR H 49 35.65 12.91 0.08
CA THR H 49 34.86 12.15 -0.88
C THR H 49 35.29 12.40 -2.31
N GLY H 50 36.25 13.28 -2.53
CA GLY H 50 36.83 13.46 -3.85
C GLY H 50 38.24 12.91 -3.83
N ARG H 51 38.84 12.94 -2.64
CA ARG H 51 40.11 12.30 -2.39
C ARG H 51 39.98 10.79 -2.26
N ALA H 52 38.76 10.28 -2.10
CA ALA H 52 38.51 8.84 -2.05
C ALA H 52 38.13 8.28 -3.41
N CYS H 53 37.46 9.07 -4.25
CA CYS H 53 37.18 8.64 -5.61
C CYS H 53 38.44 8.43 -6.42
N PHE H 54 39.54 9.09 -6.04
CA PHE H 54 40.83 8.94 -6.70
C PHE H 54 41.70 7.86 -6.07
N GLY H 55 41.26 7.25 -4.97
CA GLY H 55 41.99 6.17 -4.35
C GLY H 55 42.96 6.55 -3.26
N ILE H 56 42.97 7.81 -2.85
CA ILE H 56 43.92 8.26 -1.83
C ILE H 56 43.42 7.88 -0.45
N LYS H 57 44.26 7.23 0.33
CA LYS H 57 43.96 6.81 1.68
C LYS H 57 44.87 7.54 2.67
N ASP H 58 44.59 7.35 3.95
CA ASP H 58 45.39 7.97 5.00
C ASP H 58 46.07 6.91 5.86
N ASP I 1 3.72 40.63 -6.81
CA ASP I 1 4.14 40.27 -8.16
C ASP I 1 3.59 38.92 -8.57
N VAL I 2 2.41 38.57 -8.04
CA VAL I 2 1.76 37.31 -8.40
C VAL I 2 1.45 37.30 -9.88
N GLY I 3 1.72 36.17 -10.53
CA GLY I 3 1.50 36.06 -11.95
C GLY I 3 2.03 34.77 -12.52
N PRO I 4 2.13 34.69 -13.85
CA PRO I 4 2.41 33.41 -14.50
C PRO I 4 3.87 32.96 -14.43
N TYR I 5 4.82 33.86 -14.16
CA TYR I 5 6.23 33.47 -14.07
C TYR I 5 6.79 33.87 -12.70
N SER I 6 5.99 33.68 -11.66
CA SER I 6 6.38 34.08 -10.32
C SER I 6 6.68 32.94 -9.38
N ASN I 7 6.12 31.75 -9.62
CA ASN I 7 6.29 30.62 -8.73
C ASN I 7 7.37 29.64 -9.18
N LEU I 8 8.18 30.00 -10.17
CA LEU I 8 9.27 29.18 -10.67
C LEU I 8 10.61 29.66 -10.12
N PRO I 9 11.45 28.74 -9.63
CA PRO I 9 12.73 29.15 -9.04
C PRO I 9 13.68 29.83 -10.00
N PHE I 10 13.47 29.69 -11.31
CA PHE I 10 14.37 30.20 -12.32
C PHE I 10 13.67 31.24 -13.17
N LYS I 11 14.46 32.16 -13.72
CA LYS I 11 13.96 33.21 -14.58
C LYS I 11 13.87 32.71 -16.01
N VAL I 12 12.79 33.09 -16.71
CA VAL I 12 12.53 32.59 -18.04
C VAL I 12 12.44 33.69 -19.09
N LYS I 13 12.16 34.93 -18.73
CA LYS I 13 12.02 35.99 -19.71
C LYS I 13 12.77 37.23 -19.24
N ASN I 14 13.16 38.07 -20.21
CA ASN I 14 14.00 39.23 -19.94
C ASN I 14 15.31 38.77 -19.31
N ARG I 15 16.11 38.03 -20.07
CA ARG I 15 17.27 37.34 -19.53
C ARG I 15 18.45 37.54 -20.46
N ARG I 16 19.64 37.72 -19.89
CA ARG I 16 20.84 37.96 -20.70
C ARG I 16 21.17 36.74 -21.54
N VAL I 17 21.49 35.63 -20.91
CA VAL I 17 21.73 34.37 -21.61
C VAL I 17 20.36 33.74 -21.90
N PRO I 18 20.05 33.41 -23.16
CA PRO I 18 18.74 32.87 -23.46
C PRO I 18 18.48 31.55 -22.75
N TYR I 19 17.20 31.31 -22.45
CA TYR I 19 16.81 30.23 -21.55
C TYR I 19 17.17 28.86 -22.11
N ALA I 20 17.35 28.75 -23.42
CA ALA I 20 17.65 27.47 -24.04
C ALA I 20 18.92 26.87 -23.48
N VAL I 21 19.92 27.70 -23.17
CA VAL I 21 21.19 27.21 -22.63
C VAL I 21 20.97 26.55 -21.27
N PRO I 22 20.35 27.23 -20.29
CA PRO I 22 20.08 26.57 -19.01
C PRO I 22 19.15 25.38 -19.13
N HIS I 23 18.21 25.40 -20.06
CA HIS I 23 17.31 24.26 -20.20
C HIS I 23 18.03 23.06 -20.77
N PHE I 24 18.91 23.28 -21.76
CA PHE I 24 19.61 22.17 -22.39
C PHE I 24 20.68 21.58 -21.49
N LEU I 25 21.40 22.44 -20.74
CA LEU I 25 22.49 21.94 -19.92
C LEU I 25 21.97 21.01 -18.82
N PHE I 26 20.79 21.31 -18.30
CA PHE I 26 20.16 20.47 -17.27
C PHE I 26 20.01 19.04 -17.76
N PHE I 27 19.38 18.88 -18.92
CA PHE I 27 19.14 17.54 -19.45
C PHE I 27 20.43 16.88 -19.92
N ALA I 28 21.36 17.67 -20.48
CA ALA I 28 22.63 17.09 -20.91
C ALA I 28 23.41 16.53 -19.73
N ILE I 29 23.48 17.28 -18.63
CA ILE I 29 24.17 16.80 -17.43
C ILE I 29 23.46 15.56 -16.88
N GLY I 30 22.13 15.60 -16.86
CA GLY I 30 21.39 14.47 -16.35
C GLY I 30 21.62 13.20 -17.15
N MET I 31 21.68 13.32 -18.46
CA MET I 31 21.90 12.16 -19.32
C MET I 31 23.38 11.87 -19.57
N GLY I 32 24.28 12.66 -19.00
CA GLY I 32 25.69 12.38 -19.15
C GLY I 32 26.38 11.89 -17.88
N ILE I 33 25.78 12.15 -16.72
CA ILE I 33 26.36 11.62 -15.48
C ILE I 33 26.48 10.10 -15.49
N PRO I 34 25.46 9.33 -15.90
CA PRO I 34 25.60 7.87 -15.89
C PRO I 34 26.67 7.33 -16.82
N PHE I 35 27.18 8.11 -17.77
CA PHE I 35 28.29 7.69 -18.60
C PHE I 35 29.64 8.00 -18.00
N PHE I 36 29.73 9.07 -17.21
CA PHE I 36 30.99 9.40 -16.54
C PHE I 36 31.37 8.33 -15.53
N ALA I 37 30.39 7.81 -14.79
CA ALA I 37 30.68 6.74 -13.83
C ALA I 37 31.20 5.49 -14.54
N CYS I 38 30.60 5.15 -15.68
CA CYS I 38 31.06 4.01 -16.44
C CYS I 38 32.46 4.22 -16.97
N TYR I 39 32.77 5.42 -17.44
CA TYR I 39 34.13 5.72 -17.90
C TYR I 39 35.13 5.58 -16.76
N VAL I 40 34.80 6.12 -15.60
CA VAL I 40 35.72 6.06 -14.45
C VAL I 40 35.99 4.61 -14.07
N GLN I 41 34.93 3.81 -13.97
CA GLN I 41 35.12 2.44 -13.49
C GLN I 41 35.68 1.52 -14.57
N LEU I 42 35.55 1.90 -15.85
CA LEU I 42 36.21 1.14 -16.90
C LEU I 42 37.69 1.45 -16.97
N LYS I 43 38.06 2.71 -16.77
CA LYS I 43 39.46 3.09 -16.78
C LYS I 43 40.18 2.77 -15.49
N ARG I 44 39.45 2.45 -14.42
CA ARG I 44 40.06 2.00 -13.18
C ARG I 44 40.34 0.51 -13.16
N SER I 45 39.92 -0.23 -14.18
CA SER I 45 40.04 -1.69 -14.19
C SER I 45 40.67 -2.19 -15.47
N GLY I 46 41.60 -1.43 -16.05
CA GLY I 46 42.34 -1.91 -17.19
C GLY I 46 41.63 -1.74 -18.52
N SER I 47 40.33 -2.00 -18.54
CA SER I 47 39.50 -1.83 -19.73
C SER I 47 39.64 -0.41 -20.28
N ILE I 48 39.50 -0.27 -21.59
CA ILE I 48 39.72 1.00 -22.29
C ILE I 48 38.98 2.18 -21.67
N SER J 1 -47.18 3.50 -27.27
CA SER J 1 -47.04 3.94 -28.64
C SER J 1 -45.59 4.19 -28.99
N LEU J 2 -45.35 4.98 -30.02
CA LEU J 2 -44.00 5.35 -30.43
C LEU J 2 -43.49 6.59 -29.71
N THR J 3 -44.33 7.22 -28.89
CA THR J 3 -43.95 8.40 -28.13
C THR J 3 -43.82 8.10 -26.64
N ARG J 4 -43.62 6.84 -26.28
CA ARG J 4 -43.38 6.44 -24.90
C ARG J 4 -42.16 5.51 -24.88
N ILE J 5 -40.98 6.10 -24.71
CA ILE J 5 -39.73 5.36 -24.62
C ILE J 5 -39.21 5.51 -23.19
N GLN J 6 -38.94 4.40 -22.53
CA GLN J 6 -38.67 4.43 -21.10
C GLN J 6 -37.27 3.96 -20.74
N GLY J 7 -36.87 2.77 -21.16
CA GLY J 7 -35.56 2.28 -20.81
C GLY J 7 -34.78 1.78 -22.01
N SER J 8 -33.63 2.40 -22.30
CA SER J 8 -32.87 2.03 -23.47
C SER J 8 -31.43 1.69 -23.12
N VAL J 9 -30.88 2.36 -22.10
CA VAL J 9 -29.50 2.11 -21.72
C VAL J 9 -29.35 0.78 -21.01
N LYS J 10 -30.36 0.35 -20.25
CA LYS J 10 -30.27 -0.92 -19.54
C LYS J 10 -30.17 -2.09 -20.52
N ARG J 11 -30.95 -2.05 -21.60
CA ARG J 11 -30.86 -3.08 -22.61
C ARG J 11 -29.49 -3.11 -23.26
N ARG J 12 -28.92 -1.92 -23.50
CA ARG J 12 -27.58 -1.84 -24.06
C ARG J 12 -26.56 -2.48 -23.12
N ILE J 13 -26.69 -2.23 -21.82
CA ILE J 13 -25.76 -2.80 -20.86
C ILE J 13 -25.87 -4.32 -20.85
N LEU J 14 -27.09 -4.83 -20.85
CA LEU J 14 -27.27 -6.28 -20.87
C LEU J 14 -26.73 -6.91 -22.16
N THR J 15 -26.90 -6.24 -23.30
CA THR J 15 -26.37 -6.80 -24.54
C THR J 15 -24.85 -6.69 -24.61
N ASP J 16 -24.27 -5.67 -23.98
CA ASP J 16 -22.83 -5.47 -24.01
C ASP J 16 -22.09 -6.28 -22.96
N ILE J 17 -22.78 -6.80 -21.96
CA ILE J 17 -22.18 -7.78 -21.06
C ILE J 17 -22.40 -9.20 -21.53
N SER J 18 -23.42 -9.45 -22.34
CA SER J 18 -23.69 -10.77 -22.87
C SER J 18 -22.97 -11.02 -24.19
N VAL J 19 -22.19 -10.05 -24.66
CA VAL J 19 -21.34 -10.23 -25.84
C VAL J 19 -19.87 -10.11 -25.50
N GLY J 20 -19.53 -9.50 -24.37
CA GLY J 20 -18.15 -9.46 -23.94
C GLY J 20 -17.77 -10.73 -23.21
N LEU J 21 -18.77 -11.54 -22.86
CA LEU J 21 -18.54 -12.85 -22.26
C LEU J 21 -18.58 -13.97 -23.29
N THR J 22 -19.43 -13.87 -24.31
CA THR J 22 -19.41 -14.85 -25.39
C THR J 22 -18.09 -14.79 -26.14
N LEU J 23 -17.59 -13.59 -26.39
CA LEU J 23 -16.27 -13.45 -27.01
C LEU J 23 -15.18 -14.05 -26.13
N GLY J 24 -15.25 -13.77 -24.82
CA GLY J 24 -14.23 -14.27 -23.92
C GLY J 24 -14.22 -15.79 -23.86
N PHE J 25 -15.40 -16.39 -23.73
CA PHE J 25 -15.48 -17.84 -23.72
C PHE J 25 -15.10 -18.43 -25.06
N GLY J 26 -15.34 -17.71 -26.17
CA GLY J 26 -14.91 -18.21 -27.46
C GLY J 26 -13.40 -18.12 -27.64
N PHE J 27 -12.79 -17.03 -27.19
CA PHE J 27 -11.35 -16.85 -27.28
C PHE J 27 -10.60 -17.55 -26.16
N ALA J 28 -11.31 -18.12 -25.19
CA ALA J 28 -10.70 -18.95 -24.18
C ALA J 28 -10.96 -20.43 -24.38
N SER J 29 -11.97 -20.79 -25.17
CA SER J 29 -12.22 -22.17 -25.55
C SER J 29 -11.41 -22.58 -26.78
N TYR J 30 -10.68 -21.66 -27.37
CA TYR J 30 -9.69 -22.00 -28.38
C TYR J 30 -8.32 -22.28 -27.79
N TRP J 31 -8.03 -21.74 -26.61
CA TRP J 31 -6.79 -22.00 -25.90
C TRP J 31 -6.78 -23.38 -25.26
N TRP J 32 -7.93 -24.02 -25.11
CA TRP J 32 -8.04 -25.29 -24.38
C TRP J 32 -8.47 -26.43 -25.28
N TRP J 33 -8.98 -26.13 -26.47
CA TRP J 33 -9.31 -27.21 -27.39
C TRP J 33 -8.62 -27.06 -28.73
N GLY J 34 -7.71 -26.10 -28.89
CA GLY J 34 -6.96 -25.98 -30.12
C GLY J 34 -5.49 -25.68 -29.92
N VAL J 35 -5.09 -25.43 -28.68
CA VAL J 35 -3.70 -25.08 -28.40
C VAL J 35 -3.13 -25.98 -27.30
N HIS J 36 -4.00 -26.51 -26.44
CA HIS J 36 -3.55 -27.31 -25.31
C HIS J 36 -3.75 -28.80 -25.51
N LYS J 37 -4.97 -29.23 -25.82
CA LYS J 37 -5.26 -30.65 -25.91
C LYS J 37 -4.45 -31.36 -27.00
N PRO J 38 -4.34 -30.83 -28.22
CA PRO J 38 -3.47 -31.50 -29.21
C PRO J 38 -2.02 -31.61 -28.79
N THR J 39 -1.50 -30.64 -28.03
CA THR J 39 -0.15 -30.76 -27.52
C THR J 39 0.00 -31.96 -26.58
N VAL J 40 -0.97 -32.14 -25.67
CA VAL J 40 -0.93 -33.29 -24.78
C VAL J 40 -1.05 -34.59 -25.57
N ALA J 41 -1.89 -34.60 -26.60
CA ALA J 41 -2.04 -35.80 -27.41
C ALA J 41 -0.73 -36.15 -28.12
N HIS J 42 -0.05 -35.15 -28.68
CA HIS J 42 1.22 -35.39 -29.34
C HIS J 42 2.26 -35.90 -28.35
N ARG J 43 2.31 -35.29 -27.17
CA ARG J 43 3.21 -35.75 -26.11
C ARG J 43 2.98 -37.20 -25.75
N GLU J 44 1.72 -37.61 -25.61
CA GLU J 44 1.43 -38.97 -25.19
C GLU J 44 1.72 -39.97 -26.29
N ASN J 45 1.35 -39.64 -27.54
CA ASN J 45 1.66 -40.56 -28.64
C ASN J 45 3.17 -40.70 -28.85
N TYR J 46 3.95 -39.68 -28.47
CA TYR J 46 5.39 -39.90 -28.50
C TYR J 46 5.84 -40.96 -27.52
N TYR J 47 5.23 -41.03 -26.34
CA TYR J 47 5.65 -41.97 -25.32
C TYR J 47 5.07 -43.36 -25.53
N ILE J 48 3.97 -43.49 -26.29
CA ILE J 48 3.42 -44.80 -26.56
C ILE J 48 4.03 -45.35 -27.84
N GLU J 49 5.05 -44.67 -28.34
CA GLU J 49 5.87 -45.18 -29.43
C GLU J 49 7.34 -45.36 -29.04
N LEU J 50 7.82 -44.68 -27.99
CA LEU J 50 9.14 -44.91 -27.43
C LEU J 50 9.18 -46.16 -26.56
N ALA J 51 8.04 -46.67 -26.13
CA ALA J 51 7.97 -47.88 -25.32
C ALA J 51 7.84 -49.12 -26.18
N LYS J 52 7.16 -49.01 -27.32
CA LYS J 52 7.03 -50.15 -28.21
C LYS J 52 8.38 -50.54 -28.80
N LYS J 53 9.24 -49.56 -29.06
CA LYS J 53 10.59 -49.87 -29.52
C LYS J 53 11.37 -50.64 -28.44
N LYS J 54 11.25 -50.20 -27.19
CA LYS J 54 11.96 -50.89 -26.11
C LYS J 54 11.43 -52.31 -25.92
N LYS J 55 10.11 -52.50 -26.05
CA LYS J 55 9.55 -53.83 -25.90
C LYS J 55 10.08 -54.78 -26.96
N ALA J 56 10.21 -54.29 -28.19
CA ALA J 56 10.73 -55.11 -29.29
C ALA J 56 12.18 -55.53 -29.03
C4 YHR K . -9.16 -22.84 22.19
C3 YHR K . -10.63 -22.66 22.39
O2 YHR K . -11.37 -23.82 21.98
C1 YHR K . -11.06 -24.41 20.74
C10 YHR K . -9.19 -15.57 23.73
C11 YHR K . -10.63 -15.96 23.14
C12 YHR K . -11.16 -17.15 23.30
C13 YHR K . -10.40 -18.25 24.02
C14 YHR K . -10.91 -19.69 23.62
C15 YHR K . -10.29 -20.10 22.31
C16 YHR K . -11.00 -21.39 21.62
C17 YHR K . -12.49 -21.21 21.46
C20 YHR K . -14.39 -19.88 20.96
C22 YHR K . -12.65 -15.97 22.16
C23 YHR K . -11.60 -15.14 22.40
C24 YHR K . -11.63 -13.81 21.94
C25 YHR K . -12.74 -13.34 21.23
C26 YHR K . -13.82 -14.19 20.99
C27 YHR K . -13.79 -15.50 21.44
C29 YHR K . -15.41 -12.45 20.53
C31 YHR K . -7.48 -24.54 22.11
C33 YHR K . -6.98 -25.99 22.40
C34 YHR K . -5.69 -26.40 22.05
C35 YHR K . -5.28 -27.71 22.34
C36 YHR K . -6.16 -28.61 22.96
C37 YHR K . -7.45 -28.19 23.29
C38 YHR K . -7.85 -26.88 23.02
C40 YHR K . -9.66 -29.07 23.46
C42 YHR K . -5.54 -30.22 24.62
C44 YHR K . -3.00 -27.93 22.94
C5 YHR K . -8.45 -21.74 23.03
C6 YHR K . -8.85 -20.29 22.51
C7 YHR K . -8.19 -19.26 23.53
C9 YHR K . -8.46 -16.90 24.29
N21 YHR K . -12.40 -17.19 22.69
N8 YHR K . -9.01 -18.04 23.73
O18 YHR K . -13.24 -22.12 21.54
O19 YHR K . -13.00 -19.92 21.21
O28 YHR K . -14.96 -13.77 20.27
O30 YHR K . -8.73 -24.11 22.64
O32 YHR K . -6.83 -23.80 21.45
O39 YHR K . -8.32 -29.09 23.92
O41 YHR K . -5.75 -29.94 23.23
O43 YHR K . -3.99 -28.15 21.99
H1 YHR K . -8.91 -22.72 21.15
H2 YHR K . -10.81 -22.48 23.44
H3 YHR K . -11.94 -24.96 20.37
H4 YHR K . -10.76 -23.67 20.01
H5 YHR K . -10.25 -25.12 20.89
H6 YHR K . -8.59 -15.13 22.93
H7 YHR K . -9.31 -14.86 24.53
H8 YHR K . -10.56 -18.12 25.09
H9 YHR K . -10.61 -20.40 24.38
H10 YHR K . -11.99 -19.66 23.58
H11 YHR K . -10.41 -19.28 21.63
H12 YHR K . -10.58 -21.48 20.62
H13 YHR K . -14.93 -20.18 21.86
H14 YHR K . -14.67 -18.86 20.68
H15 YHR K . -14.63 -20.56 20.14
H16 YHR K . -10.79 -13.15 22.12
H17 YHR K . -12.77 -12.34 20.87
H18 YHR K . -14.61 -16.15 21.26
H19 YHR K . -14.78 -11.74 20.03
H20 YHR K . -16.44 -12.33 20.17
H21 YHR K . -15.40 -12.27 21.61
H22 YHR K . -5.01 -25.72 21.57
H23 YHR K . -8.86 -26.55 23.29
H24 YHR K . -9.70 -28.93 22.39
H25 YHR K . -10.20 -28.24 23.96
H26 YHR K . -10.14 -30.01 23.72
H27 YHR K . -5.57 -29.29 25.18
H28 YHR K . -4.57 -30.68 24.74
H29 YHR K . -6.31 -30.88 24.98
H30 YHR K . -3.19 -28.53 23.81
H31 YHR K . -3.01 -26.87 23.21
H32 YHR K . -2.02 -28.19 22.53
H33 YHR K . -7.38 -21.85 22.96
H34 YHR K . -8.76 -21.85 24.06
H35 YHR K . -8.36 -20.16 21.55
H36 YHR K . -8.03 -19.74 24.49
H37 YHR K . -7.23 -18.96 23.12
H38 YHR K . -7.41 -16.86 24.06
H39 YHR K . -8.59 -16.96 25.37
H40 YHR K . -13.01 -17.97 22.66
CU CU L . 5.06 -8.99 -3.82
FE HEA M . 13.36 -1.62 -15.55
CHA HEA M . 15.98 -3.10 -14.05
CHB HEA M . 14.22 -2.56 -18.39
CHC HEA M . 12.74 1.49 -16.48
CHD HEA M . 11.78 -1.38 -12.87
NA HEA M . 14.85 -2.65 -16.13
C1A HEA M . 15.87 -3.26 -15.40
C2A HEA M . 16.69 -3.94 -16.27
C3A HEA M . 16.19 -3.81 -17.55
C4A HEA M . 15.05 -3.03 -17.44
CMA HEA M . 16.73 -4.35 -18.80
OMA HEA M . 17.50 -5.28 -18.77
CAA HEA M . 17.91 -4.72 -15.86
CBA HEA M . 17.37 -6.02 -15.23
CGA HEA M . 18.47 -7.02 -15.01
O1A HEA M . 18.61 -7.51 -13.92
O2A HEA M . 19.22 -7.44 -16.03
NB HEA M . 13.53 -0.63 -17.17
C1B HEA M . 13.87 -1.23 -18.33
C2B HEA M . 13.87 -0.26 -19.40
C3B HEA M . 13.45 0.91 -18.88
C4B HEA M . 13.20 0.65 -17.46
CMB HEA M . 14.26 -0.54 -20.82
NC HEA M . 12.41 -0.15 -14.78
C1C HEA M . 12.19 1.12 -15.29
C2C HEA M . 11.40 1.80 -14.39
C3C HEA M . 11.11 0.98 -13.32
C4C HEA M . 11.72 -0.24 -13.58
CMC HEA M . 10.89 3.20 -14.52
CAC HEA M . 10.30 1.30 -12.14
CBC HEA M . 10.50 2.39 -11.43
ND HEA M . 13.86 -2.10 -13.76
C1D HEA M . 13.01 -1.97 -12.70
C2D HEA M . 13.62 -2.44 -11.47
C3D HEA M . 14.82 -2.94 -11.82
C4D HEA M . 14.94 -2.74 -13.26
CMD HEA M . 13.00 -2.40 -10.10
CAD HEA M . 15.85 -3.55 -10.92
CBD HEA M . 15.82 -5.08 -10.97
CGD HEA M . 17.06 -5.60 -10.30
O1D HEA M . 17.63 -6.55 -10.76
O2D HEA M . 17.49 -5.06 -9.16
C11 HEA M . 13.31 2.15 -19.74
O11 HEA M . 12.37 1.87 -20.78
C12 HEA M . 12.85 3.41 -19.03
C13 HEA M . 11.40 3.72 -19.41
C14 HEA M . 11.24 5.20 -19.60
C15 HEA M . 10.63 5.93 -18.71
C16 HEA M . 10.71 7.42 -18.80
C17 HEA M . 10.75 8.01 -17.39
C18 HEA M . 10.11 9.37 -17.39
C19 HEA M . 10.80 10.42 -17.03
C20 HEA M . 10.06 11.68 -16.67
C21 HEA M . 9.36 11.49 -15.32
C22 HEA M . 8.00 12.12 -15.36
C23 HEA M . 7.62 12.93 -14.41
C24 HEA M . 8.52 13.18 -13.22
C25 HEA M . 6.34 13.71 -14.55
C26 HEA M . 9.79 5.26 -17.64
C27 HEA M . 12.22 10.25 -16.55
FE HEA N . 3.82 -7.59 -7.23
CHA HEA N . 6.52 -9.03 -6.54
CHB HEA N . 2.35 -10.47 -8.19
CHC HEA N . 1.10 -6.08 -7.03
CHD HEA N . 5.37 -5.05 -8.81
NA HEA N . 4.34 -9.42 -7.38
C1A HEA N . 5.60 -9.90 -6.98
C2A HEA N . 5.67 -11.26 -7.17
C3A HEA N . 4.44 -11.66 -7.64
C4A HEA N . 3.62 -10.54 -7.76
CMA HEA N . 4.07 -13.03 -7.95
OMA HEA N . 4.57 -13.95 -7.32
CAA HEA N . 6.85 -12.14 -6.89
CBA HEA N . 7.47 -12.57 -8.21
CGA HEA N . 8.60 -13.52 -7.95
O1A HEA N . 8.43 -14.70 -8.08
O2A HEA N . 9.80 -13.05 -7.58
NB HEA N . 2.04 -8.18 -7.63
C1B HEA N . 1.55 -9.39 -7.95
C2B HEA N . 0.11 -9.36 -8.04
C3B HEA N . -0.28 -8.11 -7.73
C4B HEA N . 0.94 -7.39 -7.42
CMB HEA N . -0.79 -10.49 -8.45
NC HEA N . 3.31 -5.85 -7.86
C1C HEA N . 2.04 -5.31 -7.64
C2C HEA N . 2.00 -4.04 -8.17
C3C HEA N . 3.24 -3.74 -8.68
C4C HEA N . 4.07 -4.85 -8.48
CMC HEA N . 0.81 -3.13 -8.18
CAC HEA N . 3.59 -2.47 -9.31
CBC HEA N . 4.41 -1.62 -8.69
ND HEA N . 5.63 -7.15 -7.67
C1D HEA N . 6.16 -6.05 -8.27
C2D HEA N . 7.61 -6.14 -8.28
C3D HEA N . 7.94 -7.28 -7.64
C4D HEA N . 6.69 -7.86 -7.23
CMD HEA N . 8.57 -5.14 -8.86
CAD HEA N . 9.29 -7.89 -7.31
CBD HEA N . 10.40 -7.71 -8.32
CGD HEA N . 11.67 -8.12 -7.61
O1D HEA N . 11.76 -7.95 -6.42
O2D HEA N . 12.75 -8.52 -8.30
C11 HEA N . -1.71 -7.63 -7.71
O11 HEA N . -1.85 -6.48 -6.86
C12 HEA N . -2.17 -7.28 -9.12
C13 HEA N . -3.66 -7.60 -9.23
C14 HEA N . -4.18 -7.10 -10.55
C15 HEA N . -5.19 -7.70 -11.12
C16 HEA N . -5.97 -6.99 -12.19
C17 HEA N . -7.44 -7.04 -11.81
C18 HEA N . -8.30 -6.93 -13.04
C19 HEA N . -9.47 -7.52 -13.05
C20 HEA N . -9.89 -8.38 -11.89
C21 HEA N . -10.10 -9.81 -12.38
C22 HEA N . -10.12 -10.76 -11.22
C23 HEA N . -9.42 -11.86 -11.26
C24 HEA N . -9.69 -12.95 -10.26
C25 HEA N . -8.38 -12.08 -12.33
C26 HEA N . -5.76 -8.95 -10.49
C27 HEA N . -10.30 -7.49 -14.31
CU1 CUA O . 25.21 -17.96 -9.53
CU2 CUA O . 26.20 -19.24 -8.94
C1 PTY P . 9.04 19.57 15.99
C2 PTY P . 4.84 24.58 15.21
C3 PTY P . 5.66 24.06 14.03
O4 PTY P . 10.14 18.71 15.60
C5 PTY P . 7.13 20.50 14.74
C6 PTY P . 7.78 19.20 15.21
O7 PTY P . 6.87 18.50 16.09
C8 PTY P . 6.19 17.42 15.70
O10 PTY P . 4.98 17.46 15.68
C11 PTY P . 6.90 16.16 15.30
C12 PTY P . 7.55 15.52 16.52
C13 PTY P . 8.66 14.56 16.08
C14 PTY P . 9.81 15.33 15.43
C15 PTY P . 10.41 14.49 14.30
C16 PTY P . 11.14 13.28 14.87
C17 PTY P . 11.87 12.55 13.74
C18 PTY P . 12.58 11.32 14.28
C19 PTY P . 13.18 10.52 13.12
C30 PTY P . 11.36 19.00 16.06
C31 PTY P . 12.53 18.11 15.74
O30 PTY P . 11.53 19.98 16.73
C32 PTY P . 12.34 17.51 14.35
C33 PTY P . 13.71 17.14 13.75
C34 PTY P . 14.36 16.06 14.60
C35 PTY P . 15.60 15.55 13.88
C36 PTY P . 15.21 15.07 12.48
C37 PTY P . 16.28 14.10 11.97
C38 PTY P . 15.85 13.53 10.62
P1 PTY P . 7.13 22.33 13.14
O11 PTY P . 6.33 22.87 14.42
O12 PTY P . 6.17 22.27 11.87
O13 PTY P . 8.25 23.22 12.85
O14 PTY P . 7.70 20.87 13.49
N1 PTY P . 3.46 24.75 14.77
C1 PTY Q . 7.78 22.41 23.24
C2 PTY Q . 3.89 27.02 27.61
C3 PTY Q . 3.62 26.04 26.48
O4 PTY Q . 8.38 21.11 23.49
C5 PTY Q . 5.29 22.73 23.44
C6 PTY Q . 6.42 22.19 22.56
O7 PTY Q . 6.23 20.77 22.39
C8 PTY Q . 5.81 20.26 21.23
O10 PTY Q . 5.35 21.00 20.38
C11 PTY Q . 5.93 18.79 20.97
C12 PTY Q . 7.35 18.32 21.33
C13 PTY Q . 7.89 17.41 20.23
C14 PTY Q . 9.34 17.04 20.57
C15 PTY Q . 9.87 16.05 19.53
C16 PTY Q . 11.36 15.82 19.77
C17 PTY Q . 11.92 14.88 18.71
C18 PTY Q . 13.44 14.85 18.82
C19 PTY Q . 13.97 13.46 18.48
C20 PTY Q . 14.40 13.41 17.01
C21 PTY Q . 15.43 12.30 16.82
C22 PTY Q . 14.84 10.97 17.25
C30 PTY Q . 9.70 20.98 23.61
C31 PTY Q . 10.30 19.61 23.82
O30 PTY Q . 10.42 21.94 23.52
C32 PTY Q . 11.81 19.61 23.58
C33 PTY Q . 12.27 18.17 23.33
C34 PTY Q . 13.76 18.12 23.05
C35 PTY Q . 14.18 16.67 22.85
C36 PTY Q . 15.66 16.63 22.45
C37 PTY Q . 16.15 15.19 22.29
C38 PTY Q . 17.36 15.18 21.36
C39 PTY Q . 18.35 14.10 21.79
C40 PTY Q . 19.18 14.61 22.97
C41 PTY Q . 20.27 13.59 23.30
P1 PTY Q . 4.58 24.22 25.21
O11 PTY Q . 4.86 25.64 25.91
O12 PTY Q . 4.60 23.08 26.33
O13 PTY Q . 3.26 24.26 24.57
O14 PTY Q . 5.70 23.93 24.10
N1 PTY Q . 3.05 28.21 27.47
ZN ZN R . -26.57 23.14 -6.01
C1 PTY S . -8.81 8.75 -32.24
C2 PTY S . -13.51 14.32 -35.38
C3 PTY S . -12.88 13.93 -34.04
O4 PTY S . -9.73 8.20 -31.26
C5 PTY S . -9.66 11.06 -31.75
C6 PTY S . -8.42 10.17 -31.82
O7 PTY S . -7.46 10.70 -32.77
C8 PTY S . -6.18 10.83 -32.42
O10 PTY S . -5.85 10.59 -31.28
C11 PTY S . -5.14 11.28 -33.41
C12 PTY S . -4.80 10.13 -34.37
C13 PTY S . -3.29 10.01 -34.48
C14 PTY S . -2.93 8.64 -35.06
C15 PTY S . -1.51 8.26 -34.62
C16 PTY S . -1.21 6.83 -35.04
C17 PTY S . 0.16 6.43 -34.53
C18 PTY S . 0.53 5.04 -35.07
C19 PTY S . 0.53 5.07 -36.60
C30 PTY S . -9.36 7.12 -30.53
C31 PTY S . -8.19 7.22 -29.59
O30 PTY S . -9.97 6.09 -30.62
C32 PTY S . -8.04 5.92 -28.82
C33 PTY S . -7.21 6.14 -27.56
C34 PTY S . -6.88 4.77 -26.95
C35 PTY S . -5.50 4.82 -26.29
C36 PTY S . -4.89 3.42 -26.31
C37 PTY S . -5.89 2.44 -25.71
P1 PTY S . -11.30 12.51 -32.85
O11 PTY S . -11.73 13.12 -34.28
O12 PTY S . -11.10 13.72 -31.81
O13 PTY S . -12.36 11.60 -32.36
O14 PTY S . -9.92 11.68 -33.01
N1 PTY S . -13.46 15.79 -35.53
C1 PTY T . -28.43 -0.93 -14.38
C2 PTY T . -29.83 5.58 -11.63
C3 PTY T . -30.50 4.33 -12.20
O4 PTY T . -28.31 -2.29 -13.88
C5 PTY T . -28.32 1.13 -12.97
C6 PTY T . -27.52 -0.01 -13.57
O7 PTY T . -26.49 0.52 -14.44
C8 PTY T . -25.26 0.73 -13.96
O10 PTY T . -25.06 0.55 -12.78
C11 PTY T . -24.15 1.16 -14.86
C12 PTY T . -23.52 -0.07 -15.52
C13 PTY T . -22.38 0.36 -16.43
C14 PTY T . -21.94 -0.82 -17.29
C15 PTY T . -20.79 -1.53 -16.60
C16 PTY T . -19.92 -2.24 -17.64
C17 PTY T . -18.97 -3.17 -16.90
C18 PTY T . -19.74 -4.44 -16.52
C19 PTY T . -18.92 -5.29 -15.55
C20 PTY T . -19.47 -6.73 -15.54
C21 PTY T . -19.05 -7.45 -14.27
C22 PTY T . -18.82 -8.93 -14.58
C30 PTY T . -28.02 -3.29 -14.73
C31 PTY T . -27.69 -4.66 -14.18
O30 PTY T . -28.02 -3.11 -15.91
C32 PTY T . -27.26 -5.57 -15.33
C33 PTY T . -27.73 -7.00 -15.04
C34 PTY T . -26.54 -7.84 -14.58
C35 PTY T . -26.99 -9.30 -14.46
C36 PTY T . -25.83 -10.17 -14.02
C37 PTY T . -25.99 -11.58 -14.60
C38 PTY T . -24.72 -12.39 -14.32
C39 PTY T . -24.65 -13.58 -15.27
C40 PTY T . -23.30 -14.29 -15.10
C41 PTY T . -23.17 -15.40 -16.14
P1 PTY T . -30.48 1.90 -12.12
O11 PTY T . -29.59 3.24 -12.18
O12 PTY T . -31.08 1.72 -10.64
O13 PTY T . -31.59 2.01 -13.10
O14 PTY T . -29.57 0.62 -12.49
N1 PTY T . -30.79 6.30 -10.78
#